data_1VK5
# 
_entry.id   1VK5 
# 
_audit_conform.dict_name       mmcif_pdbx.dic 
_audit_conform.dict_version    5.383 
_audit_conform.dict_location   http://mmcif.pdb.org/dictionaries/ascii/mmcif_pdbx.dic 
# 
loop_
_database_2.database_id 
_database_2.database_code 
_database_2.pdbx_database_accession 
_database_2.pdbx_DOI 
PDB   1VK5         pdb_00001vk5 10.2210/pdb1vk5/pdb 
RCSB  RCSB001940   ?            ?                   
WWPDB D_1000001940 ?            ?                   
# 
loop_
_pdbx_audit_revision_history.ordinal 
_pdbx_audit_revision_history.data_content_type 
_pdbx_audit_revision_history.major_revision 
_pdbx_audit_revision_history.minor_revision 
_pdbx_audit_revision_history.revision_date 
1 'Structure model' 1 0 2004-05-18 
2 'Structure model' 1 1 2008-02-01 
3 'Structure model' 1 2 2011-07-13 
4 'Structure model' 1 3 2017-10-04 
5 'Structure model' 1 4 2023-12-27 
# 
_pdbx_audit_revision_details.ordinal             1 
_pdbx_audit_revision_details.revision_ordinal    1 
_pdbx_audit_revision_details.data_content_type   'Structure model' 
_pdbx_audit_revision_details.provider            repository 
_pdbx_audit_revision_details.type                'Initial release' 
_pdbx_audit_revision_details.description         ? 
_pdbx_audit_revision_details.details             ? 
# 
loop_
_pdbx_audit_revision_group.ordinal 
_pdbx_audit_revision_group.revision_ordinal 
_pdbx_audit_revision_group.data_content_type 
_pdbx_audit_revision_group.group 
1 2 'Structure model' 'Version format compliance' 
2 3 'Structure model' 'Derived calculations'      
3 3 'Structure model' 'Version format compliance' 
4 4 'Structure model' 'Refinement description'    
5 5 'Structure model' 'Data collection'           
6 5 'Structure model' 'Database references'       
7 5 'Structure model' 'Derived calculations'      
# 
loop_
_pdbx_audit_revision_category.ordinal 
_pdbx_audit_revision_category.revision_ordinal 
_pdbx_audit_revision_category.data_content_type 
_pdbx_audit_revision_category.category 
1 4 'Structure model' software           
2 5 'Structure model' chem_comp_atom     
3 5 'Structure model' chem_comp_bond     
4 5 'Structure model' database_2         
5 5 'Structure model' struct_ref_seq_dif 
6 5 'Structure model' struct_site        
# 
loop_
_pdbx_audit_revision_item.ordinal 
_pdbx_audit_revision_item.revision_ordinal 
_pdbx_audit_revision_item.data_content_type 
_pdbx_audit_revision_item.item 
1 5 'Structure model' '_database_2.pdbx_DOI'                
2 5 'Structure model' '_database_2.pdbx_database_accession' 
3 5 'Structure model' '_struct_ref_seq_dif.details'         
4 5 'Structure model' '_struct_site.pdbx_auth_asym_id'      
5 5 'Structure model' '_struct_site.pdbx_auth_comp_id'      
6 5 'Structure model' '_struct_site.pdbx_auth_seq_id'       
# 
_pdbx_database_status.entry_id                        1VK5 
_pdbx_database_status.status_code                     REL 
_pdbx_database_status.deposit_site                    RCSB 
_pdbx_database_status.process_site                    RCSB 
_pdbx_database_status.recvd_initial_deposition_date   2004-05-06 
_pdbx_database_status.SG_entry                        Y 
_pdbx_database_status.status_code_sf                  REL 
_pdbx_database_status.status_code_mr                  ? 
_pdbx_database_status.pdb_format_compatible           Y 
_pdbx_database_status.status_code_cs                  ? 
_pdbx_database_status.methods_development_category    ? 
_pdbx_database_status.status_code_nmr_data            ? 
# 
_pdbx_database_related.db_name        TargetDB 
_pdbx_database_related.db_id          GO.13974 
_pdbx_database_related.details        . 
_pdbx_database_related.content_type   unspecified 
# 
loop_
_audit_author.name 
_audit_author.pdbx_ordinal 
'Wesenberg, G.E.'                                  1 
'Smith, D.W.'                                      2 
'Phillips Jr., G.N.'                               3 
'Johnson, K.A.'                                    4 
'Bingman, C.A.'                                    5 
'Allard, S.T.M.'                                   6 
'Center for Eukaryotic Structural Genomics (CESG)' 7 
# 
_citation.id                        primary 
_citation.title                     
'Structure at 1.6 A resolution of the protein from gene locus At3g22680 from Arabidopsis thaliana.' 
_citation.journal_abbrev            'Acta Crystallogr.,Sect.F' 
_citation.journal_volume            61 
_citation.page_first                647 
_citation.page_last                 650 
_citation.year                      2005 
_citation.journal_id_ASTM           ? 
_citation.country                   DK 
_citation.journal_id_ISSN           1744-3091 
_citation.journal_id_CSD            ? 
_citation.book_publisher            ? 
_citation.pdbx_database_id_PubMed   16511118 
_citation.pdbx_database_id_DOI      10.1107/S1744309105019743 
# 
loop_
_citation_author.citation_id 
_citation_author.name 
_citation_author.ordinal 
_citation_author.identifier_ORCID 
primary 'Allard, S.T.'    1 ? 
primary 'Bingman, C.A.'   2 ? 
primary 'Johnson, K.A.'   3 ? 
primary 'Wesenberg, G.E.' 4 ? 
primary 'Bitto, E.'       5 ? 
primary 'Jeon, W.B.'      6 ? 
primary 'Phillips, G.N.'  7 ? 
# 
loop_
_entity.id 
_entity.type 
_entity.src_method 
_entity.pdbx_description 
_entity.formula_weight 
_entity.pdbx_number_of_molecules 
_entity.pdbx_ec 
_entity.pdbx_mutation 
_entity.pdbx_fragment 
_entity.details 
1 polymer     man 'expressed protein'                                         18003.150 1   ? ? ? ? 
2 non-polymer syn 'SULFATE ION'                                               96.063    3   ? ? ? ? 
3 non-polymer syn '3-[(3-CHOLAMIDOPROPYL)DIMETHYLAMMONIO]-1-PROPANESULFONATE' 614.877   1   ? ? ? ? 
4 non-polymer syn 1,2-ETHANEDIOL                                              62.068    4   ? ? ? ? 
5 water       nat water                                                       18.015    172 ? ? ? ? 
# 
_entity_poly.entity_id                      1 
_entity_poly.type                           'polypeptide(L)' 
_entity_poly.nstd_linkage                   no 
_entity_poly.nstd_monomer                   no 
_entity_poly.pdbx_seq_one_letter_code       
;SELRPSGDSGSSDVDAEISDGFSPLDTSHRDVADEGSLLRRAEMYQDYMKQVPIPTNRGSLIPFTSWVGLSISMKQLYGQ
PLHYLTNVLLQRWDQSRFGTDSEEQRLDSIIHPTKAEATIWLVEEIHRLTPSHLHMALLWRSDPMYHSFIDPIFPEK
;
_entity_poly.pdbx_seq_one_letter_code_can   
;SELRPSGDSGSSDVDAEISDGFSPLDTSHRDVADEGSLLRRAEMYQDYMKQVPIPTNRGSLIPFTSWVGLSISMKQLYGQ
PLHYLTNVLLQRWDQSRFGTDSEEQRLDSIIHPTKAEATIWLVEEIHRLTPSHLHMALLWRSDPMYHSFIDPIFPEK
;
_entity_poly.pdbx_strand_id                 A 
_entity_poly.pdbx_target_identifier         GO.13974 
# 
loop_
_pdbx_entity_nonpoly.entity_id 
_pdbx_entity_nonpoly.name 
_pdbx_entity_nonpoly.comp_id 
2 'SULFATE ION'                                               SO4 
3 '3-[(3-CHOLAMIDOPROPYL)DIMETHYLAMMONIO]-1-PROPANESULFONATE' CPS 
4 1,2-ETHANEDIOL                                              EDO 
5 water                                                       HOH 
# 
loop_
_entity_poly_seq.entity_id 
_entity_poly_seq.num 
_entity_poly_seq.mon_id 
_entity_poly_seq.hetero 
1 1   SER n 
1 2   GLU n 
1 3   LEU n 
1 4   ARG n 
1 5   PRO n 
1 6   SER n 
1 7   GLY n 
1 8   ASP n 
1 9   SER n 
1 10  GLY n 
1 11  SER n 
1 12  SER n 
1 13  ASP n 
1 14  VAL n 
1 15  ASP n 
1 16  ALA n 
1 17  GLU n 
1 18  ILE n 
1 19  SER n 
1 20  ASP n 
1 21  GLY n 
1 22  PHE n 
1 23  SER n 
1 24  PRO n 
1 25  LEU n 
1 26  ASP n 
1 27  THR n 
1 28  SER n 
1 29  HIS n 
1 30  ARG n 
1 31  ASP n 
1 32  VAL n 
1 33  ALA n 
1 34  ASP n 
1 35  GLU n 
1 36  GLY n 
1 37  SER n 
1 38  LEU n 
1 39  LEU n 
1 40  ARG n 
1 41  ARG n 
1 42  ALA n 
1 43  GLU n 
1 44  MET n 
1 45  TYR n 
1 46  GLN n 
1 47  ASP n 
1 48  TYR n 
1 49  MET n 
1 50  LYS n 
1 51  GLN n 
1 52  VAL n 
1 53  PRO n 
1 54  ILE n 
1 55  PRO n 
1 56  THR n 
1 57  ASN n 
1 58  ARG n 
1 59  GLY n 
1 60  SER n 
1 61  LEU n 
1 62  ILE n 
1 63  PRO n 
1 64  PHE n 
1 65  THR n 
1 66  SER n 
1 67  TRP n 
1 68  VAL n 
1 69  GLY n 
1 70  LEU n 
1 71  SER n 
1 72  ILE n 
1 73  SER n 
1 74  MET n 
1 75  LYS n 
1 76  GLN n 
1 77  LEU n 
1 78  TYR n 
1 79  GLY n 
1 80  GLN n 
1 81  PRO n 
1 82  LEU n 
1 83  HIS n 
1 84  TYR n 
1 85  LEU n 
1 86  THR n 
1 87  ASN n 
1 88  VAL n 
1 89  LEU n 
1 90  LEU n 
1 91  GLN n 
1 92  ARG n 
1 93  TRP n 
1 94  ASP n 
1 95  GLN n 
1 96  SER n 
1 97  ARG n 
1 98  PHE n 
1 99  GLY n 
1 100 THR n 
1 101 ASP n 
1 102 SER n 
1 103 GLU n 
1 104 GLU n 
1 105 GLN n 
1 106 ARG n 
1 107 LEU n 
1 108 ASP n 
1 109 SER n 
1 110 ILE n 
1 111 ILE n 
1 112 HIS n 
1 113 PRO n 
1 114 THR n 
1 115 LYS n 
1 116 ALA n 
1 117 GLU n 
1 118 ALA n 
1 119 THR n 
1 120 ILE n 
1 121 TRP n 
1 122 LEU n 
1 123 VAL n 
1 124 GLU n 
1 125 GLU n 
1 126 ILE n 
1 127 HIS n 
1 128 ARG n 
1 129 LEU n 
1 130 THR n 
1 131 PRO n 
1 132 SER n 
1 133 HIS n 
1 134 LEU n 
1 135 HIS n 
1 136 MET n 
1 137 ALA n 
1 138 LEU n 
1 139 LEU n 
1 140 TRP n 
1 141 ARG n 
1 142 SER n 
1 143 ASP n 
1 144 PRO n 
1 145 MET n 
1 146 TYR n 
1 147 HIS n 
1 148 SER n 
1 149 PHE n 
1 150 ILE n 
1 151 ASP n 
1 152 PRO n 
1 153 ILE n 
1 154 PHE n 
1 155 PRO n 
1 156 GLU n 
1 157 LYS n 
# 
_entity_src_gen.entity_id                          1 
_entity_src_gen.pdbx_src_id                        1 
_entity_src_gen.pdbx_alt_source_flag               sample 
_entity_src_gen.pdbx_seq_type                      ? 
_entity_src_gen.pdbx_beg_seq_num                   ? 
_entity_src_gen.pdbx_end_seq_num                   ? 
_entity_src_gen.gene_src_common_name               'thale cress' 
_entity_src_gen.gene_src_genus                     Arabidopsis 
_entity_src_gen.pdbx_gene_src_gene                 At3g22680 
_entity_src_gen.gene_src_species                   ? 
_entity_src_gen.gene_src_strain                    ? 
_entity_src_gen.gene_src_tissue                    ? 
_entity_src_gen.gene_src_tissue_fraction           ? 
_entity_src_gen.gene_src_details                   ? 
_entity_src_gen.pdbx_gene_src_fragment             ? 
_entity_src_gen.pdbx_gene_src_scientific_name      'Arabidopsis thaliana' 
_entity_src_gen.pdbx_gene_src_ncbi_taxonomy_id     3702 
_entity_src_gen.pdbx_gene_src_variant              ? 
_entity_src_gen.pdbx_gene_src_cell_line            ? 
_entity_src_gen.pdbx_gene_src_atcc                 ? 
_entity_src_gen.pdbx_gene_src_organ                ? 
_entity_src_gen.pdbx_gene_src_organelle            ? 
_entity_src_gen.pdbx_gene_src_cell                 ? 
_entity_src_gen.pdbx_gene_src_cellular_location    ? 
_entity_src_gen.host_org_common_name               ? 
_entity_src_gen.pdbx_host_org_scientific_name      'Escherichia coli' 
_entity_src_gen.pdbx_host_org_ncbi_taxonomy_id     562 
_entity_src_gen.host_org_genus                     Escherichia 
_entity_src_gen.pdbx_host_org_gene                 ? 
_entity_src_gen.pdbx_host_org_organ                ? 
_entity_src_gen.host_org_species                   ? 
_entity_src_gen.pdbx_host_org_tissue               ? 
_entity_src_gen.pdbx_host_org_tissue_fraction      ? 
_entity_src_gen.pdbx_host_org_strain               ? 
_entity_src_gen.pdbx_host_org_variant              ? 
_entity_src_gen.pdbx_host_org_cell_line            ? 
_entity_src_gen.pdbx_host_org_atcc                 ? 
_entity_src_gen.pdbx_host_org_culture_collection   ? 
_entity_src_gen.pdbx_host_org_cell                 ? 
_entity_src_gen.pdbx_host_org_organelle            ? 
_entity_src_gen.pdbx_host_org_cellular_location    ? 
_entity_src_gen.pdbx_host_org_vector_type          ? 
_entity_src_gen.pdbx_host_org_vector               ? 
_entity_src_gen.host_org_details                   ? 
_entity_src_gen.expression_system_id               ? 
_entity_src_gen.plasmid_name                       ? 
_entity_src_gen.plasmid_details                    ? 
_entity_src_gen.pdbx_description                   ? 
# 
loop_
_chem_comp.id 
_chem_comp.type 
_chem_comp.mon_nstd_flag 
_chem_comp.name 
_chem_comp.pdbx_synonyms 
_chem_comp.formula 
_chem_comp.formula_weight 
ALA 'L-peptide linking' y ALANINE                                                     ?                 'C3 H7 N O2'      89.093  
ARG 'L-peptide linking' y ARGININE                                                    ?                 'C6 H15 N4 O2 1'  175.209 
ASN 'L-peptide linking' y ASPARAGINE                                                  ?                 'C4 H8 N2 O3'     132.118 
ASP 'L-peptide linking' y 'ASPARTIC ACID'                                             ?                 'C4 H7 N O4'      133.103 
CPS non-polymer         . '3-[(3-CHOLAMIDOPROPYL)DIMETHYLAMMONIO]-1-PROPANESULFONATE' CHAPS             'C32 H58 N2 O7 S' 614.877 
EDO non-polymer         . 1,2-ETHANEDIOL                                              'ETHYLENE GLYCOL' 'C2 H6 O2'        62.068  
GLN 'L-peptide linking' y GLUTAMINE                                                   ?                 'C5 H10 N2 O3'    146.144 
GLU 'L-peptide linking' y 'GLUTAMIC ACID'                                             ?                 'C5 H9 N O4'      147.129 
GLY 'peptide linking'   y GLYCINE                                                     ?                 'C2 H5 N O2'      75.067  
HIS 'L-peptide linking' y HISTIDINE                                                   ?                 'C6 H10 N3 O2 1'  156.162 
HOH non-polymer         . WATER                                                       ?                 'H2 O'            18.015  
ILE 'L-peptide linking' y ISOLEUCINE                                                  ?                 'C6 H13 N O2'     131.173 
LEU 'L-peptide linking' y LEUCINE                                                     ?                 'C6 H13 N O2'     131.173 
LYS 'L-peptide linking' y LYSINE                                                      ?                 'C6 H15 N2 O2 1'  147.195 
MET 'L-peptide linking' y METHIONINE                                                  ?                 'C5 H11 N O2 S'   149.211 
PHE 'L-peptide linking' y PHENYLALANINE                                               ?                 'C9 H11 N O2'     165.189 
PRO 'L-peptide linking' y PROLINE                                                     ?                 'C5 H9 N O2'      115.130 
SER 'L-peptide linking' y SERINE                                                      ?                 'C3 H7 N O3'      105.093 
SO4 non-polymer         . 'SULFATE ION'                                               ?                 'O4 S -2'         96.063  
THR 'L-peptide linking' y THREONINE                                                   ?                 'C4 H9 N O3'      119.119 
TRP 'L-peptide linking' y TRYPTOPHAN                                                  ?                 'C11 H12 N2 O2'   204.225 
TYR 'L-peptide linking' y TYROSINE                                                    ?                 'C9 H11 N O3'     181.189 
VAL 'L-peptide linking' y VALINE                                                      ?                 'C5 H11 N O2'     117.146 
# 
loop_
_pdbx_poly_seq_scheme.asym_id 
_pdbx_poly_seq_scheme.entity_id 
_pdbx_poly_seq_scheme.seq_id 
_pdbx_poly_seq_scheme.mon_id 
_pdbx_poly_seq_scheme.ndb_seq_num 
_pdbx_poly_seq_scheme.pdb_seq_num 
_pdbx_poly_seq_scheme.auth_seq_num 
_pdbx_poly_seq_scheme.pdb_mon_id 
_pdbx_poly_seq_scheme.auth_mon_id 
_pdbx_poly_seq_scheme.pdb_strand_id 
_pdbx_poly_seq_scheme.pdb_ins_code 
_pdbx_poly_seq_scheme.hetero 
A 1 1   SER 1   1   ?   ?   ?   A . n 
A 1 2   GLU 2   2   ?   ?   ?   A . n 
A 1 3   LEU 3   3   ?   ?   ?   A . n 
A 1 4   ARG 4   4   ?   ?   ?   A . n 
A 1 5   PRO 5   5   ?   ?   ?   A . n 
A 1 6   SER 6   6   ?   ?   ?   A . n 
A 1 7   GLY 7   7   ?   ?   ?   A . n 
A 1 8   ASP 8   8   ?   ?   ?   A . n 
A 1 9   SER 9   9   ?   ?   ?   A . n 
A 1 10  GLY 10  10  ?   ?   ?   A . n 
A 1 11  SER 11  11  ?   ?   ?   A . n 
A 1 12  SER 12  12  ?   ?   ?   A . n 
A 1 13  ASP 13  13  ?   ?   ?   A . n 
A 1 14  VAL 14  14  ?   ?   ?   A . n 
A 1 15  ASP 15  15  ?   ?   ?   A . n 
A 1 16  ALA 16  16  ?   ?   ?   A . n 
A 1 17  GLU 17  17  ?   ?   ?   A . n 
A 1 18  ILE 18  18  ?   ?   ?   A . n 
A 1 19  SER 19  19  ?   ?   ?   A . n 
A 1 20  ASP 20  20  ?   ?   ?   A . n 
A 1 21  GLY 21  21  ?   ?   ?   A . n 
A 1 22  PHE 22  22  ?   ?   ?   A . n 
A 1 23  SER 23  23  ?   ?   ?   A . n 
A 1 24  PRO 24  24  ?   ?   ?   A . n 
A 1 25  LEU 25  25  ?   ?   ?   A . n 
A 1 26  ASP 26  26  ?   ?   ?   A . n 
A 1 27  THR 27  27  ?   ?   ?   A . n 
A 1 28  SER 28  28  ?   ?   ?   A . n 
A 1 29  HIS 29  29  ?   ?   ?   A . n 
A 1 30  ARG 30  30  ?   ?   ?   A . n 
A 1 31  ASP 31  31  ?   ?   ?   A . n 
A 1 32  VAL 32  32  ?   ?   ?   A . n 
A 1 33  ALA 33  33  ?   ?   ?   A . n 
A 1 34  ASP 34  34  ?   ?   ?   A . n 
A 1 35  GLU 35  35  ?   ?   ?   A . n 
A 1 36  GLY 36  36  36  GLY GLY A . n 
A 1 37  SER 37  37  37  SER SER A . n 
A 1 38  LEU 38  38  38  LEU LEU A . n 
A 1 39  LEU 39  39  39  LEU LEU A . n 
A 1 40  ARG 40  40  40  ARG ARG A . n 
A 1 41  ARG 41  41  41  ARG ARG A . n 
A 1 42  ALA 42  42  42  ALA ALA A . n 
A 1 43  GLU 43  43  43  GLU GLU A . n 
A 1 44  MET 44  44  44  MET MET A . n 
A 1 45  TYR 45  45  45  TYR TYR A . n 
A 1 46  GLN 46  46  46  GLN GLN A . n 
A 1 47  ASP 47  47  47  ASP ASP A . n 
A 1 48  TYR 48  48  48  TYR TYR A . n 
A 1 49  MET 49  49  49  MET MET A . n 
A 1 50  LYS 50  50  50  LYS LYS A . n 
A 1 51  GLN 51  51  51  GLN GLN A . n 
A 1 52  VAL 52  52  52  VAL VAL A . n 
A 1 53  PRO 53  53  53  PRO PRO A . n 
A 1 54  ILE 54  54  54  ILE ILE A . n 
A 1 55  PRO 55  55  55  PRO PRO A . n 
A 1 56  THR 56  56  56  THR THR A . n 
A 1 57  ASN 57  57  57  ASN ASN A . n 
A 1 58  ARG 58  58  58  ARG ARG A . n 
A 1 59  GLY 59  59  59  GLY GLY A . n 
A 1 60  SER 60  60  60  SER SER A . n 
A 1 61  LEU 61  61  61  LEU LEU A . n 
A 1 62  ILE 62  62  62  ILE ILE A . n 
A 1 63  PRO 63  63  63  PRO PRO A . n 
A 1 64  PHE 64  64  64  PHE PHE A . n 
A 1 65  THR 65  65  65  THR THR A . n 
A 1 66  SER 66  66  66  SER SER A . n 
A 1 67  TRP 67  67  67  TRP TRP A . n 
A 1 68  VAL 68  68  68  VAL VAL A . n 
A 1 69  GLY 69  69  69  GLY GLY A . n 
A 1 70  LEU 70  70  70  LEU LEU A . n 
A 1 71  SER 71  71  71  SER SER A . n 
A 1 72  ILE 72  72  72  ILE ILE A . n 
A 1 73  SER 73  73  73  SER SER A . n 
A 1 74  MET 74  74  74  MET MET A . n 
A 1 75  LYS 75  75  75  LYS LYS A . n 
A 1 76  GLN 76  76  76  GLN GLN A . n 
A 1 77  LEU 77  77  77  LEU LEU A . n 
A 1 78  TYR 78  78  78  TYR TYR A . n 
A 1 79  GLY 79  79  79  GLY GLY A . n 
A 1 80  GLN 80  80  80  GLN GLN A . n 
A 1 81  PRO 81  81  81  PRO PRO A . n 
A 1 82  LEU 82  82  82  LEU LEU A . n 
A 1 83  HIS 83  83  83  HIS HIS A . n 
A 1 84  TYR 84  84  84  TYR TYR A . n 
A 1 85  LEU 85  85  85  LEU LEU A . n 
A 1 86  THR 86  86  86  THR THR A . n 
A 1 87  ASN 87  87  87  ASN ASN A . n 
A 1 88  VAL 88  88  88  VAL VAL A . n 
A 1 89  LEU 89  89  89  LEU LEU A . n 
A 1 90  LEU 90  90  90  LEU LEU A . n 
A 1 91  GLN 91  91  91  GLN GLN A . n 
A 1 92  ARG 92  92  92  ARG ARG A . n 
A 1 93  TRP 93  93  93  TRP TRP A . n 
A 1 94  ASP 94  94  94  ASP ASP A . n 
A 1 95  GLN 95  95  95  GLN GLN A . n 
A 1 96  SER 96  96  96  SER SER A . n 
A 1 97  ARG 97  97  97  ARG ARG A . n 
A 1 98  PHE 98  98  98  PHE PHE A . n 
A 1 99  GLY 99  99  99  GLY GLY A . n 
A 1 100 THR 100 100 100 THR THR A . n 
A 1 101 ASP 101 101 101 ASP ASP A . n 
A 1 102 SER 102 102 102 SER SER A . n 
A 1 103 GLU 103 103 103 GLU GLU A . n 
A 1 104 GLU 104 104 104 GLU GLU A . n 
A 1 105 GLN 105 105 105 GLN GLN A . n 
A 1 106 ARG 106 106 106 ARG ARG A . n 
A 1 107 LEU 107 107 107 LEU LEU A . n 
A 1 108 ASP 108 108 108 ASP ASP A . n 
A 1 109 SER 109 109 109 SER SER A . n 
A 1 110 ILE 110 110 110 ILE ILE A . n 
A 1 111 ILE 111 111 111 ILE ILE A . n 
A 1 112 HIS 112 112 112 HIS HIS A . n 
A 1 113 PRO 113 113 113 PRO PRO A . n 
A 1 114 THR 114 114 114 THR THR A . n 
A 1 115 LYS 115 115 115 LYS LYS A . n 
A 1 116 ALA 116 116 116 ALA ALA A . n 
A 1 117 GLU 117 117 117 GLU GLU A . n 
A 1 118 ALA 118 118 118 ALA ALA A . n 
A 1 119 THR 119 119 119 THR THR A . n 
A 1 120 ILE 120 120 120 ILE ILE A . n 
A 1 121 TRP 121 121 121 TRP TRP A . n 
A 1 122 LEU 122 122 122 LEU LEU A . n 
A 1 123 VAL 123 123 123 VAL VAL A . n 
A 1 124 GLU 124 124 124 GLU GLU A . n 
A 1 125 GLU 125 125 125 GLU GLU A . n 
A 1 126 ILE 126 126 126 ILE ILE A . n 
A 1 127 HIS 127 127 127 HIS HIS A . n 
A 1 128 ARG 128 128 128 ARG ARG A . n 
A 1 129 LEU 129 129 129 LEU LEU A . n 
A 1 130 THR 130 130 130 THR THR A . n 
A 1 131 PRO 131 131 131 PRO PRO A . n 
A 1 132 SER 132 132 132 SER SER A . n 
A 1 133 HIS 133 133 133 HIS HIS A . n 
A 1 134 LEU 134 134 134 LEU LEU A . n 
A 1 135 HIS 135 135 135 HIS HIS A . n 
A 1 136 MET 136 136 136 MET MET A . n 
A 1 137 ALA 137 137 137 ALA ALA A . n 
A 1 138 LEU 138 138 138 LEU LEU A . n 
A 1 139 LEU 139 139 139 LEU LEU A . n 
A 1 140 TRP 140 140 140 TRP TRP A . n 
A 1 141 ARG 141 141 141 ARG ARG A . n 
A 1 142 SER 142 142 142 SER SER A . n 
A 1 143 ASP 143 143 143 ASP ASP A . n 
A 1 144 PRO 144 144 144 PRO PRO A . n 
A 1 145 MET 145 145 145 MET MET A . n 
A 1 146 TYR 146 146 146 TYR TYR A . n 
A 1 147 HIS 147 147 147 HIS HIS A . n 
A 1 148 SER 148 148 148 SER SER A . n 
A 1 149 PHE 149 149 149 PHE PHE A . n 
A 1 150 ILE 150 150 150 ILE ILE A . n 
A 1 151 ASP 151 151 151 ASP ASP A . n 
A 1 152 PRO 152 152 152 PRO PRO A . n 
A 1 153 ILE 153 153 153 ILE ILE A . n 
A 1 154 PHE 154 154 154 PHE PHE A . n 
A 1 155 PRO 155 155 155 PRO PRO A . n 
A 1 156 GLU 156 156 156 GLU GLU A . n 
A 1 157 LYS 157 157 ?   ?   ?   A . n 
# 
loop_
_pdbx_nonpoly_scheme.asym_id 
_pdbx_nonpoly_scheme.entity_id 
_pdbx_nonpoly_scheme.mon_id 
_pdbx_nonpoly_scheme.ndb_seq_num 
_pdbx_nonpoly_scheme.pdb_seq_num 
_pdbx_nonpoly_scheme.auth_seq_num 
_pdbx_nonpoly_scheme.pdb_mon_id 
_pdbx_nonpoly_scheme.auth_mon_id 
_pdbx_nonpoly_scheme.pdb_strand_id 
_pdbx_nonpoly_scheme.pdb_ins_code 
B 2 SO4 1   300 300 SO4 SO4 A . 
C 2 SO4 1   301 301 SO4 SO4 A . 
D 2 SO4 1   302 302 SO4 SO4 A . 
E 3 CPS 1   200 200 CPS CPS A . 
F 4 EDO 1   401 401 EDO EDO A . 
G 4 EDO 1   402 402 EDO EDO A . 
H 4 EDO 1   403 403 EDO EDO A . 
I 4 EDO 1   404 404 EDO EDO A . 
J 5 HOH 1   405 1   HOH HOH A . 
J 5 HOH 2   406 2   HOH HOH A . 
J 5 HOH 3   407 3   HOH HOH A . 
J 5 HOH 4   408 4   HOH HOH A . 
J 5 HOH 5   409 5   HOH HOH A . 
J 5 HOH 6   410 6   HOH HOH A . 
J 5 HOH 7   411 7   HOH HOH A . 
J 5 HOH 8   412 8   HOH HOH A . 
J 5 HOH 9   413 9   HOH HOH A . 
J 5 HOH 10  414 10  HOH HOH A . 
J 5 HOH 11  415 11  HOH HOH A . 
J 5 HOH 12  416 12  HOH HOH A . 
J 5 HOH 13  417 13  HOH HOH A . 
J 5 HOH 14  418 14  HOH HOH A . 
J 5 HOH 15  419 15  HOH HOH A . 
J 5 HOH 16  420 16  HOH HOH A . 
J 5 HOH 17  421 17  HOH HOH A . 
J 5 HOH 18  422 18  HOH HOH A . 
J 5 HOH 19  423 19  HOH HOH A . 
J 5 HOH 20  424 20  HOH HOH A . 
J 5 HOH 21  425 21  HOH HOH A . 
J 5 HOH 22  426 22  HOH HOH A . 
J 5 HOH 23  427 23  HOH HOH A . 
J 5 HOH 24  428 24  HOH HOH A . 
J 5 HOH 25  429 25  HOH HOH A . 
J 5 HOH 26  430 26  HOH HOH A . 
J 5 HOH 27  431 27  HOH HOH A . 
J 5 HOH 28  432 28  HOH HOH A . 
J 5 HOH 29  433 29  HOH HOH A . 
J 5 HOH 30  434 30  HOH HOH A . 
J 5 HOH 31  435 31  HOH HOH A . 
J 5 HOH 32  436 32  HOH HOH A . 
J 5 HOH 33  437 33  HOH HOH A . 
J 5 HOH 34  438 34  HOH HOH A . 
J 5 HOH 35  439 35  HOH HOH A . 
J 5 HOH 36  440 36  HOH HOH A . 
J 5 HOH 37  441 37  HOH HOH A . 
J 5 HOH 38  442 38  HOH HOH A . 
J 5 HOH 39  443 39  HOH HOH A . 
J 5 HOH 40  444 40  HOH HOH A . 
J 5 HOH 41  445 41  HOH HOH A . 
J 5 HOH 42  446 42  HOH HOH A . 
J 5 HOH 43  447 43  HOH HOH A . 
J 5 HOH 44  448 44  HOH HOH A . 
J 5 HOH 45  449 45  HOH HOH A . 
J 5 HOH 46  450 46  HOH HOH A . 
J 5 HOH 47  451 47  HOH HOH A . 
J 5 HOH 48  452 48  HOH HOH A . 
J 5 HOH 49  453 49  HOH HOH A . 
J 5 HOH 50  454 50  HOH HOH A . 
J 5 HOH 51  455 51  HOH HOH A . 
J 5 HOH 52  456 52  HOH HOH A . 
J 5 HOH 53  457 53  HOH HOH A . 
J 5 HOH 54  458 54  HOH HOH A . 
J 5 HOH 55  459 55  HOH HOH A . 
J 5 HOH 56  460 56  HOH HOH A . 
J 5 HOH 57  461 57  HOH HOH A . 
J 5 HOH 58  462 58  HOH HOH A . 
J 5 HOH 59  463 59  HOH HOH A . 
J 5 HOH 60  464 60  HOH HOH A . 
J 5 HOH 61  465 61  HOH HOH A . 
J 5 HOH 62  466 62  HOH HOH A . 
J 5 HOH 63  467 63  HOH HOH A . 
J 5 HOH 64  468 64  HOH HOH A . 
J 5 HOH 65  469 65  HOH HOH A . 
J 5 HOH 66  470 66  HOH HOH A . 
J 5 HOH 67  471 67  HOH HOH A . 
J 5 HOH 68  472 68  HOH HOH A . 
J 5 HOH 69  473 69  HOH HOH A . 
J 5 HOH 70  474 70  HOH HOH A . 
J 5 HOH 71  475 71  HOH HOH A . 
J 5 HOH 72  476 72  HOH HOH A . 
J 5 HOH 73  477 73  HOH HOH A . 
J 5 HOH 74  478 74  HOH HOH A . 
J 5 HOH 75  479 75  HOH HOH A . 
J 5 HOH 76  480 76  HOH HOH A . 
J 5 HOH 77  481 77  HOH HOH A . 
J 5 HOH 78  482 78  HOH HOH A . 
J 5 HOH 79  483 79  HOH HOH A . 
J 5 HOH 80  484 80  HOH HOH A . 
J 5 HOH 81  485 81  HOH HOH A . 
J 5 HOH 82  486 82  HOH HOH A . 
J 5 HOH 83  487 83  HOH HOH A . 
J 5 HOH 84  488 84  HOH HOH A . 
J 5 HOH 85  489 85  HOH HOH A . 
J 5 HOH 86  490 86  HOH HOH A . 
J 5 HOH 87  491 87  HOH HOH A . 
J 5 HOH 88  492 88  HOH HOH A . 
J 5 HOH 89  493 89  HOH HOH A . 
J 5 HOH 90  494 90  HOH HOH A . 
J 5 HOH 91  495 91  HOH HOH A . 
J 5 HOH 92  496 92  HOH HOH A . 
J 5 HOH 93  497 93  HOH HOH A . 
J 5 HOH 94  498 94  HOH HOH A . 
J 5 HOH 95  499 95  HOH HOH A . 
J 5 HOH 96  500 96  HOH HOH A . 
J 5 HOH 97  501 97  HOH HOH A . 
J 5 HOH 98  502 98  HOH HOH A . 
J 5 HOH 99  503 99  HOH HOH A . 
J 5 HOH 100 504 100 HOH HOH A . 
J 5 HOH 101 505 101 HOH HOH A . 
J 5 HOH 102 506 102 HOH HOH A . 
J 5 HOH 103 507 103 HOH HOH A . 
J 5 HOH 104 508 104 HOH HOH A . 
J 5 HOH 105 509 105 HOH HOH A . 
J 5 HOH 106 510 106 HOH HOH A . 
J 5 HOH 107 511 107 HOH HOH A . 
J 5 HOH 108 512 108 HOH HOH A . 
J 5 HOH 109 513 109 HOH HOH A . 
J 5 HOH 110 514 110 HOH HOH A . 
J 5 HOH 111 515 111 HOH HOH A . 
J 5 HOH 112 516 112 HOH HOH A . 
J 5 HOH 113 517 113 HOH HOH A . 
J 5 HOH 114 518 114 HOH HOH A . 
J 5 HOH 115 519 115 HOH HOH A . 
J 5 HOH 116 520 116 HOH HOH A . 
J 5 HOH 117 521 117 HOH HOH A . 
J 5 HOH 118 522 118 HOH HOH A . 
J 5 HOH 119 523 119 HOH HOH A . 
J 5 HOH 120 524 120 HOH HOH A . 
J 5 HOH 121 525 121 HOH HOH A . 
J 5 HOH 122 526 122 HOH HOH A . 
J 5 HOH 123 527 123 HOH HOH A . 
J 5 HOH 124 528 124 HOH HOH A . 
J 5 HOH 125 529 125 HOH HOH A . 
J 5 HOH 126 530 126 HOH HOH A . 
J 5 HOH 127 531 127 HOH HOH A . 
J 5 HOH 128 532 128 HOH HOH A . 
J 5 HOH 129 533 129 HOH HOH A . 
J 5 HOH 130 534 130 HOH HOH A . 
J 5 HOH 131 535 131 HOH HOH A . 
J 5 HOH 132 536 132 HOH HOH A . 
J 5 HOH 133 537 133 HOH HOH A . 
J 5 HOH 134 538 134 HOH HOH A . 
J 5 HOH 135 539 135 HOH HOH A . 
J 5 HOH 136 540 136 HOH HOH A . 
J 5 HOH 137 541 137 HOH HOH A . 
J 5 HOH 138 542 138 HOH HOH A . 
J 5 HOH 139 543 139 HOH HOH A . 
J 5 HOH 140 544 140 HOH HOH A . 
J 5 HOH 141 545 141 HOH HOH A . 
J 5 HOH 142 546 142 HOH HOH A . 
J 5 HOH 143 547 143 HOH HOH A . 
J 5 HOH 144 548 144 HOH HOH A . 
J 5 HOH 145 549 145 HOH HOH A . 
J 5 HOH 146 550 146 HOH HOH A . 
J 5 HOH 147 551 147 HOH HOH A . 
J 5 HOH 148 552 148 HOH HOH A . 
J 5 HOH 149 553 149 HOH HOH A . 
J 5 HOH 150 554 150 HOH HOH A . 
J 5 HOH 151 555 151 HOH HOH A . 
J 5 HOH 152 556 152 HOH HOH A . 
J 5 HOH 153 557 153 HOH HOH A . 
J 5 HOH 154 558 154 HOH HOH A . 
J 5 HOH 155 559 155 HOH HOH A . 
J 5 HOH 156 560 156 HOH HOH A . 
J 5 HOH 157 561 157 HOH HOH A . 
J 5 HOH 158 562 158 HOH HOH A . 
J 5 HOH 159 563 159 HOH HOH A . 
J 5 HOH 160 564 160 HOH HOH A . 
J 5 HOH 161 565 161 HOH HOH A . 
J 5 HOH 162 566 162 HOH HOH A . 
J 5 HOH 163 567 163 HOH HOH A . 
J 5 HOH 164 568 164 HOH HOH A . 
J 5 HOH 165 569 165 HOH HOH A . 
J 5 HOH 166 570 166 HOH HOH A . 
J 5 HOH 167 571 167 HOH HOH A . 
J 5 HOH 168 572 168 HOH HOH A . 
J 5 HOH 169 573 169 HOH HOH A . 
J 5 HOH 170 574 170 HOH HOH A . 
J 5 HOH 171 575 171 HOH HOH A . 
J 5 HOH 172 576 172 HOH HOH A . 
# 
loop_
_pdbx_unobs_or_zero_occ_atoms.id 
_pdbx_unobs_or_zero_occ_atoms.PDB_model_num 
_pdbx_unobs_or_zero_occ_atoms.polymer_flag 
_pdbx_unobs_or_zero_occ_atoms.occupancy_flag 
_pdbx_unobs_or_zero_occ_atoms.auth_asym_id 
_pdbx_unobs_or_zero_occ_atoms.auth_comp_id 
_pdbx_unobs_or_zero_occ_atoms.auth_seq_id 
_pdbx_unobs_or_zero_occ_atoms.PDB_ins_code 
_pdbx_unobs_or_zero_occ_atoms.auth_atom_id 
_pdbx_unobs_or_zero_occ_atoms.label_alt_id 
_pdbx_unobs_or_zero_occ_atoms.label_asym_id 
_pdbx_unobs_or_zero_occ_atoms.label_comp_id 
_pdbx_unobs_or_zero_occ_atoms.label_seq_id 
_pdbx_unobs_or_zero_occ_atoms.label_atom_id 
1  1 N 1 A CPS 200 ? C28 ? E CPS 1 C28 
2  1 N 1 A CPS 200 ? C29 ? E CPS 1 C29 
3  1 N 1 A CPS 200 ? C30 ? E CPS 1 C30 
4  1 N 1 A CPS 200 ? C31 ? E CPS 1 C31 
5  1 N 1 A CPS 200 ? C32 ? E CPS 1 C32 
6  1 N 1 A CPS 200 ? N2  ? E CPS 1 N2  
7  1 N 1 A CPS 200 ? O2S ? E CPS 1 O2S 
8  1 N 1 A CPS 200 ? O3S ? E CPS 1 O3S 
9  1 N 1 A CPS 200 ? O1S ? E CPS 1 O1S 
10 1 N 1 A CPS 200 ? S   ? E CPS 1 S   
# 
loop_
_software.name 
_software.version 
_software.date 
_software.type 
_software.contact_author 
_software.contact_author_email 
_software.classification 
_software.location 
_software.language 
_software.citation_id 
_software.pdbx_ordinal 
DENZO       .             ?           package 'Zbyszek Otwinowski' zbyszek@mix.swmed.edu    'data reduction'  
http://www.lnls.br/infra/linhasluz/denzo-hkl.htm ?       ? 1 
SCALEPACK   .             ?           package 'Zbyszek Otwinowski' zbyszek@mix.swmed.edu    'data scaling'    
http://www.lnls.br/infra/linhasluz/denzo-hkl.htm ?       ? 2 
SOLVE       2.05          30-Jul-2003 program 'Tom Terwilliger'    terwilliger@LANL.gov     phasing           
http://www.solve.lanl.gov/                       ?       ? 3 
RESOLVE     2.05          29-May-2003 program 'Terwilliger, T. C'  terwilliger@LANL.gov     phasing           
http://www.solve.lanl.gov/                       ?       ? 4 
ARP/wARP    .             ?           program 'Victor S. Lamzin'   ?                        'model building'  
http://www.embl-hamburg.de/ARP/                  ?       ? 5 
REFMAC      refmac_5.1.24 24/04/2001  program 'Murshudov, G.N.'    ccp4@dl.ac.uk            refinement        
http://www.ccp4.ac.uk/main.html                  Fortran ? 6 
PDB_EXTRACT 1.0           02/20/2004  program H.Yang               sw-help@rcsb.rutgers.edu 'data extraction' 
http://pdb.rutgers.edu/software/                 C/C++   ? 7 
# 
_cell.entry_id           1VK5 
_cell.length_a           83.450 
_cell.length_b           83.450 
_cell.length_c           60.575 
_cell.angle_alpha        90.00 
_cell.angle_beta         90.00 
_cell.angle_gamma        120.00 
_cell.Z_PDB              6 
_cell.pdbx_unique_axis   ? 
# 
_symmetry.entry_id                         1VK5 
_symmetry.space_group_name_H-M             'P 31 2 1' 
_symmetry.pdbx_full_space_group_name_H-M   ? 
_symmetry.cell_setting                     ? 
_symmetry.Int_Tables_number                152 
_symmetry.space_group_name_Hall            ? 
# 
_exptl.crystals_number   2 
_exptl.method            'X-RAY DIFFRACTION' 
_exptl.entry_id          1VK5 
# 
loop_
_exptl_crystal.id 
_exptl_crystal.density_meas 
_exptl_crystal.density_percent_sol 
_exptl_crystal.density_Matthews 
_exptl_crystal.description 
_exptl_crystal.F_000 
_exptl_crystal.preparation 
1 ? 63.63 3.38 ? ? ? 
2 ? ?     ?    ? ? ? 
# 
loop_
_exptl_crystal_grow.crystal_id 
_exptl_crystal_grow.method 
_exptl_crystal_grow.pH 
_exptl_crystal_grow.temp 
_exptl_crystal_grow.pdbx_details 
_exptl_crystal_grow.temp_details 
_exptl_crystal_grow.pdbx_pH_range 
1 'VAPOR DIFFUSION, HANGING DROP' 8.5 293 
;protein (10 mg/ml), Ammonium Sulfate (0.8M), Hepes (0.1M), Magnesium Sulfate (0.04M), CHAPS (0.41%), pH 8.5, Vapor diffusion, hanging drop, temperature 293K
;
? . 
2 'VAPOR DIFFUSION, HANGING DROP' 8.5 293 
;protein (5 mg/ml), Ammonium Sulfate (0.8M), Hepes (0.1M), Magnesium Sulfate (0.04M), CHAPS (0.41%), pH 8.5, Vapor diffusion, hanging drop, temperature 293K
;
? . 
# 
loop_
_diffrn.id 
_diffrn.ambient_temp 
_diffrn.ambient_temp_details 
_diffrn.crystal_id 
1 100 ? 1 
2 100 ? 2 
# 
loop_
_diffrn_detector.diffrn_id 
_diffrn_detector.detector 
_diffrn_detector.type 
_diffrn_detector.pdbx_collection_date 
_diffrn_detector.details 
1 CCD 'ADSC QUANTUM 4' 2004-02-14 'Bent cylindrical Si-mirror (Rh coating)' 
2 CCD 'MAR CCD 165 mm' 2004-02-27 'Rh Mirror'                               
# 
loop_
_diffrn_radiation.diffrn_id 
_diffrn_radiation.pdbx_diffrn_protocol 
_diffrn_radiation.monochromator 
_diffrn_radiation.wavelength_id 
_diffrn_radiation.pdbx_monochromatic_or_laue_m_l 
_diffrn_radiation.pdbx_scattering_type 
1 'SINGLE WAVELENGTH' 'Si (111) double-crystal' 1 M x-ray 
2 MAD                 'Diamond 111 mirror'      1 M x-ray 
# 
loop_
_diffrn_radiation_wavelength.id 
_diffrn_radiation_wavelength.wavelength 
_diffrn_radiation_wavelength.wt 
1 0.9790  1.0 
2 0.96408 1.0 
3 0.97916 1.0 
4 0.97931 1.0 
# 
loop_
_diffrn_source.pdbx_wavelength_list 
_diffrn_source.diffrn_id 
_diffrn_source.source 
_diffrn_source.type 
_diffrn_source.pdbx_synchrotron_site 
_diffrn_source.pdbx_synchrotron_beamline 
_diffrn_source.pdbx_wavelength 
0.9790                      1 SYNCHROTRON 'APS BEAMLINE 14-BM-D' APS 14-BM-D ? 
'0.96408, 0.97916, 0.97931' 2 SYNCHROTRON 'APS BEAMLINE 32-ID'   APS 32-ID   ? 
# 
_reflns.d_resolution_low             50.00 
_reflns.d_resolution_high            1.60 
_reflns.number_obs                   32231 
_reflns.percent_possible_obs         99.200 
_reflns.pdbx_Rmerge_I_obs            0.037 
_reflns.entry_id                     1VK5 
_reflns.number_all                   ? 
_reflns.observed_criterion_sigma_F   ? 
_reflns.observed_criterion_sigma_I   ? 
_reflns.pdbx_Rsym_value              ? 
_reflns.pdbx_netI_over_sigmaI        38.61 
_reflns.B_iso_Wilson_estimate        ? 
_reflns.pdbx_redundancy              10.9 
_reflns.R_free_details               ? 
_reflns.limit_h_max                  ? 
_reflns.limit_h_min                  ? 
_reflns.limit_k_max                  ? 
_reflns.limit_k_min                  ? 
_reflns.limit_l_max                  ? 
_reflns.limit_l_min                  ? 
_reflns.observed_criterion_F_max     ? 
_reflns.observed_criterion_F_min     ? 
_reflns.pdbx_chi_squared             ? 
_reflns.pdbx_scaling_rejects         ? 
_reflns.pdbx_ordinal                 1 
_reflns.pdbx_diffrn_id               1,2 
# 
loop_
_reflns_shell.d_res_low 
_reflns_shell.d_res_high 
_reflns_shell.percent_possible_all 
_reflns_shell.Rmerge_I_obs 
_reflns_shell.number_unique_all 
_reflns_shell.meanI_over_sigI_obs 
_reflns_shell.pdbx_Rsym_value 
_reflns_shell.percent_possible_obs 
_reflns_shell.pdbx_redundancy 
_reflns_shell.number_measured_all 
_reflns_shell.number_measured_obs 
_reflns_shell.number_unique_obs 
_reflns_shell.pdbx_chi_squared 
_reflns_shell.pdbx_ordinal 
_reflns_shell.pdbx_diffrn_id 
1.66  1.60 92.200  0.302 ? 9.30 ? ? 10.4 ? ? ? ? 1  1,2 
1.72  1.66 100.000 0.243 ? ?    ? ? ?    ? ? ? ? 2  1,2 
1.80  1.72 100.000 0.184 ? ?    ? ? ?    ? ? ? ? 3  1,2 
1.90  1.80 100.000 0.133 ? ?    ? ? ?    ? ? ? ? 4  1,2 
2.02  1.90 100.000 0.087 ? ?    ? ? ?    ? ? ? ? 5  1,2 
2.17  2.02 100.000 0.062 ? ?    ? ? ?    ? ? ? ? 6  1,2 
2.39  2.17 100.000 0.046 ? ?    ? ? ?    ? ? ? ? 7  1,2 
2.74  2.39 100.000 0.036 ? ?    ? ? ?    ? ? ? ? 8  1,2 
3.45  2.74 100.000 0.027 ? ?    ? ? ?    ? ? ? ? 9  1,2 
50.00 3.45 99.800  0.021 ? ?    ? ? ?    ? ? ? ? 10 1,2 
# 
_refine.entry_id                                 1VK5 
_refine.B_iso_mean                               23.618 
_refine.aniso_B[1][1]                            0.000 
_refine.aniso_B[2][2]                            0.000 
_refine.aniso_B[3][3]                            0.000 
_refine.aniso_B[1][2]                            0.000 
_refine.aniso_B[1][3]                            0.000 
_refine.aniso_B[2][3]                            0.000 
_refine.solvent_model_details                    'BABINET MODEL PLUS MASK' 
_refine.pdbx_solvent_vdw_probe_radii             1.400 
_refine.pdbx_solvent_ion_probe_radii             0.800 
_refine.pdbx_solvent_shrinkage_radii             0.800 
_refine.ls_d_res_high                            1.604 
_refine.ls_d_res_low                             34.300 
_refine.ls_number_reflns_R_free                  1633 
_refine.ls_R_factor_R_work                       0.1599 
_refine.ls_R_factor_R_free                       0.1835 
_refine.ls_R_factor_all                          0.161 
_refine.ls_percent_reflns_R_free                 5.071 
_refine.correlation_coeff_Fo_to_Fc               0.969 
_refine.correlation_coeff_Fo_to_Fc_free          0.963 
_refine.overall_SU_R_Cruickshank_DPI             0.058 
_refine.pdbx_overall_ESU_R_Free                  0.061 
_refine.pdbx_overall_ESU_R                       0.058 
_refine.overall_SU_ML                            0.035 
_refine.overall_SU_B                             0.982 
_refine.ls_percent_reflns_obs                    99.990 
_refine.ls_number_reflns_obs                     30570 
_refine.pdbx_ls_cross_valid_method               THROUGHOUT 
_refine.pdbx_R_Free_selection_details            RANDOM 
_refine.ls_R_factor_obs                          0.16102 
_refine.ls_number_reflns_all                     ? 
_refine.pdbx_ls_sigma_F                          ? 
_refine.pdbx_ls_sigma_I                          ? 
_refine.ls_redundancy_reflns_obs                 ? 
_refine.pdbx_data_cutoff_high_absF               ? 
_refine.pdbx_data_cutoff_low_absF                ? 
_refine.ls_number_parameters                     ? 
_refine.ls_number_restraints                     ? 
_refine.ls_R_factor_R_free_error                 ? 
_refine.ls_R_factor_R_free_error_details         ? 
_refine.pdbx_method_to_determine_struct          MAD 
_refine.pdbx_starting_model                      ? 
_refine.pdbx_isotropic_thermal_model             ? 
_refine.pdbx_stereochem_target_val_spec_case     ? 
_refine.pdbx_stereochemistry_target_values       ? 
_refine.solvent_model_param_bsol                 ? 
_refine.solvent_model_param_ksol                 ? 
_refine.occupancy_max                            ? 
_refine.occupancy_min                            ? 
_refine.pdbx_data_cutoff_high_rms_absF           ? 
_refine.details                                  ? 
_refine.B_iso_min                                ? 
_refine.B_iso_max                                ? 
_refine.overall_SU_R_free                        ? 
_refine.ls_wR_factor_R_free                      ? 
_refine.ls_wR_factor_R_work                      ? 
_refine.overall_FOM_free_R_set                   ? 
_refine.overall_FOM_work_R_set                   ? 
_refine.pdbx_refine_id                           'X-RAY DIFFRACTION' 
_refine.pdbx_diffrn_id                           1 
_refine.pdbx_TLS_residual_ADP_flag               ? 
_refine.pdbx_overall_phase_error                 ? 
_refine.pdbx_overall_SU_R_free_Cruickshank_DPI   ? 
_refine.pdbx_overall_SU_R_Blow_DPI               ? 
_refine.pdbx_overall_SU_R_free_Blow_DPI          ? 
# 
_refine_hist.pdbx_refine_id                   'X-RAY DIFFRACTION' 
_refine_hist.cycle_id                         LAST 
_refine_hist.pdbx_number_atoms_protein        1003 
_refine_hist.pdbx_number_atoms_nucleic_acid   0 
_refine_hist.pdbx_number_atoms_ligand         63 
_refine_hist.number_atoms_solvent             172 
_refine_hist.number_atoms_total               1238 
_refine_hist.d_res_high                       1.604 
_refine_hist.d_res_low                        34.300 
# 
loop_
_refine_ls_restr.type 
_refine_ls_restr.number 
_refine_ls_restr.dev_ideal 
_refine_ls_restr.dev_ideal_target 
_refine_ls_restr.weight 
_refine_ls_restr.pdbx_refine_id 
_refine_ls_restr.pdbx_restraint_function 
r_bond_refined_d         1128 0.019 0.022 ? 'X-RAY DIFFRACTION' ? 
r_angle_refined_deg      1532 1.646 1.992 ? 'X-RAY DIFFRACTION' ? 
r_dihedral_angle_1_deg   120  4.689 5.000 ? 'X-RAY DIFFRACTION' ? 
r_chiral_restr           170  0.118 0.200 ? 'X-RAY DIFFRACTION' ? 
r_gen_planes_refined     800  0.007 0.020 ? 'X-RAY DIFFRACTION' ? 
r_nbd_refined            530  0.220 0.200 ? 'X-RAY DIFFRACTION' ? 
r_nbtor_refined          784  0.321 0.200 ? 'X-RAY DIFFRACTION' ? 
r_xyhbond_nbd_refined    114  0.202 0.200 ? 'X-RAY DIFFRACTION' ? 
r_symmetry_vdw_refined   51   0.212 0.200 ? 'X-RAY DIFFRACTION' ? 
r_symmetry_hbond_refined 21   0.144 0.200 ? 'X-RAY DIFFRACTION' ? 
r_mcbond_it              616  1.495 2.000 ? 'X-RAY DIFFRACTION' ? 
r_mcangle_it             1014 2.821 4.000 ? 'X-RAY DIFFRACTION' ? 
r_scbond_it              512  3.626 6.000 ? 'X-RAY DIFFRACTION' ? 
r_scangle_it             518  5.359 8.000 ? 'X-RAY DIFFRACTION' ? 
# 
loop_
_refine_ls_shell.d_res_low 
_refine_ls_shell.d_res_high 
_refine_ls_shell.number_reflns_all 
_refine_ls_shell.number_reflns_R_work 
_refine_ls_shell.R_factor_R_work 
_refine_ls_shell.number_reflns_R_free 
_refine_ls_shell.R_factor_R_free 
_refine_ls_shell.R_factor_R_free_error 
_refine_ls_shell.pdbx_total_number_of_bins_used 
_refine_ls_shell.percent_reflns_R_free 
_refine_ls_shell.percent_reflns_obs 
_refine_ls_shell.redundancy_reflns_obs 
_refine_ls_shell.number_reflns_obs 
_refine_ls_shell.pdbx_refine_id 
_refine_ls_shell.R_factor_all 
1.6460  1.604 2340 2223 0.219 116 0.257 . 20 . 99.96 . . 'X-RAY DIFFRACTION' . 
1.6910  1.646 2306 2177 0.205 129 0.235 . 20 . .     . . 'X-RAY DIFFRACTION' . 
1.7399  1.691 2223 2094 0.193 129 0.191 . 20 . .     . . 'X-RAY DIFFRACTION' . 
1.7933  1.740 2150 2038 0.179 112 0.206 . 20 . .     . . 'X-RAY DIFFRACTION' . 
1.8519  1.793 2108 1995 0.172 113 0.199 . 20 . .     . . 'X-RAY DIFFRACTION' . 
1.9167  1.852 2030 1924 0.164 106 0.193 . 20 . .     . . 'X-RAY DIFFRACTION' . 
1.9888  1.917 1979 1881 0.157 98  0.192 . 20 . .     . . 'X-RAY DIFFRACTION' . 
2.0697  1.989 1888 1780 0.152 108 0.168 . 20 . .     . . 'X-RAY DIFFRACTION' . 
2.1614  2.070 1824 1732 0.154 92  0.169 . 20 . .     . . 'X-RAY DIFFRACTION' . 
2.2665  2.161 1735 1647 0.149 88  0.187 . 20 . .     . . 'X-RAY DIFFRACTION' . 
2.3885  2.266 1674 1595 0.148 79  0.174 . 20 . .     . . 'X-RAY DIFFRACTION' . 
2.5326  2.388 1580 1507 0.15  73  0.176 . 20 . .     . . 'X-RAY DIFFRACTION' . 
2.7064  2.533 1473 1413 0.143 60  0.165 . 20 . .     . . 'X-RAY DIFFRACTION' . 
2.9217  2.706 1375 1309 0.156 66  0.181 . 20 . .     . . 'X-RAY DIFFRACTION' . 
3.1983  2.922 1301 1229 0.162 72  0.186 . 20 . .     . . 'X-RAY DIFFRACTION' . 
3.5719  3.198 1167 1116 0.149 51  0.175 . 20 . .     . . 'X-RAY DIFFRACTION' . 
4.1170  3.572 1029 977  0.142 52  0.155 . 20 . .     . . 'X-RAY DIFFRACTION' . 
5.0243  4.117 886  836  0.137 50  0.155 . 20 . .     . . 'X-RAY DIFFRACTION' . 
7.0304  5.024 710  681  0.206 29  0.321 . 20 . .     . . 'X-RAY DIFFRACTION' . 
34.2997 7.030 428  416  0.201 10  0.125 . 20 . .     . . 'X-RAY DIFFRACTION' . 
# 
_struct.entry_id                  1VK5 
_struct.title                     'X-ray Structure of Gene Product from Arabidopsis Thaliana At3g22680' 
_struct.pdbx_model_details        ? 
_struct.pdbx_CASP_flag            ? 
_struct.pdbx_model_type_details   ? 
# 
_struct_keywords.entry_id        1VK5 
_struct_keywords.pdbx_keywords   'STRUCTURAL GENOMICS, UNKNOWN FUNCTION' 
_struct_keywords.text            
'STRUCTURAL GENOMICS, UNKNOWN FUNCTION, PSI, Protein Structure Initiative, Center for Eukaryotic Structural Genomics, CESG' 
# 
loop_
_struct_asym.id 
_struct_asym.pdbx_blank_PDB_chainid_flag 
_struct_asym.pdbx_modified 
_struct_asym.entity_id 
_struct_asym.details 
A N N 1 ? 
B N N 2 ? 
C N N 2 ? 
D N N 2 ? 
E N N 3 ? 
F N N 4 ? 
G N N 4 ? 
H N N 4 ? 
I N N 4 ? 
J N N 5 ? 
# 
_struct_ref.id                         1 
_struct_ref.db_name                    UNP 
_struct_ref.db_code                    Q9LUJ3_ARATH 
_struct_ref.pdbx_db_accession          Q9LUJ3 
_struct_ref.entity_id                  1 
_struct_ref.pdbx_seq_one_letter_code   
;ELRPSGDSGSSDVDAEISDGFSPLDTSHRDVADEGSLLRRAEMYQDYMKQVPIPTNRGSLIPFTSWVGLSISMKQLYGQP
LHYLTNVLLQRWDQSRFGTDSEEQRLDSIIHPTKAEATIWLVEEIHRLTPSHLHMALLWRSDPMYHSFIDPIFPEK
;
_struct_ref.pdbx_align_begin           8 
_struct_ref.pdbx_db_isoform            ? 
# 
_struct_ref_seq.align_id                      1 
_struct_ref_seq.ref_id                        1 
_struct_ref_seq.pdbx_PDB_id_code              1VK5 
_struct_ref_seq.pdbx_strand_id                A 
_struct_ref_seq.seq_align_beg                 2 
_struct_ref_seq.pdbx_seq_align_beg_ins_code   ? 
_struct_ref_seq.seq_align_end                 157 
_struct_ref_seq.pdbx_seq_align_end_ins_code   ? 
_struct_ref_seq.pdbx_db_accession             Q9LUJ3 
_struct_ref_seq.db_align_beg                  8 
_struct_ref_seq.pdbx_db_align_beg_ins_code    ? 
_struct_ref_seq.db_align_end                  163 
_struct_ref_seq.pdbx_db_align_end_ins_code    ? 
_struct_ref_seq.pdbx_auth_seq_align_beg       2 
_struct_ref_seq.pdbx_auth_seq_align_end       157 
# 
_struct_ref_seq_dif.align_id                     1 
_struct_ref_seq_dif.pdbx_pdb_id_code             1VK5 
_struct_ref_seq_dif.mon_id                       SER 
_struct_ref_seq_dif.pdbx_pdb_strand_id           A 
_struct_ref_seq_dif.seq_num                      1 
_struct_ref_seq_dif.pdbx_pdb_ins_code            ? 
_struct_ref_seq_dif.pdbx_seq_db_name             UNP 
_struct_ref_seq_dif.pdbx_seq_db_accession_code   Q9LUJ3 
_struct_ref_seq_dif.db_mon_id                    ? 
_struct_ref_seq_dif.pdbx_seq_db_seq_num          ? 
_struct_ref_seq_dif.details                      'cloning artifact' 
_struct_ref_seq_dif.pdbx_auth_seq_num            1 
_struct_ref_seq_dif.pdbx_ordinal                 1 
# 
loop_
_pdbx_struct_assembly.id 
_pdbx_struct_assembly.details 
_pdbx_struct_assembly.method_details 
_pdbx_struct_assembly.oligomeric_details 
_pdbx_struct_assembly.oligomeric_count 
1 author_and_software_defined_assembly PQS  monomeric 1 
2 software_defined_assembly            PISA dimeric   2 
# 
loop_
_pdbx_struct_assembly_prop.biol_id 
_pdbx_struct_assembly_prop.type 
_pdbx_struct_assembly_prop.value 
_pdbx_struct_assembly_prop.details 
2 'ABSA (A^2)' 5890  ? 
2 MORE         -90   ? 
2 'SSA (A^2)'  13560 ? 
# 
loop_
_pdbx_struct_assembly_gen.assembly_id 
_pdbx_struct_assembly_gen.oper_expression 
_pdbx_struct_assembly_gen.asym_id_list 
1 1   A,B,C,D,E,F,G,H,I,J 
2 1,2 A,B,C,D,E,F,G,H,I,J 
# 
loop_
_pdbx_struct_oper_list.id 
_pdbx_struct_oper_list.type 
_pdbx_struct_oper_list.name 
_pdbx_struct_oper_list.symmetry_operation 
_pdbx_struct_oper_list.matrix[1][1] 
_pdbx_struct_oper_list.matrix[1][2] 
_pdbx_struct_oper_list.matrix[1][3] 
_pdbx_struct_oper_list.vector[1] 
_pdbx_struct_oper_list.matrix[2][1] 
_pdbx_struct_oper_list.matrix[2][2] 
_pdbx_struct_oper_list.matrix[2][3] 
_pdbx_struct_oper_list.vector[2] 
_pdbx_struct_oper_list.matrix[3][1] 
_pdbx_struct_oper_list.matrix[3][2] 
_pdbx_struct_oper_list.matrix[3][3] 
_pdbx_struct_oper_list.vector[3] 
1 'identity operation'         1_555 x,y,z  1.0000000000  0.0000000000 0.0000000000  0.0000000000  0.0000000000 1.0000000000 0.0000000000  0.0000000000  0.0000000000  0.0000000000  1.0000000000  0.0000000000  
2 'crystal symmetry operation' 4_555 y,x,-z -0.8105267694 0.4885908884 -0.3229942723 -5.7331634759 0.4885908884 0.2599197016 -0.8328989690 11.2939998010 -0.3229942723 -0.8328989690 -0.4493929322 13.7211857010 
# 
_struct_biol.id                    1 
_struct_biol.pdbx_parent_biol_id   ? 
_struct_biol.details               ? 
# 
loop_
_struct_conf.conf_type_id 
_struct_conf.id 
_struct_conf.pdbx_PDB_helix_id 
_struct_conf.beg_label_comp_id 
_struct_conf.beg_label_asym_id 
_struct_conf.beg_label_seq_id 
_struct_conf.pdbx_beg_PDB_ins_code 
_struct_conf.end_label_comp_id 
_struct_conf.end_label_asym_id 
_struct_conf.end_label_seq_id 
_struct_conf.pdbx_end_PDB_ins_code 
_struct_conf.beg_auth_comp_id 
_struct_conf.beg_auth_asym_id 
_struct_conf.beg_auth_seq_id 
_struct_conf.end_auth_comp_id 
_struct_conf.end_auth_asym_id 
_struct_conf.end_auth_seq_id 
_struct_conf.pdbx_PDB_helix_class 
_struct_conf.details 
_struct_conf.pdbx_PDB_helix_length 
HELX_P HELX_P1 1 LEU A 38  ? GLN A 51  ? LEU A 38  GLN A 51  1 ? 14 
HELX_P HELX_P2 2 SER A 66  ? GLY A 79  ? SER A 66  GLY A 79  1 ? 14 
HELX_P HELX_P3 3 HIS A 83  ? SER A 96  ? HIS A 83  SER A 96  1 ? 14 
HELX_P HELX_P4 4 ARG A 106 ? ILE A 110 ? ARG A 106 ILE A 110 5 ? 5  
HELX_P HELX_P5 5 HIS A 112 ? THR A 130 ? HIS A 112 THR A 130 1 ? 19 
HELX_P HELX_P6 6 SER A 132 ? SER A 142 ? SER A 132 SER A 142 1 ? 11 
HELX_P HELX_P7 7 MET A 145 ? ILE A 150 ? MET A 145 ILE A 150 5 ? 6  
# 
_struct_conf_type.id          HELX_P 
_struct_conf_type.criteria    ? 
_struct_conf_type.reference   ? 
# 
loop_
_struct_site.id 
_struct_site.pdbx_evidence_code 
_struct_site.pdbx_auth_asym_id 
_struct_site.pdbx_auth_comp_id 
_struct_site.pdbx_auth_seq_id 
_struct_site.pdbx_auth_ins_code 
_struct_site.pdbx_num_residues 
_struct_site.details 
AC1 Software A SO4 300 ? 7  'BINDING SITE FOR RESIDUE SO4 A 300' 
AC2 Software A SO4 301 ? 8  'BINDING SITE FOR RESIDUE SO4 A 301' 
AC3 Software A SO4 302 ? 5  'BINDING SITE FOR RESIDUE SO4 A 302' 
AC4 Software A CPS 200 ? 11 'BINDING SITE FOR RESIDUE CPS A 200' 
AC5 Software A EDO 401 ? 6  'BINDING SITE FOR RESIDUE EDO A 401' 
AC6 Software A EDO 402 ? 7  'BINDING SITE FOR RESIDUE EDO A 402' 
AC7 Software A EDO 403 ? 6  'BINDING SITE FOR RESIDUE EDO A 403' 
AC8 Software A EDO 404 ? 7  'BINDING SITE FOR RESIDUE EDO A 404' 
# 
loop_
_struct_site_gen.id 
_struct_site_gen.site_id 
_struct_site_gen.pdbx_num_res 
_struct_site_gen.label_comp_id 
_struct_site_gen.label_asym_id 
_struct_site_gen.label_seq_id 
_struct_site_gen.pdbx_auth_ins_code 
_struct_site_gen.auth_comp_id 
_struct_site_gen.auth_asym_id 
_struct_site_gen.auth_seq_id 
_struct_site_gen.label_atom_id 
_struct_site_gen.label_alt_id 
_struct_site_gen.symmetry 
_struct_site_gen.details 
1  AC1 7  LEU A 38  ? LEU A 38  . ? 2_655 ? 
2  AC1 7  ARG A 40  ? ARG A 40  . ? 2_655 ? 
3  AC1 7  ARG A 41  ? ARG A 41  . ? 2_655 ? 
4  AC1 7  GLY A 59  ? GLY A 59  . ? 1_555 ? 
5  AC1 7  SER A 60  ? SER A 60  . ? 1_555 ? 
6  AC1 7  HOH J .   ? HOH A 471 . ? 1_555 ? 
7  AC1 7  HOH J .   ? HOH A 563 . ? 1_555 ? 
8  AC2 8  LYS A 50  ? LYS A 50  . ? 1_555 ? 
9  AC2 8  THR A 100 ? THR A 100 . ? 4_555 ? 
10 AC2 8  ASP A 101 ? ASP A 101 . ? 4_555 ? 
11 AC2 8  SER A 132 ? SER A 132 . ? 1_555 ? 
12 AC2 8  HIS A 133 ? HIS A 133 . ? 1_555 ? 
13 AC2 8  HOH J .   ? HOH A 465 . ? 1_555 ? 
14 AC2 8  HOH J .   ? HOH A 467 . ? 1_555 ? 
15 AC2 8  HOH J .   ? HOH A 515 . ? 1_555 ? 
16 AC3 5  PRO A 55  ? PRO A 55  . ? 1_555 ? 
17 AC3 5  THR A 56  ? THR A 56  . ? 1_555 ? 
18 AC3 5  ASN A 57  ? ASN A 57  . ? 1_555 ? 
19 AC3 5  HOH J .   ? HOH A 485 . ? 1_555 ? 
20 AC3 5  HOH J .   ? HOH A 497 . ? 1_555 ? 
21 AC4 11 ARG A 41  ? ARG A 41  . ? 1_555 ? 
22 AC4 11 TYR A 45  ? TYR A 45  . ? 1_555 ? 
23 AC4 11 TYR A 48  ? TYR A 48  . ? 1_555 ? 
24 AC4 11 PRO A 63  ? PRO A 63  . ? 3_664 ? 
25 AC4 11 SER A 73  ? SER A 73  . ? 3_664 ? 
26 AC4 11 GLN A 76  ? GLN A 76  . ? 3_664 ? 
27 AC4 11 ILE A 153 ? ILE A 153 . ? 1_555 ? 
28 AC4 11 EDO H .   ? EDO A 403 . ? 3_664 ? 
29 AC4 11 HOH J .   ? HOH A 451 . ? 1_555 ? 
30 AC4 11 HOH J .   ? HOH A 452 . ? 1_555 ? 
31 AC4 11 HOH J .   ? HOH A 477 . ? 1_555 ? 
32 AC5 6  PRO A 81  ? PRO A 81  . ? 1_555 ? 
33 AC5 6  ASP A 151 ? ASP A 151 . ? 1_555 ? 
34 AC5 6  PRO A 152 ? PRO A 152 . ? 1_555 ? 
35 AC5 6  ILE A 153 ? ILE A 153 . ? 1_555 ? 
36 AC5 6  HOH J .   ? HOH A 442 . ? 1_555 ? 
37 AC5 6  HOH J .   ? HOH A 443 . ? 1_555 ? 
38 AC6 7  LEU A 85  ? LEU A 85  . ? 1_555 ? 
39 AC6 7  ARG A 92  ? ARG A 92  . ? 4_555 ? 
40 AC6 7  TRP A 93  ? TRP A 93  . ? 4_555 ? 
41 AC6 7  HIS A 127 ? HIS A 127 . ? 1_555 ? 
42 AC6 7  HOH J .   ? HOH A 434 . ? 1_555 ? 
43 AC6 7  HOH J .   ? HOH A 447 . ? 1_555 ? 
44 AC6 7  HOH J .   ? HOH A 545 . ? 1_555 ? 
45 AC7 6  SER A 73  ? SER A 73  . ? 1_555 ? 
46 AC7 6  GLN A 76  ? GLN A 76  . ? 1_555 ? 
47 AC7 6  ILE A 153 ? ILE A 153 . ? 2_655 ? 
48 AC7 6  CPS E .   ? CPS A 200 . ? 2_655 ? 
49 AC7 6  HOH J .   ? HOH A 487 . ? 1_555 ? 
50 AC7 6  HOH J .   ? HOH A 547 . ? 2_655 ? 
51 AC8 7  LYS A 75  ? LYS A 75  . ? 1_555 ? 
52 AC8 7  ASN A 87  ? ASN A 87  . ? 1_555 ? 
53 AC8 7  SER A 148 ? SER A 148 . ? 1_555 ? 
54 AC8 7  PHE A 149 ? PHE A 149 . ? 1_555 ? 
55 AC8 7  ILE A 150 ? ILE A 150 . ? 1_555 ? 
56 AC8 7  ASP A 151 ? ASP A 151 . ? 1_555 ? 
57 AC8 7  HOH J .   ? HOH A 492 . ? 1_555 ? 
# 
loop_
_pdbx_validate_close_contact.id 
_pdbx_validate_close_contact.PDB_model_num 
_pdbx_validate_close_contact.auth_atom_id_1 
_pdbx_validate_close_contact.auth_asym_id_1 
_pdbx_validate_close_contact.auth_comp_id_1 
_pdbx_validate_close_contact.auth_seq_id_1 
_pdbx_validate_close_contact.PDB_ins_code_1 
_pdbx_validate_close_contact.label_alt_id_1 
_pdbx_validate_close_contact.auth_atom_id_2 
_pdbx_validate_close_contact.auth_asym_id_2 
_pdbx_validate_close_contact.auth_comp_id_2 
_pdbx_validate_close_contact.auth_seq_id_2 
_pdbx_validate_close_contact.PDB_ins_code_2 
_pdbx_validate_close_contact.label_alt_id_2 
_pdbx_validate_close_contact.dist 
1 1 O A HOH 544 ? ? O A HOH 557 ? ? 2.00 
2 1 O A HOH 508 ? ? O A HOH 576 ? ? 2.10 
3 1 O A HOH 548 ? ? O A HOH 560 ? ? 2.16 
# 
_pdbx_validate_rmsd_angle.id                         1 
_pdbx_validate_rmsd_angle.PDB_model_num              1 
_pdbx_validate_rmsd_angle.auth_atom_id_1             NE 
_pdbx_validate_rmsd_angle.auth_asym_id_1             A 
_pdbx_validate_rmsd_angle.auth_comp_id_1             ARG 
_pdbx_validate_rmsd_angle.auth_seq_id_1              40 
_pdbx_validate_rmsd_angle.PDB_ins_code_1             ? 
_pdbx_validate_rmsd_angle.label_alt_id_1             ? 
_pdbx_validate_rmsd_angle.auth_atom_id_2             CZ 
_pdbx_validate_rmsd_angle.auth_asym_id_2             A 
_pdbx_validate_rmsd_angle.auth_comp_id_2             ARG 
_pdbx_validate_rmsd_angle.auth_seq_id_2              40 
_pdbx_validate_rmsd_angle.PDB_ins_code_2             ? 
_pdbx_validate_rmsd_angle.label_alt_id_2             ? 
_pdbx_validate_rmsd_angle.auth_atom_id_3             NH1 
_pdbx_validate_rmsd_angle.auth_asym_id_3             A 
_pdbx_validate_rmsd_angle.auth_comp_id_3             ARG 
_pdbx_validate_rmsd_angle.auth_seq_id_3              40 
_pdbx_validate_rmsd_angle.PDB_ins_code_3             ? 
_pdbx_validate_rmsd_angle.label_alt_id_3             ? 
_pdbx_validate_rmsd_angle.angle_value                117.01 
_pdbx_validate_rmsd_angle.angle_target_value         120.30 
_pdbx_validate_rmsd_angle.angle_deviation            -3.29 
_pdbx_validate_rmsd_angle.angle_standard_deviation   0.50 
_pdbx_validate_rmsd_angle.linker_flag                N 
# 
_pdbx_SG_project.id                    1 
_pdbx_SG_project.project_name          'PSI, Protein Structure Initiative' 
_pdbx_SG_project.full_name_of_center   'Center for Eukaryotic Structural Genomics' 
_pdbx_SG_project.initial_of_center     CESG 
# 
loop_
_pdbx_phasing_MAD_set_site.id 
_pdbx_phasing_MAD_set_site.atom_type_symbol 
_pdbx_phasing_MAD_set_site.Cartn_x 
_pdbx_phasing_MAD_set_site.Cartn_y 
_pdbx_phasing_MAD_set_site.Cartn_z 
_pdbx_phasing_MAD_set_site.occupancy 
_pdbx_phasing_MAD_set_site.b_iso 
1 SE -0.783 5.134  -5.947  0.77 16.2 
2 SE -7.476 -3.281 -25.624 0.78 17.3 
3 SE -1.527 27.181 20.777  0.80 23.6 
4 SE -5.102 5.699  -29.432 0.66 20.4 
5 SE -9.947 1.330  27.280  0.56 32.5 
# 
loop_
_pdbx_phasing_MAD_shell.d_res_low 
_pdbx_phasing_MAD_shell.d_res_high 
_pdbx_phasing_MAD_shell.reflns 
_pdbx_phasing_MAD_shell.fom 
20.000 6.00 1311 0.89 
6.00   3.82 2223 0.90 
3.82   2.99 2865 0.90 
2.99   2.54 3345 0.87 
2.54   2.25 3787 0.83 
2.25   2.04 4168 0.70 
2.04   1.88 4390 0.56 
1.88   1.75 4474 0.41 
# 
_pdbx_phasing_dm.entry_id          1VK5 
_pdbx_phasing_dm.fom_acentric      0.80 
_pdbx_phasing_dm.fom_centric       0.77 
_pdbx_phasing_dm.fom               0.79 
_pdbx_phasing_dm.reflns_acentric   24711 
_pdbx_phasing_dm.reflns_centric    1912 
_pdbx_phasing_dm.reflns            26623 
# 
loop_
_pdbx_phasing_dm_shell.d_res_low 
_pdbx_phasing_dm_shell.d_res_high 
_pdbx_phasing_dm_shell.fom_acentric 
_pdbx_phasing_dm_shell.fom_centric 
_pdbx_phasing_dm_shell.fom 
_pdbx_phasing_dm_shell.reflns_acentric 
_pdbx_phasing_dm_shell.reflns_centric 
_pdbx_phasing_dm_shell.reflns 
19.785 4.8 0.98 0.94 0.98 979  218 1197 
4.8    3.0 0.98 0.91 0.97 3239 384 3623 
3.0    2.4 0.95 0.87 0.94 4212 354 4566 
2.4    2.1 0.90 0.82 0.89 4276 302 4578 
2.1    1.8 0.73 0.63 0.72 7576 447 8023 
1.8    1.7 0.50 0.39 0.50 4429 207 4636 
# 
_phasing.method   MAD 
# 
_phasing_MAD.entry_id          1VK5 
_phasing_MAD.pdbx_d_res_high   1.693 
_phasing_MAD.pdbx_d_res_low    20.000 
_phasing_MAD.pdbx_reflns       26563 
_phasing_MAD.pdbx_fom          0.72 
# 
_phasing_MAD_clust.id           1 
_phasing_MAD_clust.expt_id      1 
_phasing_MAD_clust.number_set   ? 
# 
_phasing_MAD_expt.id         1 
_phasing_MAD_expt.mean_fom   ? 
# 
loop_
_phasing_MAD_set.set_id 
_phasing_MAD_set.expt_id 
_phasing_MAD_set.clust_id 
_phasing_MAD_set.wavelength 
_phasing_MAD_set.pdbx_f_prime_refined 
_phasing_MAD_set.pdbx_f_double_prime_refined 
1 1 1 0.9793 -9.69 2.80 
2 1 1 0.9792 -7.44 7.10 
3 1 1 0.9641 -3.46 3.44 
# 
loop_
_phasing_set.id 
_phasing_set.pdbx_d_res_high 
_phasing_set.pdbx_d_res_low 
1 . . 
2 . . 
3 . . 
# 
_pdbx_database_remark.id     300 
_pdbx_database_remark.text   
;BIOMOLECULE:
THIS ENTRY CONTAINS THE CRYSTALLOGRAPHIC ASYMMETRIC UNIT
WHICH CONSISTS OF 1 CHAIN. THE BIOLOGICAL UNIT IS UNKNOWN.
;
# 
loop_
_pdbx_unobs_or_zero_occ_residues.id 
_pdbx_unobs_or_zero_occ_residues.PDB_model_num 
_pdbx_unobs_or_zero_occ_residues.polymer_flag 
_pdbx_unobs_or_zero_occ_residues.occupancy_flag 
_pdbx_unobs_or_zero_occ_residues.auth_asym_id 
_pdbx_unobs_or_zero_occ_residues.auth_comp_id 
_pdbx_unobs_or_zero_occ_residues.auth_seq_id 
_pdbx_unobs_or_zero_occ_residues.PDB_ins_code 
_pdbx_unobs_or_zero_occ_residues.label_asym_id 
_pdbx_unobs_or_zero_occ_residues.label_comp_id 
_pdbx_unobs_or_zero_occ_residues.label_seq_id 
1  1 Y 1 A SER 1   ? A SER 1   
2  1 Y 1 A GLU 2   ? A GLU 2   
3  1 Y 1 A LEU 3   ? A LEU 3   
4  1 Y 1 A ARG 4   ? A ARG 4   
5  1 Y 1 A PRO 5   ? A PRO 5   
6  1 Y 1 A SER 6   ? A SER 6   
7  1 Y 1 A GLY 7   ? A GLY 7   
8  1 Y 1 A ASP 8   ? A ASP 8   
9  1 Y 1 A SER 9   ? A SER 9   
10 1 Y 1 A GLY 10  ? A GLY 10  
11 1 Y 1 A SER 11  ? A SER 11  
12 1 Y 1 A SER 12  ? A SER 12  
13 1 Y 1 A ASP 13  ? A ASP 13  
14 1 Y 1 A VAL 14  ? A VAL 14  
15 1 Y 1 A ASP 15  ? A ASP 15  
16 1 Y 1 A ALA 16  ? A ALA 16  
17 1 Y 1 A GLU 17  ? A GLU 17  
18 1 Y 1 A ILE 18  ? A ILE 18  
19 1 Y 1 A SER 19  ? A SER 19  
20 1 Y 1 A ASP 20  ? A ASP 20  
21 1 Y 1 A GLY 21  ? A GLY 21  
22 1 Y 1 A PHE 22  ? A PHE 22  
23 1 Y 1 A SER 23  ? A SER 23  
24 1 Y 1 A PRO 24  ? A PRO 24  
25 1 Y 1 A LEU 25  ? A LEU 25  
26 1 Y 1 A ASP 26  ? A ASP 26  
27 1 Y 1 A THR 27  ? A THR 27  
28 1 Y 1 A SER 28  ? A SER 28  
29 1 Y 1 A HIS 29  ? A HIS 29  
30 1 Y 1 A ARG 30  ? A ARG 30  
31 1 Y 1 A ASP 31  ? A ASP 31  
32 1 Y 1 A VAL 32  ? A VAL 32  
33 1 Y 1 A ALA 33  ? A ALA 33  
34 1 Y 1 A ASP 34  ? A ASP 34  
35 1 Y 1 A GLU 35  ? A GLU 35  
36 1 Y 1 A LYS 157 ? A LYS 157 
# 
loop_
_chem_comp_atom.comp_id 
_chem_comp_atom.atom_id 
_chem_comp_atom.type_symbol 
_chem_comp_atom.pdbx_aromatic_flag 
_chem_comp_atom.pdbx_stereo_config 
_chem_comp_atom.pdbx_ordinal 
ALA N    N N N 1   
ALA CA   C N S 2   
ALA C    C N N 3   
ALA O    O N N 4   
ALA CB   C N N 5   
ALA OXT  O N N 6   
ALA H    H N N 7   
ALA H2   H N N 8   
ALA HA   H N N 9   
ALA HB1  H N N 10  
ALA HB2  H N N 11  
ALA HB3  H N N 12  
ALA HXT  H N N 13  
ARG N    N N N 14  
ARG CA   C N S 15  
ARG C    C N N 16  
ARG O    O N N 17  
ARG CB   C N N 18  
ARG CG   C N N 19  
ARG CD   C N N 20  
ARG NE   N N N 21  
ARG CZ   C N N 22  
ARG NH1  N N N 23  
ARG NH2  N N N 24  
ARG OXT  O N N 25  
ARG H    H N N 26  
ARG H2   H N N 27  
ARG HA   H N N 28  
ARG HB2  H N N 29  
ARG HB3  H N N 30  
ARG HG2  H N N 31  
ARG HG3  H N N 32  
ARG HD2  H N N 33  
ARG HD3  H N N 34  
ARG HE   H N N 35  
ARG HH11 H N N 36  
ARG HH12 H N N 37  
ARG HH21 H N N 38  
ARG HH22 H N N 39  
ARG HXT  H N N 40  
ASN N    N N N 41  
ASN CA   C N S 42  
ASN C    C N N 43  
ASN O    O N N 44  
ASN CB   C N N 45  
ASN CG   C N N 46  
ASN OD1  O N N 47  
ASN ND2  N N N 48  
ASN OXT  O N N 49  
ASN H    H N N 50  
ASN H2   H N N 51  
ASN HA   H N N 52  
ASN HB2  H N N 53  
ASN HB3  H N N 54  
ASN HD21 H N N 55  
ASN HD22 H N N 56  
ASN HXT  H N N 57  
ASP N    N N N 58  
ASP CA   C N S 59  
ASP C    C N N 60  
ASP O    O N N 61  
ASP CB   C N N 62  
ASP CG   C N N 63  
ASP OD1  O N N 64  
ASP OD2  O N N 65  
ASP OXT  O N N 66  
ASP H    H N N 67  
ASP H2   H N N 68  
ASP HA   H N N 69  
ASP HB2  H N N 70  
ASP HB3  H N N 71  
ASP HD2  H N N 72  
ASP HXT  H N N 73  
CPS C1   C N N 74  
CPS C2   C N S 75  
CPS C3   C N N 76  
CPS C4   C N S 77  
CPS C5   C N R 78  
CPS C6   C N S 79  
CPS C7   C N N 80  
CPS C8   C N N 81  
CPS C9   C N R 82  
CPS C10  C N N 83  
CPS C11  C N N 84  
CPS C12  C N N 85  
CPS C13  C N R 86  
CPS C14  C N N 87  
CPS C15  C N S 88  
CPS C16  C N N 89  
CPS C17  C N R 90  
CPS C18  C N R 91  
CPS C19  C N S 92  
CPS C20  C N R 93  
CPS C21  C N N 94  
CPS C22  C N N 95  
CPS C23  C N N 96  
CPS C24  C N N 97  
CPS C25  C N N 98  
CPS C26  C N N 99  
CPS C27  C N N 100 
CPS C28  C N N 101 
CPS C29  C N N 102 
CPS C30  C N N 103 
CPS C31  C N N 104 
CPS C32  C N N 105 
CPS N1   N N N 106 
CPS N2   N N N 107 
CPS O1   O N N 108 
CPS O2   O N N 109 
CPS O3   O N N 110 
CPS O4   O N N 111 
CPS O2S  O N N 112 
CPS O3S  O N N 113 
CPS O1S  O N N 114 
CPS S    S N N 115 
CPS H1   H N N 116 
CPS H1A  H N N 117 
CPS H3   H N N 118 
CPS H3A  H N N 119 
CPS H4   H N N 120 
CPS H6   H N N 121 
CPS H7   H N N 122 
CPS H7A  H N N 123 
CPS H8   H N N 124 
CPS H8A  H N N 125 
CPS H9   H N N 126 
CPS H10  H N N 127 
CPS H10A H N N 128 
CPS H10B H N N 129 
CPS H11  H N N 130 
CPS H11A H N N 131 
CPS H11B H N N 132 
CPS H12  H N N 133 
CPS H12A H N N 134 
CPS H13  H N N 135 
CPS H14  H N N 136 
CPS H14A H N N 137 
CPS H15  H N N 138 
CPS H16  H N N 139 
CPS H16A H N N 140 
CPS H17  H N N 141 
CPS H18  H N N 142 
CPS H19  H N N 143 
CPS H20  H N N 144 
CPS H21  H N N 145 
CPS H21A H N N 146 
CPS H21B H N N 147 
CPS H22  H N N 148 
CPS H22A H N N 149 
CPS H23  H N N 150 
CPS H23A H N N 151 
CPS H25  H N N 152 
CPS H25A H N N 153 
CPS H261 H N N 154 
CPS H271 H N N 155 
CPS H28  H N N 156 
CPS H28A H N N 157 
CPS H28B H N N 158 
CPS H29  H N N 159 
CPS H29A H N N 160 
CPS H29B H N N 161 
CPS H30  H N N 162 
CPS H30A H N N 163 
CPS H31  H N N 164 
CPS H31A H N N 165 
CPS H32  H N N 166 
CPS H32A H N N 167 
CPS HN1  H N N 168 
CPS HO2  H N N 169 
CPS HO3  H N N 170 
CPS HO4  H N N 171 
CPS H272 H N N 172 
CPS H262 H N N 173 
EDO C1   C N N 174 
EDO O1   O N N 175 
EDO C2   C N N 176 
EDO O2   O N N 177 
EDO H11  H N N 178 
EDO H12  H N N 179 
EDO HO1  H N N 180 
EDO H21  H N N 181 
EDO H22  H N N 182 
EDO HO2  H N N 183 
GLN N    N N N 184 
GLN CA   C N S 185 
GLN C    C N N 186 
GLN O    O N N 187 
GLN CB   C N N 188 
GLN CG   C N N 189 
GLN CD   C N N 190 
GLN OE1  O N N 191 
GLN NE2  N N N 192 
GLN OXT  O N N 193 
GLN H    H N N 194 
GLN H2   H N N 195 
GLN HA   H N N 196 
GLN HB2  H N N 197 
GLN HB3  H N N 198 
GLN HG2  H N N 199 
GLN HG3  H N N 200 
GLN HE21 H N N 201 
GLN HE22 H N N 202 
GLN HXT  H N N 203 
GLU N    N N N 204 
GLU CA   C N S 205 
GLU C    C N N 206 
GLU O    O N N 207 
GLU CB   C N N 208 
GLU CG   C N N 209 
GLU CD   C N N 210 
GLU OE1  O N N 211 
GLU OE2  O N N 212 
GLU OXT  O N N 213 
GLU H    H N N 214 
GLU H2   H N N 215 
GLU HA   H N N 216 
GLU HB2  H N N 217 
GLU HB3  H N N 218 
GLU HG2  H N N 219 
GLU HG3  H N N 220 
GLU HE2  H N N 221 
GLU HXT  H N N 222 
GLY N    N N N 223 
GLY CA   C N N 224 
GLY C    C N N 225 
GLY O    O N N 226 
GLY OXT  O N N 227 
GLY H    H N N 228 
GLY H2   H N N 229 
GLY HA2  H N N 230 
GLY HA3  H N N 231 
GLY HXT  H N N 232 
HIS N    N N N 233 
HIS CA   C N S 234 
HIS C    C N N 235 
HIS O    O N N 236 
HIS CB   C N N 237 
HIS CG   C Y N 238 
HIS ND1  N Y N 239 
HIS CD2  C Y N 240 
HIS CE1  C Y N 241 
HIS NE2  N Y N 242 
HIS OXT  O N N 243 
HIS H    H N N 244 
HIS H2   H N N 245 
HIS HA   H N N 246 
HIS HB2  H N N 247 
HIS HB3  H N N 248 
HIS HD1  H N N 249 
HIS HD2  H N N 250 
HIS HE1  H N N 251 
HIS HE2  H N N 252 
HIS HXT  H N N 253 
HOH O    O N N 254 
HOH H1   H N N 255 
HOH H2   H N N 256 
ILE N    N N N 257 
ILE CA   C N S 258 
ILE C    C N N 259 
ILE O    O N N 260 
ILE CB   C N S 261 
ILE CG1  C N N 262 
ILE CG2  C N N 263 
ILE CD1  C N N 264 
ILE OXT  O N N 265 
ILE H    H N N 266 
ILE H2   H N N 267 
ILE HA   H N N 268 
ILE HB   H N N 269 
ILE HG12 H N N 270 
ILE HG13 H N N 271 
ILE HG21 H N N 272 
ILE HG22 H N N 273 
ILE HG23 H N N 274 
ILE HD11 H N N 275 
ILE HD12 H N N 276 
ILE HD13 H N N 277 
ILE HXT  H N N 278 
LEU N    N N N 279 
LEU CA   C N S 280 
LEU C    C N N 281 
LEU O    O N N 282 
LEU CB   C N N 283 
LEU CG   C N N 284 
LEU CD1  C N N 285 
LEU CD2  C N N 286 
LEU OXT  O N N 287 
LEU H    H N N 288 
LEU H2   H N N 289 
LEU HA   H N N 290 
LEU HB2  H N N 291 
LEU HB3  H N N 292 
LEU HG   H N N 293 
LEU HD11 H N N 294 
LEU HD12 H N N 295 
LEU HD13 H N N 296 
LEU HD21 H N N 297 
LEU HD22 H N N 298 
LEU HD23 H N N 299 
LEU HXT  H N N 300 
LYS N    N N N 301 
LYS CA   C N S 302 
LYS C    C N N 303 
LYS O    O N N 304 
LYS CB   C N N 305 
LYS CG   C N N 306 
LYS CD   C N N 307 
LYS CE   C N N 308 
LYS NZ   N N N 309 
LYS OXT  O N N 310 
LYS H    H N N 311 
LYS H2   H N N 312 
LYS HA   H N N 313 
LYS HB2  H N N 314 
LYS HB3  H N N 315 
LYS HG2  H N N 316 
LYS HG3  H N N 317 
LYS HD2  H N N 318 
LYS HD3  H N N 319 
LYS HE2  H N N 320 
LYS HE3  H N N 321 
LYS HZ1  H N N 322 
LYS HZ2  H N N 323 
LYS HZ3  H N N 324 
LYS HXT  H N N 325 
MET N    N N N 326 
MET CA   C N S 327 
MET C    C N N 328 
MET O    O N N 329 
MET CB   C N N 330 
MET CG   C N N 331 
MET SD   S N N 332 
MET CE   C N N 333 
MET OXT  O N N 334 
MET H    H N N 335 
MET H2   H N N 336 
MET HA   H N N 337 
MET HB2  H N N 338 
MET HB3  H N N 339 
MET HG2  H N N 340 
MET HG3  H N N 341 
MET HE1  H N N 342 
MET HE2  H N N 343 
MET HE3  H N N 344 
MET HXT  H N N 345 
PHE N    N N N 346 
PHE CA   C N S 347 
PHE C    C N N 348 
PHE O    O N N 349 
PHE CB   C N N 350 
PHE CG   C Y N 351 
PHE CD1  C Y N 352 
PHE CD2  C Y N 353 
PHE CE1  C Y N 354 
PHE CE2  C Y N 355 
PHE CZ   C Y N 356 
PHE OXT  O N N 357 
PHE H    H N N 358 
PHE H2   H N N 359 
PHE HA   H N N 360 
PHE HB2  H N N 361 
PHE HB3  H N N 362 
PHE HD1  H N N 363 
PHE HD2  H N N 364 
PHE HE1  H N N 365 
PHE HE2  H N N 366 
PHE HZ   H N N 367 
PHE HXT  H N N 368 
PRO N    N N N 369 
PRO CA   C N S 370 
PRO C    C N N 371 
PRO O    O N N 372 
PRO CB   C N N 373 
PRO CG   C N N 374 
PRO CD   C N N 375 
PRO OXT  O N N 376 
PRO H    H N N 377 
PRO HA   H N N 378 
PRO HB2  H N N 379 
PRO HB3  H N N 380 
PRO HG2  H N N 381 
PRO HG3  H N N 382 
PRO HD2  H N N 383 
PRO HD3  H N N 384 
PRO HXT  H N N 385 
SER N    N N N 386 
SER CA   C N S 387 
SER C    C N N 388 
SER O    O N N 389 
SER CB   C N N 390 
SER OG   O N N 391 
SER OXT  O N N 392 
SER H    H N N 393 
SER H2   H N N 394 
SER HA   H N N 395 
SER HB2  H N N 396 
SER HB3  H N N 397 
SER HG   H N N 398 
SER HXT  H N N 399 
SO4 S    S N N 400 
SO4 O1   O N N 401 
SO4 O2   O N N 402 
SO4 O3   O N N 403 
SO4 O4   O N N 404 
THR N    N N N 405 
THR CA   C N S 406 
THR C    C N N 407 
THR O    O N N 408 
THR CB   C N R 409 
THR OG1  O N N 410 
THR CG2  C N N 411 
THR OXT  O N N 412 
THR H    H N N 413 
THR H2   H N N 414 
THR HA   H N N 415 
THR HB   H N N 416 
THR HG1  H N N 417 
THR HG21 H N N 418 
THR HG22 H N N 419 
THR HG23 H N N 420 
THR HXT  H N N 421 
TRP N    N N N 422 
TRP CA   C N S 423 
TRP C    C N N 424 
TRP O    O N N 425 
TRP CB   C N N 426 
TRP CG   C Y N 427 
TRP CD1  C Y N 428 
TRP CD2  C Y N 429 
TRP NE1  N Y N 430 
TRP CE2  C Y N 431 
TRP CE3  C Y N 432 
TRP CZ2  C Y N 433 
TRP CZ3  C Y N 434 
TRP CH2  C Y N 435 
TRP OXT  O N N 436 
TRP H    H N N 437 
TRP H2   H N N 438 
TRP HA   H N N 439 
TRP HB2  H N N 440 
TRP HB3  H N N 441 
TRP HD1  H N N 442 
TRP HE1  H N N 443 
TRP HE3  H N N 444 
TRP HZ2  H N N 445 
TRP HZ3  H N N 446 
TRP HH2  H N N 447 
TRP HXT  H N N 448 
TYR N    N N N 449 
TYR CA   C N S 450 
TYR C    C N N 451 
TYR O    O N N 452 
TYR CB   C N N 453 
TYR CG   C Y N 454 
TYR CD1  C Y N 455 
TYR CD2  C Y N 456 
TYR CE1  C Y N 457 
TYR CE2  C Y N 458 
TYR CZ   C Y N 459 
TYR OH   O N N 460 
TYR OXT  O N N 461 
TYR H    H N N 462 
TYR H2   H N N 463 
TYR HA   H N N 464 
TYR HB2  H N N 465 
TYR HB3  H N N 466 
TYR HD1  H N N 467 
TYR HD2  H N N 468 
TYR HE1  H N N 469 
TYR HE2  H N N 470 
TYR HH   H N N 471 
TYR HXT  H N N 472 
VAL N    N N N 473 
VAL CA   C N S 474 
VAL C    C N N 475 
VAL O    O N N 476 
VAL CB   C N N 477 
VAL CG1  C N N 478 
VAL CG2  C N N 479 
VAL OXT  O N N 480 
VAL H    H N N 481 
VAL H2   H N N 482 
VAL HA   H N N 483 
VAL HB   H N N 484 
VAL HG11 H N N 485 
VAL HG12 H N N 486 
VAL HG13 H N N 487 
VAL HG21 H N N 488 
VAL HG22 H N N 489 
VAL HG23 H N N 490 
VAL HXT  H N N 491 
# 
loop_
_chem_comp_bond.comp_id 
_chem_comp_bond.atom_id_1 
_chem_comp_bond.atom_id_2 
_chem_comp_bond.value_order 
_chem_comp_bond.pdbx_aromatic_flag 
_chem_comp_bond.pdbx_stereo_config 
_chem_comp_bond.pdbx_ordinal 
ALA N   CA   sing N N 1   
ALA N   H    sing N N 2   
ALA N   H2   sing N N 3   
ALA CA  C    sing N N 4   
ALA CA  CB   sing N N 5   
ALA CA  HA   sing N N 6   
ALA C   O    doub N N 7   
ALA C   OXT  sing N N 8   
ALA CB  HB1  sing N N 9   
ALA CB  HB2  sing N N 10  
ALA CB  HB3  sing N N 11  
ALA OXT HXT  sing N N 12  
ARG N   CA   sing N N 13  
ARG N   H    sing N N 14  
ARG N   H2   sing N N 15  
ARG CA  C    sing N N 16  
ARG CA  CB   sing N N 17  
ARG CA  HA   sing N N 18  
ARG C   O    doub N N 19  
ARG C   OXT  sing N N 20  
ARG CB  CG   sing N N 21  
ARG CB  HB2  sing N N 22  
ARG CB  HB3  sing N N 23  
ARG CG  CD   sing N N 24  
ARG CG  HG2  sing N N 25  
ARG CG  HG3  sing N N 26  
ARG CD  NE   sing N N 27  
ARG CD  HD2  sing N N 28  
ARG CD  HD3  sing N N 29  
ARG NE  CZ   sing N N 30  
ARG NE  HE   sing N N 31  
ARG CZ  NH1  sing N N 32  
ARG CZ  NH2  doub N N 33  
ARG NH1 HH11 sing N N 34  
ARG NH1 HH12 sing N N 35  
ARG NH2 HH21 sing N N 36  
ARG NH2 HH22 sing N N 37  
ARG OXT HXT  sing N N 38  
ASN N   CA   sing N N 39  
ASN N   H    sing N N 40  
ASN N   H2   sing N N 41  
ASN CA  C    sing N N 42  
ASN CA  CB   sing N N 43  
ASN CA  HA   sing N N 44  
ASN C   O    doub N N 45  
ASN C   OXT  sing N N 46  
ASN CB  CG   sing N N 47  
ASN CB  HB2  sing N N 48  
ASN CB  HB3  sing N N 49  
ASN CG  OD1  doub N N 50  
ASN CG  ND2  sing N N 51  
ASN ND2 HD21 sing N N 52  
ASN ND2 HD22 sing N N 53  
ASN OXT HXT  sing N N 54  
ASP N   CA   sing N N 55  
ASP N   H    sing N N 56  
ASP N   H2   sing N N 57  
ASP CA  C    sing N N 58  
ASP CA  CB   sing N N 59  
ASP CA  HA   sing N N 60  
ASP C   O    doub N N 61  
ASP C   OXT  sing N N 62  
ASP CB  CG   sing N N 63  
ASP CB  HB2  sing N N 64  
ASP CB  HB3  sing N N 65  
ASP CG  OD1  doub N N 66  
ASP CG  OD2  sing N N 67  
ASP OD2 HD2  sing N N 68  
ASP OXT HXT  sing N N 69  
CPS C1  C2   sing N N 70  
CPS C1  C12  sing N N 71  
CPS C2  C11  sing N N 72  
CPS C2  C15  sing N N 73  
CPS C2  C19  sing N N 74  
CPS C3  C4   sing N N 75  
CPS C3  C19  sing N N 76  
CPS C4  C5   sing N N 77  
CPS C4  O4   sing N N 78  
CPS C5  C6   sing N N 79  
CPS C5  C9   sing N N 80  
CPS C5  C10  sing N N 81  
CPS C6  C7   sing N N 82  
CPS C6  C18  sing N N 83  
CPS C7  C8   sing N N 84  
CPS C8  C9   sing N N 85  
CPS C9  C20  sing N N 86  
CPS C12 C13  sing N N 87  
CPS C13 C14  sing N N 88  
CPS C13 O2   sing N N 89  
CPS C14 C15  sing N N 90  
CPS C15 C16  sing N N 91  
CPS C16 C17  sing N N 92  
CPS C17 C18  sing N N 93  
CPS C17 O3   sing N N 94  
CPS C18 C19  sing N N 95  
CPS C20 C21  sing N N 96  
CPS C20 C22  sing N N 97  
CPS C22 C23  sing N N 98  
CPS C23 C24  sing N N 99  
CPS C24 N1   sing N N 100 
CPS C24 O1   doub N N 101 
CPS C25 C26  sing N N 102 
CPS C25 N1   sing N N 103 
CPS C26 C27  sing N N 104 
CPS C27 N2   sing N N 105 
CPS C28 N2   sing N N 106 
CPS C29 N2   sing N N 107 
CPS C30 C31  sing N N 108 
CPS C30 N2   sing N N 109 
CPS C31 C32  sing N N 110 
CPS C32 S    sing N N 111 
CPS O2S S    sing N N 112 
CPS O3S S    doub N N 113 
CPS O1S S    doub N N 114 
CPS C1  H1   sing N N 115 
CPS C1  H1A  sing N N 116 
CPS C3  H3   sing N N 117 
CPS C3  H3A  sing N N 118 
CPS C4  H4   sing N N 119 
CPS C6  H6   sing N N 120 
CPS C7  H7   sing N N 121 
CPS C7  H7A  sing N N 122 
CPS C8  H8   sing N N 123 
CPS C8  H8A  sing N N 124 
CPS C9  H9   sing N N 125 
CPS C10 H10  sing N N 126 
CPS C10 H10A sing N N 127 
CPS C10 H10B sing N N 128 
CPS C11 H11  sing N N 129 
CPS C11 H11A sing N N 130 
CPS C11 H11B sing N N 131 
CPS C12 H12  sing N N 132 
CPS C12 H12A sing N N 133 
CPS C13 H13  sing N N 134 
CPS C14 H14  sing N N 135 
CPS C14 H14A sing N N 136 
CPS C15 H15  sing N N 137 
CPS C16 H16  sing N N 138 
CPS C16 H16A sing N N 139 
CPS C17 H17  sing N N 140 
CPS C18 H18  sing N N 141 
CPS C19 H19  sing N N 142 
CPS C20 H20  sing N N 143 
CPS C21 H21  sing N N 144 
CPS C21 H21A sing N N 145 
CPS C21 H21B sing N N 146 
CPS C22 H22  sing N N 147 
CPS C22 H22A sing N N 148 
CPS C23 H23  sing N N 149 
CPS C23 H23A sing N N 150 
CPS C25 H25  sing N N 151 
CPS C25 H25A sing N N 152 
CPS C26 H261 sing N N 153 
CPS C27 H271 sing N N 154 
CPS C28 H28  sing N N 155 
CPS C28 H28A sing N N 156 
CPS C28 H28B sing N N 157 
CPS C29 H29  sing N N 158 
CPS C29 H29A sing N N 159 
CPS C29 H29B sing N N 160 
CPS C30 H30  sing N N 161 
CPS C30 H30A sing N N 162 
CPS C31 H31  sing N N 163 
CPS C31 H31A sing N N 164 
CPS C32 H32  sing N N 165 
CPS C32 H32A sing N N 166 
CPS N1  HN1  sing N N 167 
CPS O2  HO2  sing N N 168 
CPS O3  HO3  sing N N 169 
CPS O4  HO4  sing N N 170 
CPS C26 H262 sing N N 171 
CPS C27 H272 sing N N 172 
EDO C1  O1   sing N N 173 
EDO C1  C2   sing N N 174 
EDO C1  H11  sing N N 175 
EDO C1  H12  sing N N 176 
EDO O1  HO1  sing N N 177 
EDO C2  O2   sing N N 178 
EDO C2  H21  sing N N 179 
EDO C2  H22  sing N N 180 
EDO O2  HO2  sing N N 181 
GLN N   CA   sing N N 182 
GLN N   H    sing N N 183 
GLN N   H2   sing N N 184 
GLN CA  C    sing N N 185 
GLN CA  CB   sing N N 186 
GLN CA  HA   sing N N 187 
GLN C   O    doub N N 188 
GLN C   OXT  sing N N 189 
GLN CB  CG   sing N N 190 
GLN CB  HB2  sing N N 191 
GLN CB  HB3  sing N N 192 
GLN CG  CD   sing N N 193 
GLN CG  HG2  sing N N 194 
GLN CG  HG3  sing N N 195 
GLN CD  OE1  doub N N 196 
GLN CD  NE2  sing N N 197 
GLN NE2 HE21 sing N N 198 
GLN NE2 HE22 sing N N 199 
GLN OXT HXT  sing N N 200 
GLU N   CA   sing N N 201 
GLU N   H    sing N N 202 
GLU N   H2   sing N N 203 
GLU CA  C    sing N N 204 
GLU CA  CB   sing N N 205 
GLU CA  HA   sing N N 206 
GLU C   O    doub N N 207 
GLU C   OXT  sing N N 208 
GLU CB  CG   sing N N 209 
GLU CB  HB2  sing N N 210 
GLU CB  HB3  sing N N 211 
GLU CG  CD   sing N N 212 
GLU CG  HG2  sing N N 213 
GLU CG  HG3  sing N N 214 
GLU CD  OE1  doub N N 215 
GLU CD  OE2  sing N N 216 
GLU OE2 HE2  sing N N 217 
GLU OXT HXT  sing N N 218 
GLY N   CA   sing N N 219 
GLY N   H    sing N N 220 
GLY N   H2   sing N N 221 
GLY CA  C    sing N N 222 
GLY CA  HA2  sing N N 223 
GLY CA  HA3  sing N N 224 
GLY C   O    doub N N 225 
GLY C   OXT  sing N N 226 
GLY OXT HXT  sing N N 227 
HIS N   CA   sing N N 228 
HIS N   H    sing N N 229 
HIS N   H2   sing N N 230 
HIS CA  C    sing N N 231 
HIS CA  CB   sing N N 232 
HIS CA  HA   sing N N 233 
HIS C   O    doub N N 234 
HIS C   OXT  sing N N 235 
HIS CB  CG   sing N N 236 
HIS CB  HB2  sing N N 237 
HIS CB  HB3  sing N N 238 
HIS CG  ND1  sing Y N 239 
HIS CG  CD2  doub Y N 240 
HIS ND1 CE1  doub Y N 241 
HIS ND1 HD1  sing N N 242 
HIS CD2 NE2  sing Y N 243 
HIS CD2 HD2  sing N N 244 
HIS CE1 NE2  sing Y N 245 
HIS CE1 HE1  sing N N 246 
HIS NE2 HE2  sing N N 247 
HIS OXT HXT  sing N N 248 
HOH O   H1   sing N N 249 
HOH O   H2   sing N N 250 
ILE N   CA   sing N N 251 
ILE N   H    sing N N 252 
ILE N   H2   sing N N 253 
ILE CA  C    sing N N 254 
ILE CA  CB   sing N N 255 
ILE CA  HA   sing N N 256 
ILE C   O    doub N N 257 
ILE C   OXT  sing N N 258 
ILE CB  CG1  sing N N 259 
ILE CB  CG2  sing N N 260 
ILE CB  HB   sing N N 261 
ILE CG1 CD1  sing N N 262 
ILE CG1 HG12 sing N N 263 
ILE CG1 HG13 sing N N 264 
ILE CG2 HG21 sing N N 265 
ILE CG2 HG22 sing N N 266 
ILE CG2 HG23 sing N N 267 
ILE CD1 HD11 sing N N 268 
ILE CD1 HD12 sing N N 269 
ILE CD1 HD13 sing N N 270 
ILE OXT HXT  sing N N 271 
LEU N   CA   sing N N 272 
LEU N   H    sing N N 273 
LEU N   H2   sing N N 274 
LEU CA  C    sing N N 275 
LEU CA  CB   sing N N 276 
LEU CA  HA   sing N N 277 
LEU C   O    doub N N 278 
LEU C   OXT  sing N N 279 
LEU CB  CG   sing N N 280 
LEU CB  HB2  sing N N 281 
LEU CB  HB3  sing N N 282 
LEU CG  CD1  sing N N 283 
LEU CG  CD2  sing N N 284 
LEU CG  HG   sing N N 285 
LEU CD1 HD11 sing N N 286 
LEU CD1 HD12 sing N N 287 
LEU CD1 HD13 sing N N 288 
LEU CD2 HD21 sing N N 289 
LEU CD2 HD22 sing N N 290 
LEU CD2 HD23 sing N N 291 
LEU OXT HXT  sing N N 292 
LYS N   CA   sing N N 293 
LYS N   H    sing N N 294 
LYS N   H2   sing N N 295 
LYS CA  C    sing N N 296 
LYS CA  CB   sing N N 297 
LYS CA  HA   sing N N 298 
LYS C   O    doub N N 299 
LYS C   OXT  sing N N 300 
LYS CB  CG   sing N N 301 
LYS CB  HB2  sing N N 302 
LYS CB  HB3  sing N N 303 
LYS CG  CD   sing N N 304 
LYS CG  HG2  sing N N 305 
LYS CG  HG3  sing N N 306 
LYS CD  CE   sing N N 307 
LYS CD  HD2  sing N N 308 
LYS CD  HD3  sing N N 309 
LYS CE  NZ   sing N N 310 
LYS CE  HE2  sing N N 311 
LYS CE  HE3  sing N N 312 
LYS NZ  HZ1  sing N N 313 
LYS NZ  HZ2  sing N N 314 
LYS NZ  HZ3  sing N N 315 
LYS OXT HXT  sing N N 316 
MET N   CA   sing N N 317 
MET N   H    sing N N 318 
MET N   H2   sing N N 319 
MET CA  C    sing N N 320 
MET CA  CB   sing N N 321 
MET CA  HA   sing N N 322 
MET C   O    doub N N 323 
MET C   OXT  sing N N 324 
MET CB  CG   sing N N 325 
MET CB  HB2  sing N N 326 
MET CB  HB3  sing N N 327 
MET CG  SD   sing N N 328 
MET CG  HG2  sing N N 329 
MET CG  HG3  sing N N 330 
MET SD  CE   sing N N 331 
MET CE  HE1  sing N N 332 
MET CE  HE2  sing N N 333 
MET CE  HE3  sing N N 334 
MET OXT HXT  sing N N 335 
PHE N   CA   sing N N 336 
PHE N   H    sing N N 337 
PHE N   H2   sing N N 338 
PHE CA  C    sing N N 339 
PHE CA  CB   sing N N 340 
PHE CA  HA   sing N N 341 
PHE C   O    doub N N 342 
PHE C   OXT  sing N N 343 
PHE CB  CG   sing N N 344 
PHE CB  HB2  sing N N 345 
PHE CB  HB3  sing N N 346 
PHE CG  CD1  doub Y N 347 
PHE CG  CD2  sing Y N 348 
PHE CD1 CE1  sing Y N 349 
PHE CD1 HD1  sing N N 350 
PHE CD2 CE2  doub Y N 351 
PHE CD2 HD2  sing N N 352 
PHE CE1 CZ   doub Y N 353 
PHE CE1 HE1  sing N N 354 
PHE CE2 CZ   sing Y N 355 
PHE CE2 HE2  sing N N 356 
PHE CZ  HZ   sing N N 357 
PHE OXT HXT  sing N N 358 
PRO N   CA   sing N N 359 
PRO N   CD   sing N N 360 
PRO N   H    sing N N 361 
PRO CA  C    sing N N 362 
PRO CA  CB   sing N N 363 
PRO CA  HA   sing N N 364 
PRO C   O    doub N N 365 
PRO C   OXT  sing N N 366 
PRO CB  CG   sing N N 367 
PRO CB  HB2  sing N N 368 
PRO CB  HB3  sing N N 369 
PRO CG  CD   sing N N 370 
PRO CG  HG2  sing N N 371 
PRO CG  HG3  sing N N 372 
PRO CD  HD2  sing N N 373 
PRO CD  HD3  sing N N 374 
PRO OXT HXT  sing N N 375 
SER N   CA   sing N N 376 
SER N   H    sing N N 377 
SER N   H2   sing N N 378 
SER CA  C    sing N N 379 
SER CA  CB   sing N N 380 
SER CA  HA   sing N N 381 
SER C   O    doub N N 382 
SER C   OXT  sing N N 383 
SER CB  OG   sing N N 384 
SER CB  HB2  sing N N 385 
SER CB  HB3  sing N N 386 
SER OG  HG   sing N N 387 
SER OXT HXT  sing N N 388 
SO4 S   O1   doub N N 389 
SO4 S   O2   doub N N 390 
SO4 S   O3   sing N N 391 
SO4 S   O4   sing N N 392 
THR N   CA   sing N N 393 
THR N   H    sing N N 394 
THR N   H2   sing N N 395 
THR CA  C    sing N N 396 
THR CA  CB   sing N N 397 
THR CA  HA   sing N N 398 
THR C   O    doub N N 399 
THR C   OXT  sing N N 400 
THR CB  OG1  sing N N 401 
THR CB  CG2  sing N N 402 
THR CB  HB   sing N N 403 
THR OG1 HG1  sing N N 404 
THR CG2 HG21 sing N N 405 
THR CG2 HG22 sing N N 406 
THR CG2 HG23 sing N N 407 
THR OXT HXT  sing N N 408 
TRP N   CA   sing N N 409 
TRP N   H    sing N N 410 
TRP N   H2   sing N N 411 
TRP CA  C    sing N N 412 
TRP CA  CB   sing N N 413 
TRP CA  HA   sing N N 414 
TRP C   O    doub N N 415 
TRP C   OXT  sing N N 416 
TRP CB  CG   sing N N 417 
TRP CB  HB2  sing N N 418 
TRP CB  HB3  sing N N 419 
TRP CG  CD1  doub Y N 420 
TRP CG  CD2  sing Y N 421 
TRP CD1 NE1  sing Y N 422 
TRP CD1 HD1  sing N N 423 
TRP CD2 CE2  doub Y N 424 
TRP CD2 CE3  sing Y N 425 
TRP NE1 CE2  sing Y N 426 
TRP NE1 HE1  sing N N 427 
TRP CE2 CZ2  sing Y N 428 
TRP CE3 CZ3  doub Y N 429 
TRP CE3 HE3  sing N N 430 
TRP CZ2 CH2  doub Y N 431 
TRP CZ2 HZ2  sing N N 432 
TRP CZ3 CH2  sing Y N 433 
TRP CZ3 HZ3  sing N N 434 
TRP CH2 HH2  sing N N 435 
TRP OXT HXT  sing N N 436 
TYR N   CA   sing N N 437 
TYR N   H    sing N N 438 
TYR N   H2   sing N N 439 
TYR CA  C    sing N N 440 
TYR CA  CB   sing N N 441 
TYR CA  HA   sing N N 442 
TYR C   O    doub N N 443 
TYR C   OXT  sing N N 444 
TYR CB  CG   sing N N 445 
TYR CB  HB2  sing N N 446 
TYR CB  HB3  sing N N 447 
TYR CG  CD1  doub Y N 448 
TYR CG  CD2  sing Y N 449 
TYR CD1 CE1  sing Y N 450 
TYR CD1 HD1  sing N N 451 
TYR CD2 CE2  doub Y N 452 
TYR CD2 HD2  sing N N 453 
TYR CE1 CZ   doub Y N 454 
TYR CE1 HE1  sing N N 455 
TYR CE2 CZ   sing Y N 456 
TYR CE2 HE2  sing N N 457 
TYR CZ  OH   sing N N 458 
TYR OH  HH   sing N N 459 
TYR OXT HXT  sing N N 460 
VAL N   CA   sing N N 461 
VAL N   H    sing N N 462 
VAL N   H2   sing N N 463 
VAL CA  C    sing N N 464 
VAL CA  CB   sing N N 465 
VAL CA  HA   sing N N 466 
VAL C   O    doub N N 467 
VAL C   OXT  sing N N 468 
VAL CB  CG1  sing N N 469 
VAL CB  CG2  sing N N 470 
VAL CB  HB   sing N N 471 
VAL CG1 HG11 sing N N 472 
VAL CG1 HG12 sing N N 473 
VAL CG1 HG13 sing N N 474 
VAL CG2 HG21 sing N N 475 
VAL CG2 HG22 sing N N 476 
VAL CG2 HG23 sing N N 477 
VAL OXT HXT  sing N N 478 
# 
_atom_sites.entry_id                    1VK5 
_atom_sites.fract_transf_matrix[1][1]   -0.00344239 
_atom_sites.fract_transf_matrix[1][2]   -0.01339015 
_atom_sites.fract_transf_matrix[1][3]   0.00056456 
_atom_sites.fract_transf_matrix[2][1]   -0.00393442 
_atom_sites.fract_transf_matrix[2][2]   -0.00563201 
_atom_sites.fract_transf_matrix[2][3]   0.01201097 
_atom_sites.fract_transf_matrix[3][1]   -0.01569561 
_atom_sites.fract_transf_matrix[3][2]   0.00389533 
_atom_sites.fract_transf_matrix[3][3]   -0.00331485 
_atom_sites.fract_transf_vector[1]      0.543244 
_atom_sites.fract_transf_vector[2]      0.419481 
_atom_sites.fract_transf_vector[3]      -0.044248 
# 
loop_
_atom_type.symbol 
C 
N 
O 
S 
# 
loop_
_atom_site.group_PDB 
_atom_site.id 
_atom_site.type_symbol 
_atom_site.label_atom_id 
_atom_site.label_alt_id 
_atom_site.label_comp_id 
_atom_site.label_asym_id 
_atom_site.label_entity_id 
_atom_site.label_seq_id 
_atom_site.pdbx_PDB_ins_code 
_atom_site.Cartn_x 
_atom_site.Cartn_y 
_atom_site.Cartn_z 
_atom_site.occupancy 
_atom_site.B_iso_or_equiv 
_atom_site.pdbx_formal_charge 
_atom_site.auth_seq_id 
_atom_site.auth_comp_id 
_atom_site.auth_asym_id 
_atom_site.auth_atom_id 
_atom_site.pdbx_PDB_model_num 
ATOM   1    N N   . GLY A 1 36  ? 9.881   -16.247 18.257  1.00 43.88 ? 36  GLY A N   1 
ATOM   2    C CA  . GLY A 1 36  ? 10.766  -15.963 17.073  1.00 41.22 ? 36  GLY A CA  1 
ATOM   3    C C   . GLY A 1 36  ? 10.157  -16.262 15.708  1.00 37.83 ? 36  GLY A C   1 
ATOM   4    O O   . GLY A 1 36  ? 10.841  -16.180 14.661  1.00 38.12 ? 36  GLY A O   1 
ATOM   5    N N   . SER A 1 37  ? 8.880   -16.640 15.720  1.00 34.46 ? 37  SER A N   1 
ATOM   6    C CA  . SER A 1 37  ? 8.159   -17.013 14.502  1.00 31.68 ? 37  SER A CA  1 
ATOM   7    C C   . SER A 1 37  ? 8.115   -15.821 13.523  1.00 27.72 ? 37  SER A C   1 
ATOM   8    O O   . SER A 1 37  ? 7.811   -14.665 13.913  1.00 25.91 ? 37  SER A O   1 
ATOM   9    C CB  . SER A 1 37  ? 6.736   -17.460 14.864  1.00 33.85 ? 37  SER A CB  1 
ATOM   10   O OG  . SER A 1 37  ? 5.999   -17.816 13.713  1.00 44.17 ? 37  SER A OG  1 
ATOM   11   N N   . LEU A 1 38  ? 8.451   -16.109 12.268  1.00 24.86 ? 38  LEU A N   1 
ATOM   12   C CA  . LEU A 1 38  ? 8.385   -15.137 11.156  1.00 22.45 ? 38  LEU A CA  1 
ATOM   13   C C   . LEU A 1 38  ? 9.471   -14.082 11.143  1.00 22.79 ? 38  LEU A C   1 
ATOM   14   O O   . LEU A 1 38  ? 9.452   -13.168 10.300  1.00 21.54 ? 38  LEU A O   1 
ATOM   15   C CB  . LEU A 1 38  ? 6.998   -14.507 11.026  1.00 20.83 ? 38  LEU A CB  1 
ATOM   16   C CG  . LEU A 1 38  ? 5.788   -15.452 11.007  1.00 21.15 ? 38  LEU A CG  1 
ATOM   17   C CD1 . LEU A 1 38  ? 4.472   -14.709 10.724  1.00 20.94 ? 38  LEU A CD1 1 
ATOM   18   C CD2 . LEU A 1 38  ? 5.984   -16.580 9.947   1.00 25.43 ? 38  LEU A CD2 1 
ATOM   19   N N   . LEU A 1 39  ? 10.438  -14.190 12.036  1.00 23.13 ? 39  LEU A N   1 
ATOM   20   C CA  . LEU A 1 39  ? 11.474  -13.166 12.127  1.00 23.99 ? 39  LEU A CA  1 
ATOM   21   C C   . LEU A 1 39  ? 12.419  -13.088 10.929  1.00 23.21 ? 39  LEU A C   1 
ATOM   22   O O   . LEU A 1 39  ? 12.776  -11.964 10.513  1.00 22.66 ? 39  LEU A O   1 
ATOM   23   C CB  . LEU A 1 39  ? 12.289  -13.303 13.416  1.00 26.68 ? 39  LEU A CB  1 
ATOM   24   C CG  . LEU A 1 39  ? 11.623  -12.831 14.710  1.00 31.47 ? 39  LEU A CG  1 
ATOM   25   C CD1 . LEU A 1 39  ? 12.551  -13.205 15.891  1.00 35.06 ? 39  LEU A CD1 1 
ATOM   26   C CD2 . LEU A 1 39  ? 11.322  -11.331 14.717  1.00 33.09 ? 39  LEU A CD2 1 
ATOM   27   N N   . ARG A 1 40  ? 12.814  -14.239 10.360  1.00 23.63 ? 40  ARG A N   1 
ATOM   28   C CA  . ARG A 1 40  ? 13.705  -14.229 9.183   1.00 24.50 ? 40  ARG A CA  1 
ATOM   29   C C   . ARG A 1 40  ? 13.043  -13.513 8.037   1.00 20.03 ? 40  ARG A C   1 
ATOM   30   O O   . ARG A 1 40  ? 13.638  -12.614 7.431   1.00 21.95 ? 40  ARG A O   1 
ATOM   31   C CB  . ARG A 1 40  ? 14.070  -15.649 8.667   1.00 26.39 ? 40  ARG A CB  1 
ATOM   32   C CG  . ARG A 1 40  ? 14.971  -16.458 9.547   1.00 29.37 ? 40  ARG A CG  1 
ATOM   33   C CD  . ARG A 1 40  ? 15.242  -17.905 8.964   1.00 28.69 ? 40  ARG A CD  1 
ATOM   34   N NE  . ARG A 1 40  ? 14.001  -18.612 8.580   1.00 29.23 ? 40  ARG A NE  1 
ATOM   35   C CZ  . ARG A 1 40  ? 13.946  -19.840 7.988   1.00 26.57 ? 40  ARG A CZ  1 
ATOM   36   N NH1 . ARG A 1 40  ? 15.112  -20.449 7.745   1.00 21.07 ? 40  ARG A NH1 1 
ATOM   37   N NH2 . ARG A 1 40  ? 12.735  -20.424 7.632   1.00 19.06 ? 40  ARG A NH2 1 
ATOM   38   N N   . ARG A 1 41  ? 11.815  -13.898 7.738   1.00 19.17 ? 41  ARG A N   1 
ATOM   39   C CA  . ARG A 1 41  ? 11.181  -13.356 6.552   1.00 17.35 ? 41  ARG A CA  1 
ATOM   40   C C   . ARG A 1 41  ? 10.831  -11.879 6.805   1.00 17.48 ? 41  ARG A C   1 
ATOM   41   O O   . ARG A 1 41  ? 10.898  -11.094 5.862   1.00 16.28 ? 41  ARG A O   1 
ATOM   42   C CB  . ARG A 1 41  ? 9.967   -14.160 6.111   1.00 19.07 ? 41  ARG A CB  1 
ATOM   43   C CG  . ARG A 1 41  ? 8.770   -14.146 7.076   1.00 17.66 ? 41  ARG A CG  1 
ATOM   44   C CD  . ARG A 1 41  ? 7.742   -15.233 6.750   1.00 16.21 ? 41  ARG A CD  1 
ATOM   45   N NE  . ARG A 1 41  ? 8.334   -16.551 7.082   1.00 17.77 ? 41  ARG A NE  1 
ATOM   46   C CZ  . ARG A 1 41  ? 7.722   -17.691 6.787   1.00 16.51 ? 41  ARG A CZ  1 
ATOM   47   N NH1 . ARG A 1 41  ? 6.548   -17.707 6.163   1.00 17.31 ? 41  ARG A NH1 1 
ATOM   48   N NH2 . ARG A 1 41  ? 8.315   -18.835 7.135   1.00 16.99 ? 41  ARG A NH2 1 
ATOM   49   N N   . ALA A 1 42  ? 10.490  -11.540 8.051   1.00 16.77 ? 42  ALA A N   1 
ATOM   50   C CA  . ALA A 1 42  ? 10.139  -10.117 8.336   1.00 16.22 ? 42  ALA A CA  1 
ATOM   51   C C   . ALA A 1 42  ? 11.357  -9.227  8.165   1.00 17.36 ? 42  ALA A C   1 
ATOM   52   O O   . ALA A 1 42  ? 11.266  -8.121  7.610   1.00 16.08 ? 42  ALA A O   1 
ATOM   53   C CB  . ALA A 1 42  ? 9.531   -9.960  9.750   1.00 16.97 ? 42  ALA A CB  1 
ATOM   54   N N   . GLU A 1 43  ? 12.506  -9.687  8.670   1.00 16.69 ? 43  GLU A N   1 
ATOM   55   C CA  . GLU A 1 43  ? 13.741  -8.931  8.488   1.00 16.97 ? 43  GLU A CA  1 
ATOM   56   C C   . GLU A 1 43  ? 14.108  -8.761  7.028   1.00 17.03 ? 43  GLU A C   1 
ATOM   57   O O   . GLU A 1 43  ? 14.401  -7.662  6.566   1.00 17.57 ? 43  GLU A O   1 
ATOM   58   C CB  . GLU A 1 43  ? 14.906  -9.562  9.296   1.00 18.42 ? 43  GLU A CB  1 
ATOM   59   C CG  . GLU A 1 43  ? 16.125  -8.648  9.298   1.00 22.47 ? 43  GLU A CG  1 
ATOM   60   C CD  . GLU A 1 43  ? 17.272  -9.169  10.151  1.00 35.97 ? 43  GLU A CD  1 
ATOM   61   O OE1 . GLU A 1 43  ? 17.280  -10.377 10.458  1.00 36.31 ? 43  GLU A OE1 1 
ATOM   62   O OE2 . GLU A 1 43  ? 18.144  -8.355  10.497  1.00 36.73 ? 43  GLU A OE2 1 
ATOM   63   N N   . MET A 1 44  ? 14.083  -9.841  6.249   1.00 17.09 ? 44  MET A N   1 
ATOM   64   C CA  . MET A 1 44  ? 14.390  -9.715  4.842   1.00 16.50 ? 44  MET A CA  1 
ATOM   65   C C   . MET A 1 44  ? 13.420  -8.762  4.128   1.00 15.46 ? 44  MET A C   1 
ATOM   66   O O   . MET A 1 44  ? 13.836  -8.032  3.234   1.00 16.88 ? 44  MET A O   1 
ATOM   67   C CB  . MET A 1 44  ? 14.362  -11.109 4.193   1.00 19.62 ? 44  MET A CB  1 
ATOM   68   C CG  . MET A 1 44  ? 15.501  -11.965 4.739   1.00 20.33 ? 44  MET A CG  1 
ATOM   69   S SD  . MET A 1 44  ? 15.477  -13.628 3.883   1.00 23.19 ? 44  MET A SD  1 
ATOM   70   C CE  . MET A 1 44  ? 16.004  -13.241 2.518   1.00 21.92 ? 44  MET A CE  1 
ATOM   71   N N   . TYR A 1 45  ? 12.149  -8.847  4.520   1.00 14.55 ? 45  TYR A N   1 
ATOM   72   C CA  . TYR A 1 45  ? 11.137  -8.034  3.867   1.00 13.79 ? 45  TYR A CA  1 
ATOM   73   C C   . TYR A 1 45  ? 11.372  -6.531  4.154   1.00 13.94 ? 45  TYR A C   1 
ATOM   74   O O   . TYR A 1 45  ? 11.389  -5.741  3.231   1.00 15.02 ? 45  TYR A O   1 
ATOM   75   C CB  . TYR A 1 45  ? 9.743   -8.449  4.367   1.00 14.19 ? 45  TYR A CB  1 
ATOM   76   C CG  . TYR A 1 45  ? 8.678   -7.596  3.741   1.00 14.23 ? 45  TYR A CG  1 
ATOM   77   C CD1 . TYR A 1 45  ? 8.282   -7.800  2.422   1.00 13.43 ? 45  TYR A CD1 1 
ATOM   78   C CD2 . TYR A 1 45  ? 8.053   -6.585  4.468   1.00 14.16 ? 45  TYR A CD2 1 
ATOM   79   C CE1 . TYR A 1 45  ? 7.285   -7.020  1.802   1.00 13.48 ? 45  TYR A CE1 1 
ATOM   80   C CE2 . TYR A 1 45  ? 7.073   -5.793  3.865   1.00 12.81 ? 45  TYR A CE2 1 
ATOM   81   C CZ  . TYR A 1 45  ? 6.677   -6.018  2.554   1.00 13.88 ? 45  TYR A CZ  1 
ATOM   82   O OH  . TYR A 1 45  ? 5.735   -5.253  1.965   1.00 14.16 ? 45  TYR A OH  1 
ATOM   83   N N   . GLN A 1 46  ? 11.518  -6.193  5.427   1.00 15.30 ? 46  GLN A N   1 
ATOM   84   C CA  . GLN A 1 46  ? 11.688  -4.772  5.777   1.00 15.15 ? 46  GLN A CA  1 
ATOM   85   C C   . GLN A 1 46  ? 13.013  -4.227  5.273   1.00 16.28 ? 46  GLN A C   1 
ATOM   86   O O   . GLN A 1 46  ? 13.103  -3.106  4.792   1.00 16.06 ? 46  GLN A O   1 
ATOM   87   C CB  . GLN A 1 46  ? 11.494  -4.558  7.273   1.00 14.68 ? 46  GLN A CB  1 
ATOM   88   C CG  . GLN A 1 46  ? 11.381  -3.078  7.602   1.00 13.04 ? 46  GLN A CG  1 
ATOM   89   C CD  . GLN A 1 46  ? 10.149  -2.453  6.983   1.00 16.00 ? 46  GLN A CD  1 
ATOM   90   O OE1 . GLN A 1 46  ? 9.129   -3.117  6.872   1.00 16.10 ? 46  GLN A OE1 1 
ATOM   91   N NE2 . GLN A 1 46  ? 10.226  -1.152  6.655   1.00 15.89 ? 46  GLN A NE2 1 
ATOM   92   N N   . ASP A 1 47  ? 14.060  -5.063  5.296   1.00 16.75 ? 47  ASP A N   1 
ATOM   93   C CA  . ASP A 1 47  ? 15.349  -4.620  4.756   1.00 18.18 ? 47  ASP A CA  1 
ATOM   94   C C   . ASP A 1 47  ? 15.235  -4.313  3.253   1.00 17.76 ? 47  ASP A C   1 
ATOM   95   O O   . ASP A 1 47  ? 15.843  -3.346  2.780   1.00 19.87 ? 47  ASP A O   1 
ATOM   96   C CB  . ASP A 1 47  ? 16.393  -5.710  4.938   1.00 18.71 ? 47  ASP A CB  1 
ATOM   97   C CG  . ASP A 1 47  ? 16.951  -5.781  6.328   1.00 26.33 ? 47  ASP A CG  1 
ATOM   98   O OD1 . ASP A 1 47  ? 16.639  -4.937  7.220   1.00 27.11 ? 47  ASP A OD1 1 
ATOM   99   O OD2 . ASP A 1 47  ? 17.720  -6.731  6.597   1.00 27.60 ? 47  ASP A OD2 1 
ATOM   100  N N   . TYR A 1 48  ? 14.422  -5.085  2.514   1.00 15.87 ? 48  TYR A N   1 
ATOM   101  C CA  . TYR A 1 48  ? 14.217  -4.834  1.105   1.00 15.55 ? 48  TYR A CA  1 
ATOM   102  C C   . TYR A 1 48  ? 13.373  -3.554  0.890   1.00 16.49 ? 48  TYR A C   1 
ATOM   103  O O   . TYR A 1 48  ? 13.765  -2.656  0.134   1.00 16.74 ? 48  TYR A O   1 
ATOM   104  C CB  . TYR A 1 48  ? 13.495  -6.041  0.461   1.00 16.21 ? 48  TYR A CB  1 
ATOM   105  C CG  . TYR A 1 48  ? 13.284  -5.895  -1.014  1.00 18.92 ? 48  TYR A CG  1 
ATOM   106  C CD1 . TYR A 1 48  ? 14.246  -6.361  -1.917  1.00 24.08 ? 48  TYR A CD1 1 
ATOM   107  C CD2 . TYR A 1 48  ? 12.121  -5.307  -1.524  1.00 16.26 ? 48  TYR A CD2 1 
ATOM   108  C CE1 . TYR A 1 48  ? 14.040  -6.249  -3.278  1.00 28.76 ? 48  TYR A CE1 1 
ATOM   109  C CE2 . TYR A 1 48  ? 11.902  -5.162  -2.892  1.00 19.98 ? 48  TYR A CE2 1 
ATOM   110  C CZ  . TYR A 1 48  ? 12.885  -5.637  -3.763  1.00 27.63 ? 48  TYR A CZ  1 
ATOM   111  O OH  . TYR A 1 48  ? 12.720  -5.534  -5.121  1.00 31.21 ? 48  TYR A OH  1 
ATOM   112  N N   . MET A 1 49  ? 12.237  -3.474  1.578   1.00 15.26 ? 49  MET A N   1 
ATOM   113  C CA  . MET A 1 49  ? 11.340  -2.348  1.327   1.00 14.24 ? 49  MET A CA  1 
ATOM   114  C C   . MET A 1 49  ? 11.967  -0.994  1.723   1.00 13.70 ? 49  MET A C   1 
ATOM   115  O O   . MET A 1 49  ? 11.716  0.018   1.052   1.00 15.36 ? 49  MET A O   1 
ATOM   116  C CB  . MET A 1 49  ? 10.036  -2.547  2.106   1.00 13.16 ? 49  MET A CB  1 
ATOM   117  C CG  . MET A 1 49  ? 9.116   -3.665  1.550   1.00 15.74 ? 49  MET A CG  1 
ATOM   118  S SD  . MET A 1 49  ? 8.698   -3.499  -0.209  1.00 15.63 ? 49  MET A SD  1 
ATOM   119  C CE  . MET A 1 49  ? 7.901   -1.824  -0.271  1.00 13.55 ? 49  MET A CE  1 
ATOM   120  N N   . LYS A 1 50  ? 12.743  -0.990  2.802   1.00 15.19 ? 50  LYS A N   1 
ATOM   121  C CA  . LYS A 1 50  ? 13.334  0.287   3.240   1.00 16.59 ? 50  LYS A CA  1 
ATOM   122  C C   . LYS A 1 50  ? 14.273  0.864   2.189   1.00 17.74 ? 50  LYS A C   1 
ATOM   123  O O   . LYS A 1 50  ? 14.489  2.089   2.144   1.00 20.01 ? 50  LYS A O   1 
ATOM   124  C CB  A LYS A 1 50  ? 14.006  0.021   4.593   0.65 18.00 ? 50  LYS A CB  1 
ATOM   125  C CB  B LYS A 1 50  ? 14.005  0.167   4.615   0.35 16.56 ? 50  LYS A CB  1 
ATOM   126  C CG  A LYS A 1 50  ? 14.937  1.053   5.175   0.65 25.54 ? 50  LYS A CG  1 
ATOM   127  C CG  B LYS A 1 50  ? 15.282  -0.662  4.654   0.35 12.31 ? 50  LYS A CG  1 
ATOM   128  C CD  A LYS A 1 50  ? 15.684  0.428   6.370   0.65 32.81 ? 50  LYS A CD  1 
ATOM   129  C CD  B LYS A 1 50  ? 15.869  -0.713  6.070   0.35 23.83 ? 50  LYS A CD  1 
ATOM   130  C CE  A LYS A 1 50  ? 15.871  -1.104  6.242   0.65 38.84 ? 50  LYS A CE  1 
ATOM   131  C CE  B LYS A 1 50  ? 15.041  -1.555  7.055   0.35 24.09 ? 50  LYS A CE  1 
ATOM   132  N NZ  A LYS A 1 50  ? 17.153  -1.649  6.840   0.65 42.00 ? 50  LYS A NZ  1 
ATOM   133  N NZ  B LYS A 1 50  ? 15.516  -1.473  8.476   0.35 30.60 ? 50  LYS A NZ  1 
ATOM   134  N N   . GLN A 1 51  ? 14.805  0.011   1.319   1.00 17.29 ? 51  GLN A N   1 
ATOM   135  C CA  . GLN A 1 51  ? 15.716  0.462   0.275   1.00 19.65 ? 51  GLN A CA  1 
ATOM   136  C C   . GLN A 1 51  ? 15.077  0.842   -1.026  1.00 20.10 ? 51  GLN A C   1 
ATOM   137  O O   . GLN A 1 51  ? 15.788  1.280   -1.941  1.00 22.23 ? 51  GLN A O   1 
ATOM   138  C CB  . GLN A 1 51  ? 16.812  -0.609  0.006   1.00 21.78 ? 51  GLN A CB  1 
ATOM   139  C CG  . GLN A 1 51  ? 17.656  -0.868  1.199   1.00 29.09 ? 51  GLN A CG  1 
ATOM   140  C CD  . GLN A 1 51  ? 18.722  -1.925  0.904   1.00 46.53 ? 51  GLN A CD  1 
ATOM   141  O OE1 . GLN A 1 51  ? 19.738  -1.622  0.259   1.00 50.68 ? 51  GLN A OE1 1 
ATOM   142  N NE2 . GLN A 1 51  ? 18.485  -3.166  1.342   1.00 45.99 ? 51  GLN A NE2 1 
ATOM   143  N N   . VAL A 1 52  ? 13.768  0.653   -1.185  1.00 17.89 ? 52  VAL A N   1 
ATOM   144  C CA  . VAL A 1 52  ? 13.130  1.043   -2.436  1.00 17.42 ? 52  VAL A CA  1 
ATOM   145  C C   . VAL A 1 52  ? 12.861  2.562   -2.379  1.00 17.79 ? 52  VAL A C   1 
ATOM   146  O O   . VAL A 1 52  ? 12.133  3.018   -1.486  1.00 15.51 ? 52  VAL A O   1 
ATOM   147  C CB  . VAL A 1 52  ? 11.784  0.303   -2.646  1.00 17.95 ? 52  VAL A CB  1 
ATOM   148  C CG1 . VAL A 1 52  ? 11.159  0.666   -3.988  1.00 18.87 ? 52  VAL A CG1 1 
ATOM   149  C CG2 . VAL A 1 52  ? 11.951  -1.245  -2.496  1.00 18.41 ? 52  VAL A CG2 1 
ATOM   150  N N   . PRO A 1 53  ? 13.429  3.345   -3.294  1.00 18.84 ? 53  PRO A N   1 
ATOM   151  C CA  . PRO A 1 53  ? 13.253  4.794   -3.249  1.00 18.59 ? 53  PRO A CA  1 
ATOM   152  C C   . PRO A 1 53  ? 11.822  5.181   -3.624  1.00 17.14 ? 53  PRO A C   1 
ATOM   153  O O   . PRO A 1 53  ? 11.226  4.552   -4.477  1.00 18.15 ? 53  PRO A O   1 
ATOM   154  C CB  . PRO A 1 53  ? 14.237  5.308   -4.326  1.00 21.20 ? 53  PRO A CB  1 
ATOM   155  C CG  . PRO A 1 53  ? 14.313  4.193   -5.278  1.00 25.28 ? 53  PRO A CG  1 
ATOM   156  C CD  . PRO A 1 53  ? 14.303  2.919   -4.419  1.00 20.93 ? 53  PRO A CD  1 
ATOM   157  N N   . ILE A 1 54  ? 11.297  6.236   -3.005  1.00 16.45 ? 54  ILE A N   1 
ATOM   158  C CA  . ILE A 1 54  ? 10.028  6.784   -3.457  1.00 15.73 ? 54  ILE A CA  1 
ATOM   159  C C   . ILE A 1 54  ? 10.306  7.531   -4.751  1.00 17.94 ? 54  ILE A C   1 
ATOM   160  O O   . ILE A 1 54  ? 11.262  8.337   -4.812  1.00 19.42 ? 54  ILE A O   1 
ATOM   161  C CB  . ILE A 1 54  ? 9.468   7.769   -2.374  1.00 16.40 ? 54  ILE A CB  1 
ATOM   162  C CG1 . ILE A 1 54  ? 9.197   7.036   -1.060  1.00 15.82 ? 54  ILE A CG1 1 
ATOM   163  C CG2 . ILE A 1 54  ? 8.237   8.517   -2.899  1.00 17.85 ? 54  ILE A CG2 1 
ATOM   164  C CD1 . ILE A 1 54  ? 7.894   6.140   -1.085  1.00 16.75 ? 54  ILE A CD1 1 
ATOM   165  N N   . PRO A 1 55  ? 9.526   7.285   -5.796  1.00 16.91 ? 55  PRO A N   1 
ATOM   166  C CA  . PRO A 1 55  ? 9.717   8.028   -7.054  1.00 19.27 ? 55  PRO A CA  1 
ATOM   167  C C   . PRO A 1 55  ? 9.635   9.560   -6.835  1.00 20.79 ? 55  PRO A C   1 
ATOM   168  O O   . PRO A 1 55  ? 8.737   10.062  -6.152  1.00 21.83 ? 55  PRO A O   1 
ATOM   169  C CB  . PRO A 1 55  ? 8.563   7.553   -7.932  1.00 20.01 ? 55  PRO A CB  1 
ATOM   170  C CG  . PRO A 1 55  ? 8.228   6.165   -7.401  1.00 18.99 ? 55  PRO A CG  1 
ATOM   171  C CD  . PRO A 1 55  ? 8.436   6.281   -5.874  1.00 16.66 ? 55  PRO A CD  1 
ATOM   172  N N   . THR A 1 56  ? 10.603  10.291  -7.386  1.00 26.22 ? 56  THR A N   1 
ATOM   173  C CA  . THR A 1 56  ? 10.566  11.742  -7.310  1.00 29.35 ? 56  THR A CA  1 
ATOM   174  C C   . THR A 1 56  ? 9.822   12.323  -8.494  1.00 29.09 ? 56  THR A C   1 
ATOM   175  O O   . THR A 1 56  ? 9.162   13.342  -8.358  1.00 32.41 ? 56  THR A O   1 
ATOM   176  C CB  . THR A 1 56  ? 12.010  12.350  -7.223  1.00 31.36 ? 56  THR A CB  1 
ATOM   177  O OG1 . THR A 1 56  ? 12.841  11.740  -8.213  1.00 39.03 ? 56  THR A OG1 1 
ATOM   178  C CG2 . THR A 1 56  ? 12.681  11.953  -5.919  1.00 38.32 ? 56  THR A CG2 1 
ATOM   179  N N   . ASN A 1 57  ? 9.904   11.658  -9.637  1.00 27.63 ? 57  ASN A N   1 
ATOM   180  C CA  . ASN A 1 57  ? 9.177   12.125  -10.820 1.00 29.41 ? 57  ASN A CA  1 
ATOM   181  C C   . ASN A 1 57  ? 7.828   11.441  -10.877 1.00 27.92 ? 57  ASN A C   1 
ATOM   182  O O   . ASN A 1 57  ? 7.759   10.211  -10.820 1.00 30.91 ? 57  ASN A O   1 
ATOM   183  C CB  . ASN A 1 57  ? 9.946   11.809  -12.091 1.00 30.56 ? 57  ASN A CB  1 
ATOM   184  C CG  . ASN A 1 57  ? 11.240  12.604  -12.202 1.00 39.09 ? 57  ASN A CG  1 
ATOM   185  O OD1 . ASN A 1 57  ? 11.275  13.801  -11.930 1.00 43.71 ? 57  ASN A OD1 1 
ATOM   186  N ND2 . ASN A 1 57  ? 12.313  11.927  -12.600 1.00 46.86 ? 57  ASN A ND2 1 
ATOM   187  N N   . ARG A 1 58  ? 6.776   12.235  -10.965 1.00 23.63 ? 58  ARG A N   1 
ATOM   188  C CA  . ARG A 1 58  ? 5.404   11.694  -10.923 1.00 23.01 ? 58  ARG A CA  1 
ATOM   189  C C   . ARG A 1 58  ? 4.738   11.855  -12.279 1.00 24.10 ? 58  ARG A C   1 
ATOM   190  O O   . ARG A 1 58  ? 5.027   12.807  -13.035 1.00 24.50 ? 58  ARG A O   1 
ATOM   191  C CB  . ARG A 1 58  ? 4.597   12.446  -9.877  1.00 24.50 ? 58  ARG A CB  1 
ATOM   192  C CG  . ARG A 1 58  ? 5.237   12.408  -8.473  1.00 25.63 ? 58  ARG A CG  1 
ATOM   193  C CD  . ARG A 1 58  ? 5.207   11.013  -7.846  1.00 27.22 ? 58  ARG A CD  1 
ATOM   194  N NE  . ARG A 1 58  ? 5.989   10.914  -6.597  1.00 22.69 ? 58  ARG A NE  1 
ATOM   195  C CZ  . ARG A 1 58  ? 5.589   11.312  -5.395  1.00 22.28 ? 58  ARG A CZ  1 
ATOM   196  N NH1 . ARG A 1 58  ? 4.390   11.866  -5.185  1.00 22.83 ? 58  ARG A NH1 1 
ATOM   197  N NH2 . ARG A 1 58  ? 6.409   11.139  -4.367  1.00 21.19 ? 58  ARG A NH2 1 
ATOM   198  N N   . GLY A 1 59  ? 3.839   10.923  -12.588 1.00 20.54 ? 59  GLY A N   1 
ATOM   199  C CA  . GLY A 1 59  ? 3.019   11.031  -13.791 1.00 20.20 ? 59  GLY A CA  1 
ATOM   200  C C   . GLY A 1 59  ? 1.808   11.904  -13.605 1.00 20.38 ? 59  GLY A C   1 
ATOM   201  O O   . GLY A 1 59  ? 1.680   12.664  -12.625 1.00 20.77 ? 59  GLY A O   1 
ATOM   202  N N   . SER A 1 60  ? 0.883   11.816  -14.568 1.00 20.40 ? 60  SER A N   1 
ATOM   203  C CA  . SER A 1 60  ? -0.343  12.573  -14.536 1.00 19.30 ? 60  SER A CA  1 
ATOM   204  C C   . SER A 1 60  ? -1.339  11.934  -13.591 1.00 16.77 ? 60  SER A C   1 
ATOM   205  O O   . SER A 1 60  ? -1.158  10.767  -13.146 1.00 17.45 ? 60  SER A O   1 
ATOM   206  C CB  . SER A 1 60  ? -0.961  12.593  -15.955 1.00 22.03 ? 60  SER A CB  1 
ATOM   207  O OG  . SER A 1 60  ? -0.047  13.256  -16.848 1.00 27.03 ? 60  SER A OG  1 
ATOM   208  N N   . LEU A 1 61  ? -2.410  12.676  -13.347 1.00 16.91 ? 61  LEU A N   1 
ATOM   209  C CA  . LEU A 1 61  ? -3.426  12.184  -12.433 1.00 17.63 ? 61  LEU A CA  1 
ATOM   210  C C   . LEU A 1 61  ? -3.997  10.842  -12.893 1.00 16.69 ? 61  LEU A C   1 
ATOM   211  O O   . LEU A 1 61  ? -4.139  10.556  -14.108 1.00 17.66 ? 61  LEU A O   1 
ATOM   212  C CB  . LEU A 1 61  ? -4.477  13.250  -12.159 1.00 19.45 ? 61  LEU A CB  1 
ATOM   213  C CG  . LEU A 1 61  ? -5.529  13.475  -13.242 1.00 19.83 ? 61  LEU A CG  1 
ATOM   214  C CD1 . LEU A 1 61  ? -6.677  12.466  -13.166 1.00 23.43 ? 61  LEU A CD1 1 
ATOM   215  C CD2 . LEU A 1 61  ? -6.090  14.907  -13.065 1.00 27.43 ? 61  LEU A CD2 1 
ATOM   216  N N   . ILE A 1 62  ? -4.261  9.981   -11.917 1.00 15.92 ? 62  ILE A N   1 
ATOM   217  C CA  . ILE A 1 62  ? -4.751  8.618   -12.204 1.00 14.71 ? 62  ILE A CA  1 
ATOM   218  C C   . ILE A 1 62  ? -6.206  8.497   -11.817 1.00 16.00 ? 62  ILE A C   1 
ATOM   219  O O   . ILE A 1 62  ? -6.543  8.443   -10.636 1.00 15.67 ? 62  ILE A O   1 
ATOM   220  C CB  . ILE A 1 62  ? -3.911  7.544   -11.417 1.00 14.54 ? 62  ILE A CB  1 
ATOM   221  C CG1 . ILE A 1 62  ? -2.411  7.657   -11.754 1.00 14.14 ? 62  ILE A CG1 1 
ATOM   222  C CG2 . ILE A 1 62  ? -4.489  6.121   -11.737 1.00 15.45 ? 62  ILE A CG2 1 
ATOM   223  C CD1 . ILE A 1 62  ? -1.479  6.821   -10.813 1.00 14.09 ? 62  ILE A CD1 1 
ATOM   224  N N   . PRO A 1 63  ? -7.126  8.406   -12.776 1.00 14.98 ? 63  PRO A N   1 
ATOM   225  C CA  . PRO A 1 63  ? -8.514  8.175   -12.404 1.00 14.26 ? 63  PRO A CA  1 
ATOM   226  C C   . PRO A 1 63  ? -8.620  6.875   -11.633 1.00 14.77 ? 63  PRO A C   1 
ATOM   227  O O   . PRO A 1 63  ? -7.918  5.894   -11.895 1.00 16.04 ? 63  PRO A O   1 
ATOM   228  C CB  . PRO A 1 63  ? -9.243  8.058   -13.779 1.00 15.71 ? 63  PRO A CB  1 
ATOM   229  C CG  . PRO A 1 63  ? -8.300  8.795   -14.738 1.00 16.71 ? 63  PRO A CG  1 
ATOM   230  C CD  . PRO A 1 63  ? -6.897  8.527   -14.235 1.00 16.16 ? 63  PRO A CD  1 
ATOM   231  N N   . PHE A 1 64  ? -9.497  6.860   -10.623 1.00 14.75 ? 64  PHE A N   1 
ATOM   232  C CA  . PHE A 1 64  ? -9.645  5.665   -9.807  1.00 14.03 ? 64  PHE A CA  1 
ATOM   233  C C   . PHE A 1 64  ? -11.012 5.564   -9.148  1.00 13.15 ? 64  PHE A C   1 
ATOM   234  O O   . PHE A 1 64  ? -11.683 6.594   -8.876  1.00 14.57 ? 64  PHE A O   1 
ATOM   235  C CB  . PHE A 1 64  ? -8.499  5.578   -8.715  1.00 14.08 ? 64  PHE A CB  1 
ATOM   236  C CG  . PHE A 1 64  ? -8.652  6.586   -7.598  1.00 14.42 ? 64  PHE A CG  1 
ATOM   237  C CD1 . PHE A 1 64  ? -8.948  6.128   -6.299  1.00 13.14 ? 64  PHE A CD1 1 
ATOM   238  C CD2 . PHE A 1 64  ? -8.503  7.939   -7.823  1.00 14.25 ? 64  PHE A CD2 1 
ATOM   239  C CE1 . PHE A 1 64  ? -9.078  7.099   -5.216  1.00 14.08 ? 64  PHE A CE1 1 
ATOM   240  C CE2 . PHE A 1 64  ? -8.652  8.899   -6.762  1.00 16.10 ? 64  PHE A CE2 1 
ATOM   241  C CZ  . PHE A 1 64  ? -8.965  8.439   -5.466  1.00 13.26 ? 64  PHE A CZ  1 
ATOM   242  N N   . THR A 1 65  ? -11.393 4.317   -8.887  1.00 13.46 ? 65  THR A N   1 
ATOM   243  C CA  . THR A 1 65  ? -12.662 4.014   -8.228  1.00 14.32 ? 65  THR A CA  1 
ATOM   244  C C   . THR A 1 65  ? -12.519 3.227   -6.970  1.00 15.08 ? 65  THR A C   1 
ATOM   245  O O   . THR A 1 65  ? -13.524 2.940   -6.302  1.00 16.52 ? 65  THR A O   1 
ATOM   246  C CB  . THR A 1 65  ? -13.628 3.253   -9.180  1.00 15.20 ? 65  THR A CB  1 
ATOM   247  O OG1 . THR A 1 65  ? -12.955 2.107   -9.710  1.00 17.90 ? 65  THR A OG1 1 
ATOM   248  C CG2 . THR A 1 65  ? -14.011 4.177   -10.330 1.00 20.92 ? 65  THR A CG2 1 
ATOM   249  N N   . SER A 1 66  ? -11.288 2.841   -6.607  1.00 13.62 ? 66  SER A N   1 
ATOM   250  C CA  . SER A 1 66  ? -11.079 2.247   -5.272  1.00 13.53 ? 66  SER A CA  1 
ATOM   251  C C   . SER A 1 66  ? -9.640  2.562   -4.913  1.00 13.82 ? 66  SER A C   1 
ATOM   252  O O   . SER A 1 66  ? -8.819  2.811   -5.796  1.00 13.81 ? 66  SER A O   1 
ATOM   253  C CB  . SER A 1 66  ? -11.297 0.746   -5.233  1.00 13.83 ? 66  SER A CB  1 
ATOM   254  O OG  . SER A 1 66  ? -10.431 0.049   -6.145  1.00 14.96 ? 66  SER A OG  1 
ATOM   255  N N   . TRP A 1 67  ? -9.321  2.494   -3.617  1.00 13.17 ? 67  TRP A N   1 
ATOM   256  C CA  . TRP A 1 67  ? -7.921  2.690   -3.198  1.00 14.00 ? 67  TRP A CA  1 
ATOM   257  C C   . TRP A 1 67  ? -7.045  1.551   -3.701  1.00 11.86 ? 67  TRP A C   1 
ATOM   258  O O   . TRP A 1 67  ? -5.915  1.785   -4.150  1.00 13.89 ? 67  TRP A O   1 
ATOM   259  C CB  . TRP A 1 67  ? -7.850  2.778   -1.635  1.00 14.14 ? 67  TRP A CB  1 
ATOM   260  C CG  . TRP A 1 67  ? -8.465  4.045   -1.141  1.00 13.44 ? 67  TRP A CG  1 
ATOM   261  C CD1 . TRP A 1 67  ? -9.691  4.193   -0.531  1.00 13.46 ? 67  TRP A CD1 1 
ATOM   262  C CD2 . TRP A 1 67  ? -7.902  5.340   -1.214  1.00 13.27 ? 67  TRP A CD2 1 
ATOM   263  N NE1 . TRP A 1 67  ? -9.929  5.522   -0.239  1.00 12.47 ? 67  TRP A NE1 1 
ATOM   264  C CE2 . TRP A 1 67  ? -8.845  6.249   -0.649  1.00 12.98 ? 67  TRP A CE2 1 
ATOM   265  C CE3 . TRP A 1 67  ? -6.666  5.846   -1.695  1.00 11.73 ? 67  TRP A CE3 1 
ATOM   266  C CZ2 . TRP A 1 67  ? -8.593  7.625   -0.574  1.00 13.21 ? 67  TRP A CZ2 1 
ATOM   267  C CZ3 . TRP A 1 67  ? -6.431  7.197   -1.630  1.00 13.47 ? 67  TRP A CZ3 1 
ATOM   268  C CH2 . TRP A 1 67  ? -7.393  8.077   -1.095  1.00 13.66 ? 67  TRP A CH2 1 
ATOM   269  N N   . VAL A 1 68  ? -7.577  0.328   -3.653  1.00 13.63 ? 68  VAL A N   1 
ATOM   270  C CA  . VAL A 1 68  ? -6.811  -0.805  -4.156  1.00 14.00 ? 68  VAL A CA  1 
ATOM   271  C C   . VAL A 1 68  ? -6.605  -0.637  -5.666  1.00 13.85 ? 68  VAL A C   1 
ATOM   272  O O   . VAL A 1 68  ? -5.491  -0.873  -6.168  1.00 13.10 ? 68  VAL A O   1 
ATOM   273  C CB  . VAL A 1 68  ? -7.449  -2.137  -3.776  1.00 14.40 ? 68  VAL A CB  1 
ATOM   274  C CG1 . VAL A 1 68  ? -6.682  -3.292  -4.406  1.00 16.75 ? 68  VAL A CG1 1 
ATOM   275  C CG2 . VAL A 1 68  ? -7.429  -2.270  -2.242  1.00 19.11 ? 68  VAL A CG2 1 
ATOM   276  N N   . GLY A 1 69  ? -7.639  -0.182  -6.358  1.00 13.77 ? 69  GLY A N   1 
ATOM   277  C CA  . GLY A 1 69  ? -7.512  0.106   -7.789  1.00 14.16 ? 69  GLY A CA  1 
ATOM   278  C C   . GLY A 1 69  ? -6.446  1.125   -8.119  1.00 14.54 ? 69  GLY A C   1 
ATOM   279  O O   . GLY A 1 69  ? -5.635  0.943   -9.054  1.00 14.11 ? 69  GLY A O   1 
ATOM   280  N N   . LEU A 1 70  ? -6.442  2.225   -7.359  1.00 12.42 ? 70  LEU A N   1 
ATOM   281  C CA  . LEU A 1 70  ? -5.404  3.229   -7.542  1.00 12.16 ? 70  LEU A CA  1 
ATOM   282  C C   . LEU A 1 70  ? -4.010  2.629   -7.311  1.00 12.90 ? 70  LEU A C   1 
ATOM   283  O O   . LEU A 1 70  ? -3.056  2.926   -8.035  1.00 13.32 ? 70  LEU A O   1 
ATOM   284  C CB  . LEU A 1 70  ? -5.685  4.417   -6.617  1.00 11.91 ? 70  LEU A CB  1 
ATOM   285  C CG  . LEU A 1 70  ? -4.593  5.488   -6.621  1.00 13.73 ? 70  LEU A CG  1 
ATOM   286  C CD1 . LEU A 1 70  ? -4.349  6.073   -8.029  1.00 14.28 ? 70  LEU A CD1 1 
ATOM   287  C CD2 . LEU A 1 70  ? -5.042  6.633   -5.668  1.00 14.09 ? 70  LEU A CD2 1 
ATOM   288  N N   . SER A 1 71  ? -3.887  1.796   -6.282  1.00 13.57 ? 71  SER A N   1 
ATOM   289  C CA  . SER A 1 71  ? -2.597  1.160   -5.974  1.00 14.53 ? 71  SER A CA  1 
ATOM   290  C C   . SER A 1 71  ? -2.114  0.234   -7.092  1.00 13.43 ? 71  SER A C   1 
ATOM   291  O O   . SER A 1 71  ? -0.917  0.159   -7.371  1.00 14.57 ? 71  SER A O   1 
ATOM   292  C CB  . SER A 1 71  ? -2.651  0.416   -4.624  1.00 14.52 ? 71  SER A CB  1 
ATOM   293  O OG  . SER A 1 71  ? -3.257  -0.861  -4.735  1.00 16.09 ? 71  SER A OG  1 
ATOM   294  N N   . ILE A 1 72  ? -3.065  -0.439  -7.741  1.00 14.03 ? 72  ILE A N   1 
ATOM   295  C CA  . ILE A 1 72  ? -2.693  -1.313  -8.860  1.00 13.73 ? 72  ILE A CA  1 
ATOM   296  C C   . ILE A 1 72  ? -2.180  -0.419  -9.998  1.00 13.24 ? 72  ILE A C   1 
ATOM   297  O O   . ILE A 1 72  ? -1.141  -0.742  -10.586 1.00 14.65 ? 72  ILE A O   1 
ATOM   298  C CB  . ILE A 1 72  ? -3.924  -2.140  -9.278  1.00 14.53 ? 72  ILE A CB  1 
ATOM   299  C CG1 . ILE A 1 72  ? -4.187  -3.253  -8.249  1.00 16.70 ? 72  ILE A CG1 1 
ATOM   300  C CG2 . ILE A 1 72  ? -3.692  -2.754  -10.736 1.00 17.63 ? 72  ILE A CG2 1 
ATOM   301  C CD1 . ILE A 1 72  ? -5.521  -3.945  -8.437  1.00 20.13 ? 72  ILE A CD1 1 
ATOM   302  N N   . SER A 1 73  ? -2.882  0.681   -10.307 1.00 13.48 ? 73  SER A N   1 
ATOM   303  C CA  . SER A 1 73  ? -2.402  1.620   -11.327 1.00 13.61 ? 73  SER A CA  1 
ATOM   304  C C   . SER A 1 73  ? -0.994  2.117   -11.003 1.00 14.66 ? 73  SER A C   1 
ATOM   305  O O   . SER A 1 73  ? -0.114  2.195   -11.863 1.00 15.18 ? 73  SER A O   1 
ATOM   306  C CB  . SER A 1 73  ? -3.312  2.829   -11.489 1.00 15.12 ? 73  SER A CB  1 
ATOM   307  O OG  . SER A 1 73  ? -4.615  2.405   -11.868 1.00 15.45 ? 73  SER A OG  1 
ATOM   308  N N   . MET A 1 74  ? -0.768  2.466   -9.721  1.00 13.35 ? 74  MET A N   1 
ATOM   309  C CA  . MET A 1 74  ? 0.559   2.943   -9.333  1.00 13.95 ? 74  MET A CA  1 
ATOM   310  C C   . MET A 1 74  ? 1.642   1.872   -9.491  1.00 13.67 ? 74  MET A C   1 
ATOM   311  O O   . MET A 1 74  ? 2.754   2.185   -9.948  1.00 14.68 ? 74  MET A O   1 
ATOM   312  C CB  . MET A 1 74  ? 0.519   3.473   -7.867  1.00 13.07 ? 74  MET A CB  1 
ATOM   313  C CG  . MET A 1 74  ? -0.269  4.771   -7.816  1.00 11.34 ? 74  MET A CG  1 
ATOM   314  S SD  . MET A 1 74  ? -0.570  5.228   -6.039  1.00 13.84 ? 74  MET A SD  1 
ATOM   315  C CE  . MET A 1 74  ? 1.153   5.629   -5.551  1.00 13.13 ? 74  MET A CE  1 
ATOM   316  N N   . LYS A 1 75  ? 1.344   0.633   -9.095  1.00 12.99 ? 75  LYS A N   1 
ATOM   317  C CA  . LYS A 1 75  ? 2.277   -0.466  -9.285  1.00 14.57 ? 75  LYS A CA  1 
ATOM   318  C C   . LYS A 1 75  ? 2.563   -0.685  -10.790 1.00 16.50 ? 75  LYS A C   1 
ATOM   319  O O   . LYS A 1 75  ? 3.726   -0.916  -11.126 1.00 17.49 ? 75  LYS A O   1 
ATOM   320  C CB  . LYS A 1 75  ? 1.763   -1.743  -8.644  1.00 15.39 ? 75  LYS A CB  1 
ATOM   321  C CG  . LYS A 1 75  ? 1.714   -1.594  -7.090  1.00 14.76 ? 75  LYS A CG  1 
ATOM   322  C CD  . LYS A 1 75  ? 0.952   -2.743  -6.476  1.00 13.81 ? 75  LYS A CD  1 
ATOM   323  C CE  . LYS A 1 75  ? 0.638   -2.468  -4.968  1.00 13.79 ? 75  LYS A CE  1 
ATOM   324  N NZ  . LYS A 1 75  ? -0.023  -3.664  -4.318  1.00 13.73 ? 75  LYS A NZ  1 
ATOM   325  N N   . GLN A 1 76  ? 1.522   -0.627  -11.621 1.00 15.77 ? 76  GLN A N   1 
ATOM   326  C CA  . GLN A 1 76  ? 1.694   -0.798  -13.085 1.00 16.94 ? 76  GLN A CA  1 
ATOM   327  C C   . GLN A 1 76  ? 2.588   0.309   -13.635 1.00 17.53 ? 76  GLN A C   1 
ATOM   328  O O   . GLN A 1 76  ? 3.545   0.039   -14.407 1.00 19.16 ? 76  GLN A O   1 
ATOM   329  C CB  . GLN A 1 76  ? 0.347   -0.768  -13.818 1.00 15.46 ? 76  GLN A CB  1 
ATOM   330  C CG  . GLN A 1 76  ? -0.547  -1.990  -13.506 1.00 19.66 ? 76  GLN A CG  1 
ATOM   331  C CD  . GLN A 1 76  ? -1.988  -1.808  -13.979 1.00 15.78 ? 76  GLN A CD  1 
ATOM   332  O OE1 . GLN A 1 76  ? -2.579  -0.720  -13.917 1.00 22.08 ? 76  GLN A OE1 1 
ATOM   333  N NE2 . GLN A 1 76  ? -2.561  -2.903  -14.502 1.00 26.47 ? 76  GLN A NE2 1 
ATOM   334  N N   . LEU A 1 77  ? 2.278   1.549   -13.284 1.00 15.88 ? 77  LEU A N   1 
ATOM   335  C CA  . LEU A 1 77  ? 2.923   2.693   -13.934 1.00 15.11 ? 77  LEU A CA  1 
ATOM   336  C C   . LEU A 1 77  ? 4.330   2.948   -13.433 1.00 16.76 ? 77  LEU A C   1 
ATOM   337  O O   . LEU A 1 77  ? 5.213   3.247   -14.237 1.00 19.47 ? 77  LEU A O   1 
ATOM   338  C CB  . LEU A 1 77  ? 2.049   3.955   -13.797 1.00 16.39 ? 77  LEU A CB  1 
ATOM   339  C CG  . LEU A 1 77  ? 0.702   3.878   -14.540 1.00 17.59 ? 77  LEU A CG  1 
ATOM   340  C CD1 . LEU A 1 77  ? -0.115  5.108   -14.202 1.00 17.81 ? 77  LEU A CD1 1 
ATOM   341  C CD2 . LEU A 1 77  ? 0.910   3.801   -16.084 1.00 20.11 ? 77  LEU A CD2 1 
ATOM   342  N N   . TYR A 1 78  ? 4.553   2.828   -12.120 1.00 15.62 ? 78  TYR A N   1 
ATOM   343  C CA  . TYR A 1 78  ? 5.873   3.089   -11.549 1.00 14.79 ? 78  TYR A CA  1 
ATOM   344  C C   . TYR A 1 78  ? 6.737   1.838   -11.381 1.00 16.46 ? 78  TYR A C   1 
ATOM   345  O O   . TYR A 1 78  ? 7.938   1.956   -11.154 1.00 18.78 ? 78  TYR A O   1 
ATOM   346  C CB  . TYR A 1 78  ? 5.705   3.717   -10.154 1.00 14.84 ? 78  TYR A CB  1 
ATOM   347  C CG  . TYR A 1 78  ? 5.164   5.115   -10.220 1.00 14.85 ? 78  TYR A CG  1 
ATOM   348  C CD1 . TYR A 1 78  ? 6.013   6.226   -10.287 1.00 14.85 ? 78  TYR A CD1 1 
ATOM   349  C CD2 . TYR A 1 78  ? 3.767   5.350   -10.157 1.00 14.64 ? 78  TYR A CD2 1 
ATOM   350  C CE1 . TYR A 1 78  ? 5.508   7.529   -10.319 1.00 15.50 ? 78  TYR A CE1 1 
ATOM   351  C CE2 . TYR A 1 78  ? 3.250   6.659   -10.178 1.00 14.75 ? 78  TYR A CE2 1 
ATOM   352  C CZ  . TYR A 1 78  ? 4.137   7.745   -10.239 1.00 14.68 ? 78  TYR A CZ  1 
ATOM   353  O OH  . TYR A 1 78  ? 3.618   9.014   -10.265 1.00 16.08 ? 78  TYR A OH  1 
ATOM   354  N N   . GLY A 1 79  ? 6.133   0.660   -11.453 1.00 15.28 ? 79  GLY A N   1 
ATOM   355  C CA  . GLY A 1 79  ? 6.855   -0.593  -11.328 1.00 18.03 ? 79  GLY A CA  1 
ATOM   356  C C   . GLY A 1 79  ? 7.550   -0.834  -10.021 1.00 19.96 ? 79  GLY A C   1 
ATOM   357  O O   . GLY A 1 79  ? 8.677   -1.376  -10.002 1.00 22.23 ? 79  GLY A O   1 
ATOM   358  N N   . GLN A 1 80  ? 6.926   -0.406  -8.929  1.00 17.30 ? 80  GLN A N   1 
ATOM   359  C CA  . GLN A 1 80  ? 7.457   -0.705  -7.595  1.00 16.90 ? 80  GLN A CA  1 
ATOM   360  C C   . GLN A 1 80  ? 6.380   -1.372  -6.753  1.00 15.06 ? 80  GLN A C   1 
ATOM   361  O O   . GLN A 1 80  ? 5.184   -1.087  -6.957  1.00 15.59 ? 80  GLN A O   1 
ATOM   362  C CB  . GLN A 1 80  ? 7.725   0.606   -6.829  1.00 20.44 ? 80  GLN A CB  1 
ATOM   363  C CG  . GLN A 1 80  ? 8.822   1.384   -7.354  1.00 23.57 ? 80  GLN A CG  1 
ATOM   364  C CD  . GLN A 1 80  ? 9.215   2.502   -6.409  1.00 21.22 ? 80  GLN A CD  1 
ATOM   365  O OE1 . GLN A 1 80  ? 8.568   2.760   -5.357  1.00 17.22 ? 80  GLN A OE1 1 
ATOM   366  N NE2 . GLN A 1 80  ? 10.296  3.158   -6.771  1.00 20.55 ? 80  GLN A NE2 1 
ATOM   367  N N   . PRO A 1 81  ? 6.784   -2.216  -5.808  1.00 15.25 ? 81  PRO A N   1 
ATOM   368  C CA  . PRO A 1 81  ? 5.836   -2.765  -4.821  1.00 13.98 ? 81  PRO A CA  1 
ATOM   369  C C   . PRO A 1 81  ? 5.420   -1.696  -3.819  1.00 13.83 ? 81  PRO A C   1 
ATOM   370  O O   . PRO A 1 81  ? 6.124   -0.699  -3.626  1.00 15.25 ? 81  PRO A O   1 
ATOM   371  C CB  . PRO A 1 81  ? 6.669   -3.825  -4.074  1.00 15.98 ? 81  PRO A CB  1 
ATOM   372  C CG  . PRO A 1 81  ? 8.110   -3.262  -4.146  1.00 15.82 ? 81  PRO A CG  1 
ATOM   373  C CD  . PRO A 1 81  ? 8.176   -2.668  -5.554  1.00 16.06 ? 81  PRO A CD  1 
ATOM   374  N N   . LEU A 1 82  ? 4.267   -1.944  -3.212  1.00 12.78 ? 82  LEU A N   1 
ATOM   375  C CA  . LEU A 1 82  ? 3.921   -1.158  -2.019  1.00 11.32 ? 82  LEU A CA  1 
ATOM   376  C C   . LEU A 1 82  ? 3.998   -2.067  -0.829  1.00 13.31 ? 82  LEU A C   1 
ATOM   377  O O   . LEU A 1 82  ? 3.921   -3.299  -0.924  1.00 14.99 ? 82  LEU A O   1 
ATOM   378  C CB  . LEU A 1 82  ? 2.517   -0.537  -2.153  1.00 11.16 ? 82  LEU A CB  1 
ATOM   379  C CG  . LEU A 1 82  ? 2.340   0.449   -3.310  1.00 11.15 ? 82  LEU A CG  1 
ATOM   380  C CD1 . LEU A 1 82  ? 0.893   0.991   -3.357  1.00 14.71 ? 82  LEU A CD1 1 
ATOM   381  C CD2 . LEU A 1 82  ? 3.308   1.662   -3.231  1.00 13.50 ? 82  LEU A CD2 1 
ATOM   382  N N   . HIS A 1 83  ? 4.161   -1.468  0.344   1.00 11.93 ? 83  HIS A N   1 
ATOM   383  C CA  . HIS A 1 83  ? 4.395   -2.226  1.556   1.00 11.54 ? 83  HIS A CA  1 
ATOM   384  C C   . HIS A 1 83  ? 3.121   -2.908  2.055   1.00 11.22 ? 83  HIS A C   1 
ATOM   385  O O   . HIS A 1 83  ? 2.007   -2.389  1.855   1.00 12.07 ? 83  HIS A O   1 
ATOM   386  C CB  . HIS A 1 83  ? 4.857   -1.185  2.632   1.00 13.75 ? 83  HIS A CB  1 
ATOM   387  C CG  . HIS A 1 83  ? 5.503   -1.775  3.854   1.00 11.53 ? 83  HIS A CG  1 
ATOM   388  N ND1 . HIS A 1 83  ? 4.807   -2.323  4.910   1.00 13.38 ? 83  HIS A ND1 1 
ATOM   389  C CD2 . HIS A 1 83  ? 6.817   -1.847  4.188   1.00 14.25 ? 83  HIS A CD2 1 
ATOM   390  C CE1 . HIS A 1 83  ? 5.666   -2.703  5.852   1.00 13.82 ? 83  HIS A CE1 1 
ATOM   391  N NE2 . HIS A 1 83  ? 6.894   -2.453  5.415   1.00 12.60 ? 83  HIS A NE2 1 
ATOM   392  N N   . TYR A 1 84  ? 3.301   -4.058  2.714   1.00 11.54 ? 84  TYR A N   1 
ATOM   393  C CA  . TYR A 1 84  ? 2.227   -4.748  3.422   1.00 11.94 ? 84  TYR A CA  1 
ATOM   394  C C   . TYR A 1 84  ? 1.298   -3.752  4.158   1.00 13.04 ? 84  TYR A C   1 
ATOM   395  O O   . TYR A 1 84  ? 0.089   -3.825  4.025   1.00 12.23 ? 84  TYR A O   1 
ATOM   396  C CB  . TYR A 1 84  ? 2.842   -5.751  4.414   1.00 13.59 ? 84  TYR A CB  1 
ATOM   397  C CG  . TYR A 1 84  ? 1.853   -6.332  5.397   1.00 13.24 ? 84  TYR A CG  1 
ATOM   398  C CD1 . TYR A 1 84  ? 1.137   -7.497  5.095   1.00 14.10 ? 84  TYR A CD1 1 
ATOM   399  C CD2 . TYR A 1 84  ? 1.627   -5.717  6.643   1.00 14.00 ? 84  TYR A CD2 1 
ATOM   400  C CE1 . TYR A 1 84  ? 0.215   -8.039  6.005   1.00 13.79 ? 84  TYR A CE1 1 
ATOM   401  C CE2 . TYR A 1 84  ? 0.735   -6.270  7.569   1.00 13.70 ? 84  TYR A CE2 1 
ATOM   402  C CZ  . TYR A 1 84  ? 0.025   -7.398  7.251   1.00 14.93 ? 84  TYR A CZ  1 
ATOM   403  O OH  . TYR A 1 84  ? -0.869  -7.921  8.180   1.00 17.63 ? 84  TYR A OH  1 
ATOM   404  N N   . LEU A 1 85  ? 1.902   -2.823  4.927   1.00 12.54 ? 85  LEU A N   1 
ATOM   405  C CA  . LEU A 1 85  ? 1.086   -1.920  5.731   1.00 12.05 ? 85  LEU A CA  1 
ATOM   406  C C   . LEU A 1 85  ? 0.297   -0.969  4.862   1.00 12.02 ? 85  LEU A C   1 
ATOM   407  O O   . LEU A 1 85  ? -0.825  -0.587  5.245   1.00 11.56 ? 85  LEU A O   1 
ATOM   408  C CB  . LEU A 1 85  ? 1.961   -1.101  6.699   1.00 11.73 ? 85  LEU A CB  1 
ATOM   409  C CG  . LEU A 1 85  ? 2.695   -1.976  7.728   1.00 12.07 ? 85  LEU A CG  1 
ATOM   410  C CD1 . LEU A 1 85  ? 3.694   -1.089  8.478   1.00 13.66 ? 85  LEU A CD1 1 
ATOM   411  C CD2 . LEU A 1 85  ? 1.719   -2.590  8.708   1.00 14.40 ? 85  LEU A CD2 1 
ATOM   412  N N   . THR A 1 86  ? 0.826   -0.633  3.671   1.00 10.61 ? 86  THR A N   1 
ATOM   413  C CA  . THR A 1 86  ? 0.083   0.217   2.744   1.00 10.87 ? 86  THR A CA  1 
ATOM   414  C C   . THR A 1 86  ? -1.067  -0.571  2.111   1.00 10.95 ? 86  THR A C   1 
ATOM   415  O O   . THR A 1 86  ? -2.198  -0.105  2.060   1.00 11.47 ? 86  THR A O   1 
ATOM   416  C CB  . THR A 1 86  ? 1.021   0.724   1.657   1.00 11.10 ? 86  THR A CB  1 
ATOM   417  O OG1 . THR A 1 86  ? 2.092   1.475   2.292   1.00 11.39 ? 86  THR A OG1 1 
ATOM   418  C CG2 . THR A 1 86  ? 0.291   1.687   0.694   1.00 12.56 ? 86  THR A CG2 1 
ATOM   419  N N   . ASN A 1 87  ? -0.752  -1.782  1.651   1.00 11.24 ? 87  ASN A N   1 
ATOM   420  C CA  . ASN A 1 87  ? -1.835  -2.591  1.053   1.00 10.84 ? 87  ASN A CA  1 
ATOM   421  C C   . ASN A 1 87  ? -2.984  -2.885  2.029   1.00 11.30 ? 87  ASN A C   1 
ATOM   422  O O   . ASN A 1 87  ? -4.156  -2.838  1.628   1.00 12.90 ? 87  ASN A O   1 
ATOM   423  C CB  . ASN A 1 87  ? -1.225  -3.893  0.515   1.00 11.74 ? 87  ASN A CB  1 
ATOM   424  C CG  . ASN A 1 87  ? -0.293  -3.643  -0.659  1.00 12.59 ? 87  ASN A CG  1 
ATOM   425  O OD1 . ASN A 1 87  ? -0.587  -2.819  -1.531  1.00 13.60 ? 87  ASN A OD1 1 
ATOM   426  N ND2 . ASN A 1 87  ? 0.826   -4.368  -0.715  1.00 12.21 ? 87  ASN A ND2 1 
ATOM   427  N N   . VAL A 1 88  ? -2.660  -3.108  3.310   1.00 11.18 ? 88  VAL A N   1 
ATOM   428  C CA  . VAL A 1 88  ? -3.693  -3.329  4.314   1.00 11.52 ? 88  VAL A CA  1 
ATOM   429  C C   . VAL A 1 88  ? -4.488  -2.039  4.529   1.00 11.83 ? 88  VAL A C   1 
ATOM   430  O O   . VAL A 1 88  ? -5.720  -2.079  4.587   1.00 12.44 ? 88  VAL A O   1 
ATOM   431  C CB  . VAL A 1 88  ? -3.054  -3.798  5.645   1.00 11.36 ? 88  VAL A CB  1 
ATOM   432  C CG1 . VAL A 1 88  ? -4.077  -3.741  6.775   1.00 12.66 ? 88  VAL A CG1 1 
ATOM   433  C CG2 . VAL A 1 88  ? -2.499  -5.221  5.488   1.00 12.86 ? 88  VAL A CG2 1 
ATOM   434  N N   . LEU A 1 89  ? -3.798  -0.907  4.680   1.00 10.96 ? 89  LEU A N   1 
ATOM   435  C CA  . LEU A 1 89  ? -4.503  0.355   4.880   1.00 11.79 ? 89  LEU A CA  1 
ATOM   436  C C   . LEU A 1 89  ? -5.457  0.703   3.731   1.00 11.59 ? 89  LEU A C   1 
ATOM   437  O O   . LEU A 1 89  ? -6.592  1.135   3.979   1.00 12.65 ? 89  LEU A O   1 
ATOM   438  C CB  . LEU A 1 89  ? -3.467  1.476   5.125   1.00 12.26 ? 89  LEU A CB  1 
ATOM   439  C CG  . LEU A 1 89  ? -4.057  2.870   5.313   1.00 10.65 ? 89  LEU A CG  1 
ATOM   440  C CD1 . LEU A 1 89  ? -4.971  2.959   6.563   1.00 12.24 ? 89  LEU A CD1 1 
ATOM   441  C CD2 . LEU A 1 89  ? -2.855  3.854   5.446   1.00 13.14 ? 89  LEU A CD2 1 
ATOM   442  N N   . LEU A 1 90  ? -5.001  0.510   2.479   1.00 11.32 ? 90  LEU A N   1 
ATOM   443  C CA  . LEU A 1 90  ? -5.853  0.848   1.351   1.00 11.63 ? 90  LEU A CA  1 
ATOM   444  C C   . LEU A 1 90  ? -7.101  -0.047  1.332   1.00 11.82 ? 90  LEU A C   1 
ATOM   445  O O   . LEU A 1 90  ? -8.210  0.462   1.047   1.00 13.19 ? 90  LEU A O   1 
ATOM   446  C CB  . LEU A 1 90  ? -5.050  0.649   0.050   1.00 11.95 ? 90  LEU A CB  1 
ATOM   447  C CG  . LEU A 1 90  ? -3.855  1.560   -0.055  1.00 15.69 ? 90  LEU A CG  1 
ATOM   448  C CD1 . LEU A 1 90  ? -3.170  1.359   -1.403  1.00 18.96 ? 90  LEU A CD1 1 
ATOM   449  C CD2 . LEU A 1 90  ? -4.205  3.008   0.131   1.00 20.38 ? 90  LEU A CD2 1 
ATOM   450  N N   . GLN A 1 91  ? -6.943  -1.340  1.640   1.00 12.95 ? 91  GLN A N   1 
ATOM   451  C CA  . GLN A 1 91  ? -8.123  -2.210  1.713   1.00 13.23 ? 91  GLN A CA  1 
ATOM   452  C C   . GLN A 1 91  ? -9.076  -1.773  2.811   1.00 13.43 ? 91  GLN A C   1 
ATOM   453  O O   . GLN A 1 91  ? -10.303 -1.714  2.581   1.00 13.79 ? 91  GLN A O   1 
ATOM   454  C CB  . GLN A 1 91  ? -7.692  -3.658  1.886   1.00 15.09 ? 91  GLN A CB  1 
ATOM   455  C CG  A GLN A 1 91  ? -8.898  -4.634  2.017   0.65 22.65 ? 91  GLN A CG  1 
ATOM   456  C CG  B GLN A 1 91  ? -8.936  -4.562  1.959   0.35 14.46 ? 91  GLN A CG  1 
ATOM   457  C CD  A GLN A 1 91  ? -9.681  -4.798  0.719   0.65 30.94 ? 91  GLN A CD  1 
ATOM   458  C CD  B GLN A 1 91  ? -8.588  -6.010  1.921   0.35 16.78 ? 91  GLN A CD  1 
ATOM   459  O OE1 A GLN A 1 91  ? -9.190  -4.478  -0.364  0.65 37.82 ? 91  GLN A OE1 1 
ATOM   460  O OE1 B GLN A 1 91  ? -8.125  -6.508  0.892   0.35 20.52 ? 91  GLN A OE1 1 
ATOM   461  N NE2 A GLN A 1 91  ? -10.900 -5.331  0.824   0.65 38.80 ? 91  GLN A NE2 1 
ATOM   462  N NE2 B GLN A 1 91  ? -8.775  -6.694  3.043   0.35 17.08 ? 91  GLN A NE2 1 
ATOM   463  N N   . ARG A 1 92  ? -8.522  -1.327  3.944   1.00 12.08 ? 92  ARG A N   1 
ATOM   464  C CA  . ARG A 1 92  ? -9.408  -0.833  5.009   1.00 12.68 ? 92  ARG A CA  1 
ATOM   465  C C   . ARG A 1 92  ? -10.125 0.442   4.597   1.00 12.98 ? 92  ARG A C   1 
ATOM   466  O O   . ARG A 1 92  ? -11.313 0.633   4.932   1.00 13.89 ? 92  ARG A O   1 
ATOM   467  C CB  . ARG A 1 92  ? -8.615  -0.582  6.291   1.00 13.30 ? 92  ARG A CB  1 
ATOM   468  C CG  . ARG A 1 92  ? -8.099  -1.908  6.917   1.00 15.38 ? 92  ARG A CG  1 
ATOM   469  C CD  . ARG A 1 92  ? -7.285  -1.704  8.171   1.00 18.81 ? 92  ARG A CD  1 
ATOM   470  N NE  . ARG A 1 92  ? -7.207  -3.004  8.865   1.00 25.67 ? 92  ARG A NE  1 
ATOM   471  C CZ  . ARG A 1 92  ? -6.268  -3.383  9.710   1.00 27.89 ? 92  ARG A CZ  1 
ATOM   472  N NH1 . ARG A 1 92  ? -5.213  -2.611  9.988   1.00 24.96 ? 92  ARG A NH1 1 
ATOM   473  N NH2 . ARG A 1 92  ? -6.374  -4.599  10.255  1.00 26.84 ? 92  ARG A NH2 1 
ATOM   474  N N   . TRP A 1 93  ? -9.463  1.341   3.871   1.00 11.88 ? 93  TRP A N   1 
ATOM   475  C CA  . TRP A 1 93  ? -10.143 2.536   3.407   1.00 10.66 ? 93  TRP A CA  1 
ATOM   476  C C   . TRP A 1 93  ? -11.294 2.177   2.440   1.00 12.77 ? 93  TRP A C   1 
ATOM   477  O O   . TRP A 1 93  ? -12.346 2.804   2.493   1.00 12.81 ? 93  TRP A O   1 
ATOM   478  C CB  . TRP A 1 93  ? -9.181  3.504   2.682   1.00 12.00 ? 93  TRP A CB  1 
ATOM   479  C CG  . TRP A 1 93  ? -8.349  4.358   3.618   1.00 11.33 ? 93  TRP A CG  1 
ATOM   480  C CD1 . TRP A 1 93  ? -8.622  4.687   4.921   1.00 12.79 ? 93  TRP A CD1 1 
ATOM   481  C CD2 . TRP A 1 93  ? -7.101  4.969   3.304   1.00 11.20 ? 93  TRP A CD2 1 
ATOM   482  N NE1 . TRP A 1 93  ? -7.628  5.506   5.434   1.00 11.73 ? 93  TRP A NE1 1 
ATOM   483  C CE2 . TRP A 1 93  ? -6.670  5.675   4.463   1.00 11.12 ? 93  TRP A CE2 1 
ATOM   484  C CE3 . TRP A 1 93  ? -6.306  5.019   2.149   1.00 12.15 ? 93  TRP A CE3 1 
ATOM   485  C CZ2 . TRP A 1 93  ? -5.473  6.403   4.510   1.00 13.50 ? 93  TRP A CZ2 1 
ATOM   486  C CZ3 . TRP A 1 93  ? -5.106  5.724   2.187   1.00 13.71 ? 93  TRP A CZ3 1 
ATOM   487  C CH2 . TRP A 1 93  ? -4.698  6.421   3.373   1.00 14.41 ? 93  TRP A CH2 1 
ATOM   488  N N   . ASP A 1 94  ? -11.075 1.210   1.562   1.00 13.14 ? 94  ASP A N   1 
ATOM   489  C CA  . ASP A 1 94  ? -12.172 0.769   0.676   1.00 12.54 ? 94  ASP A CA  1 
ATOM   490  C C   . ASP A 1 94  ? -13.313 0.138   1.472   1.00 13.86 ? 94  ASP A C   1 
ATOM   491  O O   . ASP A 1 94  ? -14.498 0.496   1.235   1.00 15.39 ? 94  ASP A O   1 
ATOM   492  C CB  . ASP A 1 94  ? -11.638 -0.240  -0.343  1.00 13.74 ? 94  ASP A CB  1 
ATOM   493  C CG  . ASP A 1 94  ? -10.913 0.415   -1.480  1.00 13.11 ? 94  ASP A CG  1 
ATOM   494  O OD1 . ASP A 1 94  ? -11.159 1.595   -1.836  1.00 13.76 ? 94  ASP A OD1 1 
ATOM   495  O OD2 . ASP A 1 94  ? -10.048 -0.247  -2.077  1.00 13.89 ? 94  ASP A OD2 1 
ATOM   496  N N   . GLN A 1 95  ? -12.962 -0.706  2.439   1.00 15.03 ? 95  GLN A N   1 
ATOM   497  C CA  . GLN A 1 95  ? -14.000 -1.403  3.235   1.00 15.69 ? 95  GLN A CA  1 
ATOM   498  C C   . GLN A 1 95  ? -14.822 -0.402  4.004   1.00 16.83 ? 95  GLN A C   1 
ATOM   499  O O   . GLN A 1 95  ? -16.026 -0.625  4.240   1.00 16.79 ? 95  GLN A O   1 
ATOM   500  C CB  . GLN A 1 95  ? -13.360 -2.369  4.203   1.00 16.63 ? 95  GLN A CB  1 
ATOM   501  C CG  . GLN A 1 95  ? -12.848 -3.574  3.493   1.00 21.70 ? 95  GLN A CG  1 
ATOM   502  C CD  . GLN A 1 95  ? -12.021 -4.478  4.391   1.00 30.34 ? 95  GLN A CD  1 
ATOM   503  O OE1 . GLN A 1 95  ? -11.467 -4.050  5.443   1.00 30.50 ? 95  GLN A OE1 1 
ATOM   504  N NE2 . GLN A 1 95  ? -11.894 -5.723  3.965   1.00 33.37 ? 95  GLN A NE2 1 
ATOM   505  N N   . SER A 1 96  ? -14.188 0.701   4.401   1.00 14.04 ? 96  SER A N   1 
ATOM   506  C CA  . SER A 1 96  ? -14.878 1.685   5.245   1.00 14.60 ? 96  SER A CA  1 
ATOM   507  C C   . SER A 1 96  ? -16.037 2.397   4.573   1.00 15.99 ? 96  SER A C   1 
ATOM   508  O O   . SER A 1 96  ? -16.897 2.998   5.240   1.00 17.03 ? 96  SER A O   1 
ATOM   509  C CB  . SER A 1 96  ? -13.838 2.712   5.790   1.00 13.66 ? 96  SER A CB  1 
ATOM   510  O OG  . SER A 1 96  ? -13.547 3.696   4.808   1.00 14.55 ? 96  SER A OG  1 
ATOM   511  N N   . ARG A 1 97  ? -16.096 2.341   3.240   1.00 14.44 ? 97  ARG A N   1 
ATOM   512  C CA  . ARG A 1 97  ? -17.133 3.070   2.523   1.00 15.80 ? 97  ARG A CA  1 
ATOM   513  C C   . ARG A 1 97  ? -18.431 2.270   2.503   1.00 17.41 ? 97  ARG A C   1 
ATOM   514  O O   . ARG A 1 97  ? -19.473 2.861   2.225   1.00 19.70 ? 97  ARG A O   1 
ATOM   515  C CB  . ARG A 1 97  ? -16.716 3.291   1.070   1.00 15.07 ? 97  ARG A CB  1 
ATOM   516  C CG  . ARG A 1 97  ? -15.384 4.103   0.958   1.00 15.98 ? 97  ARG A CG  1 
ATOM   517  C CD  . ARG A 1 97  ? -15.008 4.345   -0.505  1.00 16.30 ? 97  ARG A CD  1 
ATOM   518  N NE  . ARG A 1 97  ? -16.003 5.192   -1.144  1.00 16.89 ? 97  ARG A NE  1 
ATOM   519  C CZ  . ARG A 1 97  ? -16.265 5.161   -2.453  1.00 19.17 ? 97  ARG A CZ  1 
ATOM   520  N NH1 . ARG A 1 97  ? -15.596 4.330   -3.259  1.00 18.58 ? 97  ARG A NH1 1 
ATOM   521  N NH2 . ARG A 1 97  ? -17.192 5.984   -2.944  1.00 20.00 ? 97  ARG A NH2 1 
ATOM   522  N N   . PHE A 1 98  ? -18.355 0.989   2.818   1.00 18.42 ? 98  PHE A N   1 
ATOM   523  C CA  . PHE A 1 98  ? -19.547 0.134   2.680   1.00 22.06 ? 98  PHE A CA  1 
ATOM   524  C C   . PHE A 1 98  ? -20.564 0.436   3.756   1.00 24.02 ? 98  PHE A C   1 
ATOM   525  O O   . PHE A 1 98  ? -20.209 0.747   4.903   1.00 23.20 ? 98  PHE A O   1 
ATOM   526  C CB  . PHE A 1 98  ? -19.147 -1.321  2.561   1.00 24.65 ? 98  PHE A CB  1 
ATOM   527  C CG  . PHE A 1 98  ? -18.576 -1.645  1.181   1.00 34.21 ? 98  PHE A CG  1 
ATOM   528  C CD1 . PHE A 1 98  ? -17.236 -1.375  0.875   1.00 34.33 ? 98  PHE A CD1 1 
ATOM   529  C CD2 . PHE A 1 98  ? -19.406 -2.146  0.164   1.00 40.04 ? 98  PHE A CD2 1 
ATOM   530  C CE1 . PHE A 1 98  ? -16.719 -1.638  -0.402  1.00 42.34 ? 98  PHE A CE1 1 
ATOM   531  C CE2 . PHE A 1 98  ? -18.895 -2.416  -1.127  1.00 41.48 ? 98  PHE A CE2 1 
ATOM   532  C CZ  . PHE A 1 98  ? -17.549 -2.171  -1.406  1.00 43.72 ? 98  PHE A CZ  1 
ATOM   533  N N   . GLY A 1 99  ? -21.833 0.396   3.354   1.00 27.43 ? 99  GLY A N   1 
ATOM   534  C CA  . GLY A 1 99  ? -22.907 0.610   4.309   1.00 29.40 ? 99  GLY A CA  1 
ATOM   535  C C   . GLY A 1 99  ? -23.385 2.034   4.276   1.00 32.89 ? 99  GLY A C   1 
ATOM   536  O O   . GLY A 1 99  ? -24.224 2.440   5.089   1.00 35.13 ? 99  GLY A O   1 
ATOM   537  N N   . THR A 1 100 ? -22.847 2.823   3.359   1.00 34.81 ? 100 THR A N   1 
ATOM   538  C CA  . THR A 1 100 ? -23.238 4.211   3.279   1.00 38.23 ? 100 THR A CA  1 
ATOM   539  C C   . THR A 1 100 ? -24.697 4.363   2.829   1.00 41.69 ? 100 THR A C   1 
ATOM   540  O O   . THR A 1 100 ? -25.210 3.559   2.027   1.00 41.10 ? 100 THR A O   1 
ATOM   541  C CB  . THR A 1 100 ? -22.301 4.983   2.344   1.00 38.69 ? 100 THR A CB  1 
ATOM   542  O OG1 . THR A 1 100 ? -22.709 6.358   2.299   1.00 43.22 ? 100 THR A OG1 1 
ATOM   543  C CG2 . THR A 1 100 ? -22.441 4.508   0.891   1.00 36.85 ? 100 THR A CG2 1 
ATOM   544  N N   . ASP A 1 101 ? -25.348 5.401   3.356   1.00 44.39 ? 101 ASP A N   1 
ATOM   545  C CA  . ASP A 1 101 ? -26.701 5.777   2.941   1.00 47.29 ? 101 ASP A CA  1 
ATOM   546  C C   . ASP A 1 101 ? -26.702 6.457   1.577   1.00 48.44 ? 101 ASP A C   1 
ATOM   547  O O   . ASP A 1 101 ? -27.733 6.500   0.911   1.00 48.49 ? 101 ASP A O   1 
ATOM   548  C CB  . ASP A 1 101 ? -27.337 6.728   3.963   1.00 48.09 ? 101 ASP A CB  1 
ATOM   549  C CG  . ASP A 1 101 ? -27.630 6.056   5.285   1.00 49.86 ? 101 ASP A CG  1 
ATOM   550  O OD1 . ASP A 1 101 ? -27.868 4.825   5.296   1.00 50.92 ? 101 ASP A OD1 1 
ATOM   551  O OD2 . ASP A 1 101 ? -27.647 6.692   6.364   1.00 51.74 ? 101 ASP A OD2 1 
ATOM   552  N N   . SER A 1 102 ? -25.551 6.993   1.166   1.00 48.50 ? 102 SER A N   1 
ATOM   553  C CA  . SER A 1 102 ? -25.480 7.753   -0.078  1.00 48.82 ? 102 SER A CA  1 
ATOM   554  C C   . SER A 1 102 ? -25.581 6.834   -1.295  1.00 48.02 ? 102 SER A C   1 
ATOM   555  O O   . SER A 1 102 ? -25.328 5.632   -1.200  1.00 46.41 ? 102 SER A O   1 
ATOM   556  C CB  . SER A 1 102 ? -24.197 8.590   -0.126  1.00 49.32 ? 102 SER A CB  1 
ATOM   557  O OG  . SER A 1 102 ? -23.078 7.758   -0.361  1.00 53.48 ? 102 SER A OG  1 
ATOM   558  N N   . GLU A 1 103 ? -25.970 7.407   -2.433  1.00 49.15 ? 103 GLU A N   1 
ATOM   559  C CA  . GLU A 1 103 ? -25.922 6.693   -3.711  1.00 49.58 ? 103 GLU A CA  1 
ATOM   560  C C   . GLU A 1 103 ? -24.461 6.459   -4.091  1.00 47.36 ? 103 GLU A C   1 
ATOM   561  O O   . GLU A 1 103 ? -23.586 7.200   -3.645  1.00 47.53 ? 103 GLU A O   1 
ATOM   562  C CB  . GLU A 1 103 ? -26.620 7.500   -4.814  1.00 50.82 ? 103 GLU A CB  1 
ATOM   563  C CG  . GLU A 1 103 ? -28.140 7.571   -4.693  1.00 59.58 ? 103 GLU A CG  1 
ATOM   564  C CD  . GLU A 1 103 ? -28.813 6.213   -4.823  1.00 66.39 ? 103 GLU A CD  1 
ATOM   565  O OE1 . GLU A 1 103 ? -28.760 5.621   -5.927  1.00 70.16 ? 103 GLU A OE1 1 
ATOM   566  O OE2 . GLU A 1 103 ? -29.393 5.736   -3.820  1.00 69.92 ? 103 GLU A OE2 1 
ATOM   567  N N   . GLU A 1 104 ? -24.219 5.439   -4.912  1.00 45.42 ? 104 GLU A N   1 
ATOM   568  C CA  . GLU A 1 104 ? -22.890 5.134   -5.442  1.00 43.95 ? 104 GLU A CA  1 
ATOM   569  C C   . GLU A 1 104 ? -22.240 6.362   -6.084  1.00 40.14 ? 104 GLU A C   1 
ATOM   570  O O   . GLU A 1 104 ? -22.874 7.097   -6.843  1.00 40.49 ? 104 GLU A O   1 
ATOM   571  C CB  . GLU A 1 104 ? -22.961 3.993   -6.471  1.00 45.68 ? 104 GLU A CB  1 
ATOM   572  C CG  . GLU A 1 104 ? -23.847 2.825   -6.073  1.00 53.59 ? 104 GLU A CG  1 
ATOM   573  C CD  . GLU A 1 104 ? -23.214 1.922   -5.023  1.00 63.44 ? 104 GLU A CD  1 
ATOM   574  O OE1 . GLU A 1 104 ? -21.974 1.997   -4.817  1.00 65.17 ? 104 GLU A OE1 1 
ATOM   575  O OE2 . GLU A 1 104 ? -23.961 1.130   -4.400  1.00 66.94 ? 104 GLU A OE2 1 
ATOM   576  N N   . GLN A 1 105 ? -20.969 6.587   -5.766  1.00 34.32 ? 105 GLN A N   1 
ATOM   577  C CA  . GLN A 1 105 ? -20.252 7.752   -6.257  1.00 29.02 ? 105 GLN A CA  1 
ATOM   578  C C   . GLN A 1 105 ? -18.816 7.301   -6.526  1.00 24.86 ? 105 GLN A C   1 
ATOM   579  O O   . GLN A 1 105 ? -18.272 6.552   -5.724  1.00 23.29 ? 105 GLN A O   1 
ATOM   580  C CB  . GLN A 1 105 ? -20.243 8.794   -5.156  1.00 31.62 ? 105 GLN A CB  1 
ATOM   581  C CG  . GLN A 1 105 ? -19.591 10.079  -5.523  1.00 37.76 ? 105 GLN A CG  1 
ATOM   582  C CD  . GLN A 1 105 ? -19.767 11.165  -4.466  1.00 44.50 ? 105 GLN A CD  1 
ATOM   583  O OE1 . GLN A 1 105 ? -20.145 10.884  -3.322  1.00 47.97 ? 105 GLN A OE1 1 
ATOM   584  N NE2 . GLN A 1 105 ? -19.486 12.408  -4.852  1.00 43.89 ? 105 GLN A NE2 1 
ATOM   585  N N   . ARG A 1 106 ? -18.215 7.728   -7.642  1.00 22.08 ? 106 ARG A N   1 
ATOM   586  C CA  . ARG A 1 106 ? -16.804 7.369   -7.871  1.00 19.76 ? 106 ARG A CA  1 
ATOM   587  C C   . ARG A 1 106 ? -15.956 7.948   -6.740  1.00 16.40 ? 106 ARG A C   1 
ATOM   588  O O   . ARG A 1 106 ? -16.048 9.103   -6.389  1.00 18.79 ? 106 ARG A O   1 
ATOM   589  C CB  . ARG A 1 106 ? -16.274 7.996   -9.165  1.00 18.71 ? 106 ARG A CB  1 
ATOM   590  C CG  . ARG A 1 106 ? -16.813 7.309   -10.459 1.00 20.47 ? 106 ARG A CG  1 
ATOM   591  C CD  . ARG A 1 106 ? -16.237 7.945   -11.696 1.00 21.28 ? 106 ARG A CD  1 
ATOM   592  N NE  . ARG A 1 106 ? -14.779 7.848   -11.766 1.00 19.80 ? 106 ARG A NE  1 
ATOM   593  C CZ  . ARG A 1 106 ? -14.100 6.921   -12.459 1.00 20.32 ? 106 ARG A CZ  1 
ATOM   594  N NH1 . ARG A 1 106 ? -14.735 5.978   -13.183 1.00 21.94 ? 106 ARG A NH1 1 
ATOM   595  N NH2 . ARG A 1 106 ? -12.760 6.935   -12.445 1.00 18.53 ? 106 ARG A NH2 1 
ATOM   596  N N   . LEU A 1 107 ? -15.039 7.125   -6.251  1.00 17.69 ? 107 LEU A N   1 
ATOM   597  C CA  . LEU A 1 107 ? -14.081 7.631   -5.252  1.00 16.87 ? 107 LEU A CA  1 
ATOM   598  C C   . LEU A 1 107 ? -13.315 8.871   -5.712  1.00 16.80 ? 107 LEU A C   1 
ATOM   599  O O   . LEU A 1 107 ? -13.041 9.784   -4.876  1.00 17.01 ? 107 LEU A O   1 
ATOM   600  C CB  . LEU A 1 107 ? -13.135 6.493   -4.855  1.00 15.45 ? 107 LEU A CB  1 
ATOM   601  C CG  . LEU A 1 107 ? -12.168 6.781   -3.669  1.00 12.84 ? 107 LEU A CG  1 
ATOM   602  C CD1 . LEU A 1 107 ? -12.950 7.220   -2.406  1.00 14.77 ? 107 LEU A CD1 1 
ATOM   603  C CD2 . LEU A 1 107 ? -11.452 5.443   -3.438  1.00 14.42 ? 107 LEU A CD2 1 
ATOM   604  N N   . ASP A 1 108 ? -12.921 8.959   -6.993  1.00 15.34 ? 108 ASP A N   1 
ATOM   605  C CA  . ASP A 1 108 ? -12.222 10.139  -7.439  1.00 15.48 ? 108 ASP A CA  1 
ATOM   606  C C   . ASP A 1 108 ? -13.076 11.426  -7.619  1.00 17.32 ? 108 ASP A C   1 
ATOM   607  O O   . ASP A 1 108 ? -12.533 12.464  -7.938  1.00 20.69 ? 108 ASP A O   1 
ATOM   608  C CB  . ASP A 1 108 ? -11.325 9.849   -8.666  1.00 15.61 ? 108 ASP A CB  1 
ATOM   609  C CG  . ASP A 1 108 ? -12.111 9.462   -9.901  1.00 18.52 ? 108 ASP A CG  1 
ATOM   610  O OD1 . ASP A 1 108 ? -13.359 9.479   -9.874  1.00 19.04 ? 108 ASP A OD1 1 
ATOM   611  O OD2 . ASP A 1 108 ? -11.477 9.045   -10.893 1.00 17.94 ? 108 ASP A OD2 1 
ATOM   612  N N   . SER A 1 109 ? -14.368 11.325  -7.333  1.00 17.74 ? 109 SER A N   1 
ATOM   613  C CA  . SER A 1 109 ? -15.241 12.501  -7.221  1.00 19.98 ? 109 SER A CA  1 
ATOM   614  C C   . SER A 1 109 ? -15.217 13.025  -5.788  1.00 20.48 ? 109 SER A C   1 
ATOM   615  O O   . SER A 1 109 ? -15.693 14.150  -5.527  1.00 22.05 ? 109 SER A O   1 
ATOM   616  C CB  A SER A 1 109 ? -16.675 12.220  -7.696  0.65 20.68 ? 109 SER A CB  1 
ATOM   617  C CB  B SER A 1 109 ? -16.702 12.133  -7.525  0.35 19.95 ? 109 SER A CB  1 
ATOM   618  O OG  A SER A 1 109 ? -17.391 11.429  -6.779  0.65 21.01 ? 109 SER A OG  1 
ATOM   619  O OG  B SER A 1 109 ? -16.900 11.711  -8.859  0.35 21.58 ? 109 SER A OG  1 
ATOM   620  N N   . ILE A 1 110 ? -14.671 12.220  -4.868  1.00 18.19 ? 110 ILE A N   1 
ATOM   621  C CA  . ILE A 1 110 ? -14.563 12.631  -3.442  1.00 17.08 ? 110 ILE A CA  1 
ATOM   622  C C   . ILE A 1 110 ? -13.149 13.087  -3.084  1.00 16.90 ? 110 ILE A C   1 
ATOM   623  O O   . ILE A 1 110 ? -12.958 14.134  -2.462  1.00 17.37 ? 110 ILE A O   1 
ATOM   624  C CB  . ILE A 1 110 ? -14.995 11.494  -2.509  1.00 18.01 ? 110 ILE A CB  1 
ATOM   625  C CG1 . ILE A 1 110 ? -16.415 11.010  -2.859  1.00 20.89 ? 110 ILE A CG1 1 
ATOM   626  C CG2 . ILE A 1 110 ? -14.931 11.942  -1.016  1.00 17.32 ? 110 ILE A CG2 1 
ATOM   627  C CD1 . ILE A 1 110 ? -16.822 9.748   -2.158  1.00 22.61 ? 110 ILE A CD1 1 
ATOM   628  N N   . ILE A 1 111 ? -12.158 12.266  -3.467  1.00 17.56 ? 111 ILE A N   1 
ATOM   629  C CA  . ILE A 1 111 ? -10.764 12.595  -3.193  1.00 16.40 ? 111 ILE A CA  1 
ATOM   630  C C   . ILE A 1 111 ? -10.094 12.755  -4.555  1.00 15.16 ? 111 ILE A C   1 
ATOM   631  O O   . ILE A 1 111 ? -10.118 11.822  -5.361  1.00 16.57 ? 111 ILE A O   1 
ATOM   632  C CB  . ILE A 1 111 ? -10.092 11.425  -2.403  1.00 16.15 ? 111 ILE A CB  1 
ATOM   633  C CG1 . ILE A 1 111 ? -10.855 11.095  -1.102  1.00 17.48 ? 111 ILE A CG1 1 
ATOM   634  C CG2 . ILE A 1 111 ? -8.634  11.745  -2.116  1.00 18.19 ? 111 ILE A CG2 1 
ATOM   635  C CD1 . ILE A 1 111 ? -10.862 12.252  -0.033  1.00 21.95 ? 111 ILE A CD1 1 
ATOM   636  N N   . HIS A 1 112 ? -9.502  13.904  -4.807  1.00 15.46 ? 112 HIS A N   1 
ATOM   637  C CA  . HIS A 1 112 ? -8.903  14.166  -6.111  1.00 15.93 ? 112 HIS A CA  1 
ATOM   638  C C   . HIS A 1 112 ? -7.737  13.203  -6.355  1.00 15.71 ? 112 HIS A C   1 
ATOM   639  O O   . HIS A 1 112 ? -6.932  12.954  -5.437  1.00 14.54 ? 112 HIS A O   1 
ATOM   640  C CB  . HIS A 1 112 ? -8.347  15.566  -6.137  1.00 17.82 ? 112 HIS A CB  1 
ATOM   641  C CG  . HIS A 1 112 ? -7.918  16.003  -7.504  1.00 19.34 ? 112 HIS A CG  1 
ATOM   642  N ND1 . HIS A 1 112 ? -6.727  15.625  -8.086  1.00 19.48 ? 112 HIS A ND1 1 
ATOM   643  C CD2 . HIS A 1 112 ? -8.539  16.804  -8.411  1.00 26.07 ? 112 HIS A CD2 1 
ATOM   644  C CE1 . HIS A 1 112 ? -6.625  16.167  -9.287  1.00 23.35 ? 112 HIS A CE1 1 
ATOM   645  N NE2 . HIS A 1 112 ? -7.717  16.883  -9.511  1.00 27.04 ? 112 HIS A NE2 1 
ATOM   646  N N   . PRO A 1 113 ? -7.617  12.615  -7.537  1.00 15.32 ? 113 PRO A N   1 
ATOM   647  C CA  . PRO A 1 113 ? -6.518  11.674  -7.798  1.00 14.89 ? 113 PRO A CA  1 
ATOM   648  C C   . PRO A 1 113 ? -5.090  12.162  -7.487  1.00 14.41 ? 113 PRO A C   1 
ATOM   649  O O   . PRO A 1 113 ? -4.263  11.314  -7.070  1.00 14.68 ? 113 PRO A O   1 
ATOM   650  C CB  . PRO A 1 113 ? -6.640  11.410  -9.343  1.00 15.96 ? 113 PRO A CB  1 
ATOM   651  C CG  . PRO A 1 113 ? -8.102  11.534  -9.548  1.00 18.10 ? 113 PRO A CG  1 
ATOM   652  C CD  . PRO A 1 113 ? -8.579  12.688  -8.678  1.00 16.82 ? 113 PRO A CD  1 
ATOM   653  N N   . THR A 1 114 ? -4.779  13.443  -7.668  1.00 14.76 ? 114 THR A N   1 
ATOM   654  C CA  . THR A 1 114 ? -3.453  13.954  -7.342  1.00 15.71 ? 114 THR A CA  1 
ATOM   655  C C   . THR A 1 114 ? -3.219  13.848  -5.843  1.00 16.13 ? 114 THR A C   1 
ATOM   656  O O   . THR A 1 114 ? -2.141  13.419  -5.406  1.00 15.80 ? 114 THR A O   1 
ATOM   657  C CB  . THR A 1 114 ? -3.360  15.409  -7.814  1.00 17.22 ? 114 THR A CB  1 
ATOM   658  O OG1 . THR A 1 114 ? -3.432  15.397  -9.267  1.00 18.93 ? 114 THR A OG1 1 
ATOM   659  C CG2 . THR A 1 114 ? -1.981  15.951  -7.513  1.00 20.18 ? 114 THR A CG2 1 
ATOM   660  N N   . LYS A 1 115 ? -4.234  14.229  -5.066  1.00 16.06 ? 115 LYS A N   1 
ATOM   661  C CA  . LYS A 1 115 ? -4.128  14.111  -3.600  1.00 15.33 ? 115 LYS A CA  1 
ATOM   662  C C   . LYS A 1 115 ? -4.099  12.648  -3.157  1.00 14.94 ? 115 LYS A C   1 
ATOM   663  O O   . LYS A 1 115 ? -3.359  12.273  -2.244  1.00 13.45 ? 115 LYS A O   1 
ATOM   664  C CB  . LYS A 1 115 ? -5.280  14.852  -2.922  1.00 16.40 ? 115 LYS A CB  1 
ATOM   665  C CG  . LYS A 1 115 ? -5.114  16.371  -3.123  1.00 19.49 ? 115 LYS A CG  1 
ATOM   666  C CD  A LYS A 1 115 ? -6.139  17.160  -2.298  0.65 26.34 ? 115 LYS A CD  1 
ATOM   667  C CD  B LYS A 1 115 ? -6.411  17.121  -2.831  0.35 19.34 ? 115 LYS A CD  1 
ATOM   668  C CE  A LYS A 1 115 ? -6.226  18.639  -2.719  0.65 26.30 ? 115 LYS A CE  1 
ATOM   669  C CE  B LYS A 1 115 ? -6.705  17.157  -1.332  0.35 21.92 ? 115 LYS A CE  1 
ATOM   670  N NZ  A LYS A 1 115 ? -7.578  19.270  -2.411  0.65 32.44 ? 115 LYS A NZ  1 
ATOM   671  N NZ  B LYS A 1 115 ? -5.498  17.392  -0.502  0.35 28.74 ? 115 LYS A NZ  1 
ATOM   672  N N   . ALA A 1 116 ? -4.921  11.815  -3.798  1.00 13.25 ? 116 ALA A N   1 
ATOM   673  C CA  . ALA A 1 116 ? -4.969  10.411  -3.447  1.00 12.83 ? 116 ALA A CA  1 
ATOM   674  C C   . ALA A 1 116 ? -3.625  9.742   -3.672  1.00 12.35 ? 116 ALA A C   1 
ATOM   675  O O   . ALA A 1 116 ? -3.127  8.998   -2.801  1.00 11.97 ? 116 ALA A O   1 
ATOM   676  C CB  . ALA A 1 116 ? -6.083  9.696   -4.311  1.00 12.48 ? 116 ALA A CB  1 
ATOM   677  N N   . GLU A 1 117 ? -3.038  9.940   -4.854  1.00 12.81 ? 117 GLU A N   1 
ATOM   678  C CA  . GLU A 1 117 ? -1.722  9.329   -5.147  1.00 12.67 ? 117 GLU A CA  1 
ATOM   679  C C   . GLU A 1 117 ? -0.657  9.869   -4.179  1.00 12.48 ? 117 GLU A C   1 
ATOM   680  O O   . GLU A 1 117 ? 0.159   9.107   -3.679  1.00 13.02 ? 117 GLU A O   1 
ATOM   681  C CB  . GLU A 1 117 ? -1.329  9.625   -6.615  1.00 13.65 ? 117 GLU A CB  1 
ATOM   682  C CG  . GLU A 1 117 ? -0.003  8.946   -6.943  1.00 13.25 ? 117 GLU A CG  1 
ATOM   683  C CD  . GLU A 1 117 ? 0.551   9.244   -8.328  1.00 15.23 ? 117 GLU A CD  1 
ATOM   684  O OE1 . GLU A 1 117 ? -0.219  9.727   -9.186  1.00 14.91 ? 117 GLU A OE1 1 
ATOM   685  O OE2 . GLU A 1 117 ? 1.751   8.972   -8.505  1.00 16.31 ? 117 GLU A OE2 1 
ATOM   686  N N   . ALA A 1 118 ? -0.689  11.179  -3.915  1.00 12.17 ? 118 ALA A N   1 
ATOM   687  C CA  . ALA A 1 118 ? 0.259   11.765  -2.950  1.00 12.15 ? 118 ALA A CA  1 
ATOM   688  C C   . ALA A 1 118 ? 0.119   11.123  -1.591  1.00 12.26 ? 118 ALA A C   1 
ATOM   689  O O   . ALA A 1 118 ? 1.124   10.863  -0.953  1.00 13.23 ? 118 ALA A O   1 
ATOM   690  C CB  . ALA A 1 118 ? 0.006   13.271  -2.817  1.00 12.73 ? 118 ALA A CB  1 
ATOM   691  N N   . THR A 1 119 ? -1.131  10.878  -1.163  1.00 11.91 ? 119 THR A N   1 
ATOM   692  C CA  . THR A 1 119 ? -1.360  10.214  0.124   1.00 11.81 ? 119 THR A CA  1 
ATOM   693  C C   . THR A 1 119 ? -0.705  8.861   0.158   1.00 12.00 ? 119 THR A C   1 
ATOM   694  O O   . THR A 1 119 ? -0.045  8.493   1.145   1.00 12.42 ? 119 THR A O   1 
ATOM   695  C CB  . THR A 1 119 ? -2.872  10.054  0.398   1.00 11.96 ? 119 THR A CB  1 
ATOM   696  O OG1 . THR A 1 119 ? -3.492  11.341  0.324   1.00 12.53 ? 119 THR A OG1 1 
ATOM   697  C CG2 . THR A 1 119 ? -3.090  9.551   1.828   1.00 13.87 ? 119 THR A CG2 1 
ATOM   698  N N   . ILE A 1 120 ? -0.908  8.079   -0.918  1.00 10.69 ? 120 ILE A N   1 
ATOM   699  C CA  . ILE A 1 120 ? -0.324  6.758   -0.928  1.00 11.26 ? 120 ILE A CA  1 
ATOM   700  C C   . ILE A 1 120 ? 1.215   6.830   -0.882  1.00 11.50 ? 120 ILE A C   1 
ATOM   701  O O   . ILE A 1 120 ? 1.835   6.066   -0.124  1.00 11.52 ? 120 ILE A O   1 
ATOM   702  C CB  . ILE A 1 120 ? -0.806  5.986   -2.187  1.00 10.92 ? 120 ILE A CB  1 
ATOM   703  C CG1 . ILE A 1 120 ? -2.299  5.720   -1.997  1.00 11.45 ? 120 ILE A CG1 1 
ATOM   704  C CG2 . ILE A 1 120 ? -0.031  4.650   -2.278  1.00 12.77 ? 120 ILE A CG2 1 
ATOM   705  C CD1 . ILE A 1 120 ? -2.957  5.013   -3.238  1.00 12.59 ? 120 ILE A CD1 1 
ATOM   706  N N   . TRP A 1 121 ? 1.854   7.739   -1.628  1.00 12.12 ? 121 TRP A N   1 
ATOM   707  C CA  . TRP A 1 121 ? 3.304   7.791   -1.551  1.00 11.62 ? 121 TRP A CA  1 
ATOM   708  C C   . TRP A 1 121 ? 3.789   8.244   -0.175  1.00 12.15 ? 121 TRP A C   1 
ATOM   709  O O   . TRP A 1 121 ? 4.835   7.752   0.279   1.00 12.45 ? 121 TRP A O   1 
ATOM   710  C CB  . TRP A 1 121 ? 3.882   8.732   -2.615  1.00 12.52 ? 121 TRP A CB  1 
ATOM   711  C CG  . TRP A 1 121 ? 3.822   8.184   -4.024  1.00 11.75 ? 121 TRP A CG  1 
ATOM   712  C CD1 . TRP A 1 121 ? 3.263   8.811   -5.116  1.00 14.11 ? 121 TRP A CD1 1 
ATOM   713  C CD2 . TRP A 1 121 ? 4.384   6.953   -4.505  1.00 12.50 ? 121 TRP A CD2 1 
ATOM   714  N NE1 . TRP A 1 121 ? 3.440   8.031   -6.237  1.00 13.71 ? 121 TRP A NE1 1 
ATOM   715  C CE2 . TRP A 1 121 ? 4.110   6.892   -5.896  1.00 14.28 ? 121 TRP A CE2 1 
ATOM   716  C CE3 . TRP A 1 121 ? 5.060   5.870   -3.898  1.00 14.49 ? 121 TRP A CE3 1 
ATOM   717  C CZ2 . TRP A 1 121 ? 4.504   5.805   -6.695  1.00 14.30 ? 121 TRP A CZ2 1 
ATOM   718  C CZ3 . TRP A 1 121 ? 5.422   4.763   -4.702  1.00 15.31 ? 121 TRP A CZ3 1 
ATOM   719  C CH2 . TRP A 1 121 ? 5.138   4.769   -6.094  1.00 14.10 ? 121 TRP A CH2 1 
ATOM   720  N N   . LEU A 1 122 ? 3.029   9.138   0.473   1.00 11.76 ? 122 LEU A N   1 
ATOM   721  C CA  . LEU A 1 122 ? 3.409   9.565   1.835   1.00 11.32 ? 122 LEU A CA  1 
ATOM   722  C C   . LEU A 1 122 ? 3.313   8.432   2.851   1.00 11.94 ? 122 LEU A C   1 
ATOM   723  O O   . LEU A 1 122 ? 4.246   8.242   3.682   1.00 13.02 ? 122 LEU A O   1 
ATOM   724  C CB  . LEU A 1 122 ? 2.540   10.778  2.256   1.00 11.68 ? 122 LEU A CB  1 
ATOM   725  C CG  . LEU A 1 122 ? 3.021   12.036  1.515   1.00 12.75 ? 122 LEU A CG  1 
ATOM   726  C CD1 . LEU A 1 122 ? 1.949   13.146  1.602   1.00 13.69 ? 122 LEU A CD1 1 
ATOM   727  C CD2 . LEU A 1 122 ? 4.349   12.612  2.060   1.00 14.72 ? 122 LEU A CD2 1 
ATOM   728  N N   . VAL A 1 123 ? 2.191   7.691   2.837   1.00 12.08 ? 123 VAL A N   1 
ATOM   729  C CA  . VAL A 1 123 ? 2.080   6.602   3.789   1.00 11.25 ? 123 VAL A CA  1 
ATOM   730  C C   . VAL A 1 123 ? 3.089   5.505   3.452   1.00 10.85 ? 123 VAL A C   1 
ATOM   731  O O   . VAL A 1 123 ? 3.654   4.869   4.348   1.00 11.19 ? 123 VAL A O   1 
ATOM   732  C CB  A VAL A 1 123 ? 0.644   6.085   3.779   0.65 13.51 ? 123 VAL A CB  1 
ATOM   733  C CB  B VAL A 1 123 ? 0.640   5.970   3.989   0.35 10.61 ? 123 VAL A CB  1 
ATOM   734  C CG1 A VAL A 1 123 ? 0.497   4.970   4.695   0.65 21.69 ? 123 VAL A CG1 1 
ATOM   735  C CG1 B VAL A 1 123 ? -0.378  6.998   4.557   0.35 10.44 ? 123 VAL A CG1 1 
ATOM   736  C CG2 A VAL A 1 123 ? -0.341  7.250   4.167   0.65 11.69 ? 123 VAL A CG2 1 
ATOM   737  C CG2 B VAL A 1 123 ? 0.122   5.265   2.718   0.35 5.30  ? 123 VAL A CG2 1 
ATOM   738  N N   . GLU A 1 124 ? 3.319   5.268   2.147   1.00 10.93 ? 124 GLU A N   1 
ATOM   739  C CA  . GLU A 1 124 ? 4.305   4.255   1.757   1.00 10.75 ? 124 GLU A CA  1 
ATOM   740  C C   . GLU A 1 124 ? 5.706   4.600   2.296   1.00 11.57 ? 124 GLU A C   1 
ATOM   741  O O   . GLU A 1 124 ? 6.387   3.704   2.781   1.00 12.55 ? 124 GLU A O   1 
ATOM   742  C CB  . GLU A 1 124 ? 4.342   4.173   0.233   1.00 11.80 ? 124 GLU A CB  1 
ATOM   743  C CG  . GLU A 1 124 ? 5.372   3.161   -0.323  1.00 11.96 ? 124 GLU A CG  1 
ATOM   744  C CD  . GLU A 1 124 ? 5.070   1.715   0.061   1.00 12.22 ? 124 GLU A CD  1 
ATOM   745  O OE1 . GLU A 1 124 ? 3.943   1.387   0.498   1.00 13.24 ? 124 GLU A OE1 1 
ATOM   746  O OE2 . GLU A 1 124 ? 5.990   0.896   -0.097  1.00 12.41 ? 124 GLU A OE2 1 
ATOM   747  N N   . GLU A 1 125 ? 6.081   5.890   2.229   1.00 12.09 ? 125 GLU A N   1 
ATOM   748  C CA  . GLU A 1 125 ? 7.403   6.301   2.748   1.00 12.50 ? 125 GLU A CA  1 
ATOM   749  C C   . GLU A 1 125 ? 7.495   6.047   4.256   1.00 13.25 ? 125 GLU A C   1 
ATOM   750  O O   . GLU A 1 125 ? 8.512   5.549   4.756   1.00 12.89 ? 125 GLU A O   1 
ATOM   751  C CB  . GLU A 1 125 ? 7.645   7.756   2.444   1.00 12.16 ? 125 GLU A CB  1 
ATOM   752  C CG  . GLU A 1 125 ? 9.121   8.129   2.785   1.00 14.11 ? 125 GLU A CG  1 
ATOM   753  C CD  . GLU A 1 125 ? 9.544   9.388   2.097   1.00 18.98 ? 125 GLU A CD  1 
ATOM   754  O OE1 . GLU A 1 125 ? 8.725   10.261  1.775   1.00 16.97 ? 125 GLU A OE1 1 
ATOM   755  O OE2 . GLU A 1 125 ? 10.765  9.463   1.827   1.00 25.92 ? 125 GLU A OE2 1 
ATOM   756  N N   . ILE A 1 126 ? 6.397   6.293   4.974   1.00 11.88 ? 126 ILE A N   1 
ATOM   757  C CA  . ILE A 1 126 ? 6.391   5.989   6.416   1.00 11.03 ? 126 ILE A CA  1 
ATOM   758  C C   . ILE A 1 126 ? 6.623   4.488   6.633   1.00 12.59 ? 126 ILE A C   1 
ATOM   759  O O   . ILE A 1 126 ? 7.390   4.045   7.494   1.00 12.48 ? 126 ILE A O   1 
ATOM   760  C CB  . ILE A 1 126 ? 5.081   6.441   7.082   1.00 10.80 ? 126 ILE A CB  1 
ATOM   761  C CG1 . ILE A 1 126 ? 5.028   7.971   7.044   1.00 13.03 ? 126 ILE A CG1 1 
ATOM   762  C CG2 . ILE A 1 126 ? 4.974   5.926   8.552   1.00 12.64 ? 126 ILE A CG2 1 
ATOM   763  C CD1 . ILE A 1 126 ? 3.572   8.543   7.314   1.00 13.73 ? 126 ILE A CD1 1 
ATOM   764  N N   . HIS A 1 127 ? 5.909   3.673   5.849   1.00 12.48 ? 127 HIS A N   1 
ATOM   765  C CA  . HIS A 1 127 ? 6.007   2.240   6.021   1.00 11.70 ? 127 HIS A CA  1 
ATOM   766  C C   . HIS A 1 127 ? 7.328   1.641   5.547   1.00 13.01 ? 127 HIS A C   1 
ATOM   767  O O   . HIS A 1 127 ? 7.777   0.622   6.116   1.00 13.49 ? 127 HIS A O   1 
ATOM   768  C CB  . HIS A 1 127 ? 4.848   1.591   5.247   1.00 11.57 ? 127 HIS A CB  1 
ATOM   769  C CG  . HIS A 1 127 ? 3.496   1.916   5.839   1.00 11.91 ? 127 HIS A CG  1 
ATOM   770  N ND1 . HIS A 1 127 ? 2.347   1.941   5.086   1.00 12.28 ? 127 HIS A ND1 1 
ATOM   771  C CD2 . HIS A 1 127 ? 3.117   2.203   7.120   1.00 12.82 ? 127 HIS A CD2 1 
ATOM   772  C CE1 . HIS A 1 127 ? 1.303   2.218   5.871   1.00 13.69 ? 127 HIS A CE1 1 
ATOM   773  N NE2 . HIS A 1 127 ? 1.749   2.385   7.108   1.00 13.47 ? 127 HIS A NE2 1 
ATOM   774  N N   . ARG A 1 128 ? 7.986   2.286   4.602   1.00 13.40 ? 128 ARG A N   1 
ATOM   775  C CA  . ARG A 1 128 ? 9.339   1.857   4.202   1.00 14.19 ? 128 ARG A CA  1 
ATOM   776  C C   . ARG A 1 128 ? 10.400  2.238   5.241   1.00 15.53 ? 128 ARG A C   1 
ATOM   777  O O   . ARG A 1 128 ? 11.306  1.470   5.494   1.00 16.66 ? 128 ARG A O   1 
ATOM   778  C CB  . ARG A 1 128 ? 9.729   2.448   2.858   1.00 13.26 ? 128 ARG A CB  1 
ATOM   779  C CG  . ARG A 1 128 ? 8.925   1.811   1.713   1.00 13.17 ? 128 ARG A CG  1 
ATOM   780  C CD  . ARG A 1 128 ? 9.331   2.380   0.339   1.00 13.48 ? 128 ARG A CD  1 
ATOM   781  N NE  . ARG A 1 128 ? 8.440   1.853   -0.724  1.00 13.00 ? 128 ARG A NE  1 
ATOM   782  C CZ  . ARG A 1 128 ? 8.482   2.234   -1.997  1.00 14.68 ? 128 ARG A CZ  1 
ATOM   783  N NH1 . ARG A 1 128 ? 9.426   3.095   -2.443  1.00 14.64 ? 128 ARG A NH1 1 
ATOM   784  N NH2 . ARG A 1 128 ? 7.561   1.749   -2.862  1.00 12.99 ? 128 ARG A NH2 1 
ATOM   785  N N   . LEU A 1 129 ? 10.262  3.418   5.847   1.00 14.09 ? 129 LEU A N   1 
ATOM   786  C CA  . LEU A 1 129 ? 11.366  3.958   6.647   1.00 14.47 ? 129 LEU A CA  1 
ATOM   787  C C   . LEU A 1 129 ? 11.250  3.801   8.130   1.00 17.04 ? 129 LEU A C   1 
ATOM   788  O O   . LEU A 1 129 ? 12.261  4.008   8.825   1.00 19.98 ? 129 LEU A O   1 
ATOM   789  C CB  . LEU A 1 129 ? 11.533  5.463   6.341   1.00 14.67 ? 129 LEU A CB  1 
ATOM   790  C CG  . LEU A 1 129 ? 11.882  5.835   4.908   1.00 14.71 ? 129 LEU A CG  1 
ATOM   791  C CD1 . LEU A 1 129 ? 12.093  7.331   4.810   1.00 17.27 ? 129 LEU A CD1 1 
ATOM   792  C CD2 . LEU A 1 129 ? 13.162  5.067   4.478   1.00 17.60 ? 129 LEU A CD2 1 
ATOM   793  N N   . THR A 1 130 ? 10.078  3.474   8.658   1.00 13.09 ? 130 THR A N   1 
ATOM   794  C CA  . THR A 1 130 ? 9.910   3.489   10.123  1.00 14.05 ? 130 THR A CA  1 
ATOM   795  C C   . THR A 1 130 ? 9.637   2.208   10.892  1.00 14.83 ? 130 THR A C   1 
ATOM   796  O O   . THR A 1 130 ? 10.027  2.159   12.068  1.00 17.10 ? 130 THR A O   1 
ATOM   797  C CB  . THR A 1 130 ? 8.901   4.564   10.622  1.00 13.68 ? 130 THR A CB  1 
ATOM   798  O OG1 . THR A 1 130 ? 7.558   4.242   10.177  1.00 13.69 ? 130 THR A OG1 1 
ATOM   799  C CG2 . THR A 1 130 ? 9.271   5.914   10.114  1.00 15.00 ? 130 THR A CG2 1 
ATOM   800  N N   . PRO A 1 131 ? 8.949   1.184   10.383  1.00 14.29 ? 131 PRO A N   1 
ATOM   801  C CA  . PRO A 1 131 ? 8.551   0.062   11.241  1.00 14.82 ? 131 PRO A CA  1 
ATOM   802  C C   . PRO A 1 131 ? 9.716   -0.911  11.438  1.00 15.65 ? 131 PRO A C   1 
ATOM   803  O O   . PRO A 1 131 ? 10.560  -1.075  10.554  1.00 17.19 ? 131 PRO A O   1 
ATOM   804  C CB  . PRO A 1 131 ? 7.419   -0.636  10.467  1.00 16.38 ? 131 PRO A CB  1 
ATOM   805  C CG  . PRO A 1 131 ? 7.711   -0.329  9.053   1.00 16.47 ? 131 PRO A CG  1 
ATOM   806  C CD  . PRO A 1 131 ? 8.435   1.037   9.005   1.00 14.61 ? 131 PRO A CD  1 
ATOM   807  N N   . SER A 1 132 ? 9.742   -1.526  12.598  1.00 16.55 ? 132 SER A N   1 
ATOM   808  C CA  . SER A 1 132 ? 10.773  -2.546  12.847  1.00 16.35 ? 132 SER A CA  1 
ATOM   809  C C   . SER A 1 132 ? 10.342  -3.880  12.258  1.00 16.93 ? 132 SER A C   1 
ATOM   810  O O   . SER A 1 132 ? 9.140   -4.192  12.121  1.00 16.30 ? 132 SER A O   1 
ATOM   811  C CB  . SER A 1 132 ? 10.977  -2.692  14.359  1.00 16.10 ? 132 SER A CB  1 
ATOM   812  O OG  . SER A 1 132 ? 9.876   -3.343  14.958  1.00 17.86 ? 132 SER A OG  1 
ATOM   813  N N   . HIS A 1 133 ? 11.341  -4.706  11.933  1.00 18.25 ? 133 HIS A N   1 
ATOM   814  C CA  . HIS A 1 133 ? 10.971  -6.061  11.484  1.00 18.60 ? 133 HIS A CA  1 
ATOM   815  C C   . HIS A 1 133 ? 10.335  -6.907  12.572  1.00 19.60 ? 133 HIS A C   1 
ATOM   816  O O   . HIS A 1 133 ? 9.453   -7.729  12.297  1.00 19.75 ? 133 HIS A O   1 
ATOM   817  C CB  . HIS A 1 133 ? 12.142  -6.769  10.797  1.00 20.38 ? 133 HIS A CB  1 
ATOM   818  C CG  . HIS A 1 133 ? 13.204  -7.248  11.730  1.00 25.47 ? 133 HIS A CG  1 
ATOM   819  N ND1 . HIS A 1 133 ? 14.372  -6.543  11.948  1.00 28.68 ? 133 HIS A ND1 1 
ATOM   820  C CD2 . HIS A 1 133 ? 13.306  -8.394  12.451  1.00 29.99 ? 133 HIS A CD2 1 
ATOM   821  C CE1 . HIS A 1 133 ? 15.129  -7.220  12.799  1.00 32.35 ? 133 HIS A CE1 1 
ATOM   822  N NE2 . HIS A 1 133 ? 14.507  -8.343  13.116  1.00 31.00 ? 133 HIS A NE2 1 
ATOM   823  N N   . LEU A 1 134 ? 10.699  -6.664  13.833  1.00 19.44 ? 134 LEU A N   1 
ATOM   824  C CA  . LEU A 1 134 ? 9.985   -7.312  14.930  1.00 21.03 ? 134 LEU A CA  1 
ATOM   825  C C   . LEU A 1 134 ? 8.499   -6.988  14.923  1.00 20.18 ? 134 LEU A C   1 
ATOM   826  O O   . LEU A 1 134 ? 7.632   -7.858  15.068  1.00 20.21 ? 134 LEU A O   1 
ATOM   827  C CB  A LEU A 1 134 ? 10.605  -6.942  16.299  0.65 22.78 ? 134 LEU A CB  1 
ATOM   828  C CB  B LEU A 1 134 ? 10.610  -6.876  16.266  0.35 21.95 ? 134 LEU A CB  1 
ATOM   829  C CG  A LEU A 1 134 ? 9.776   -7.358  17.524  0.65 26.28 ? 134 LEU A CG  1 
ATOM   830  C CG  B LEU A 1 134 ? 11.589  -7.835  16.940  0.35 26.26 ? 134 LEU A CG  1 
ATOM   831  C CD1 A LEU A 1 134 ? 9.474   -8.878  17.560  0.65 34.75 ? 134 LEU A CD1 1 
ATOM   832  C CD1 B LEU A 1 134 ? 12.703  -8.301  16.001  0.35 26.66 ? 134 LEU A CD1 1 
ATOM   833  C CD2 A LEU A 1 134 ? 10.516  -6.965  18.799  0.65 33.64 ? 134 LEU A CD2 1 
ATOM   834  C CD2 B LEU A 1 134 ? 12.176  -7.168  18.183  0.35 28.96 ? 134 LEU A CD2 1 
ATOM   835  N N   . HIS A 1 135 ? 8.158   -5.710  14.704  1.00 18.56 ? 135 HIS A N   1 
ATOM   836  C CA  . HIS A 1 135 ? 6.770   -5.371  14.594  1.00 18.53 ? 135 HIS A CA  1 
ATOM   837  C C   . HIS A 1 135 ? 6.042   -6.074  13.414  1.00 17.51 ? 135 HIS A C   1 
ATOM   838  O O   . HIS A 1 135 ? 4.910   -6.566  13.553  1.00 17.81 ? 135 HIS A O   1 
ATOM   839  C CB  . HIS A 1 135 ? 6.657   -3.850  14.452  1.00 19.27 ? 135 HIS A CB  1 
ATOM   840  C CG  . HIS A 1 135 ? 5.257   -3.369  14.418  1.00 26.47 ? 135 HIS A CG  1 
ATOM   841  N ND1 . HIS A 1 135 ? 4.488   -3.277  15.556  1.00 29.66 ? 135 HIS A ND1 1 
ATOM   842  C CD2 . HIS A 1 135 ? 4.475   -2.987  13.393  1.00 23.26 ? 135 HIS A CD2 1 
ATOM   843  C CE1 . HIS A 1 135 ? 3.290   -2.837  15.230  1.00 24.73 ? 135 HIS A CE1 1 
ATOM   844  N NE2 . HIS A 1 135 ? 3.259   -2.628  13.935  1.00 24.63 ? 135 HIS A NE2 1 
ATOM   845  N N   . MET A 1 136 ? 6.713   -6.136  12.258  1.00 17.10 ? 136 MET A N   1 
ATOM   846  C CA  . MET A 1 136 ? 6.124   -6.826  11.130  1.00 16.25 ? 136 MET A CA  1 
ATOM   847  C C   . MET A 1 136 ? 5.870   -8.309  11.433  1.00 16.06 ? 136 MET A C   1 
ATOM   848  O O   . MET A 1 136 ? 4.795   -8.826  11.129  1.00 16.28 ? 136 MET A O   1 
ATOM   849  C CB  . MET A 1 136 ? 7.024   -6.689  9.898   1.00 17.27 ? 136 MET A CB  1 
ATOM   850  C CG  . MET A 1 136 ? 7.285   -5.203  9.427   1.00 19.12 ? 136 MET A CG  1 
ATOM   851  S SD  . MET A 1 136 ? 5.701   -4.325  9.230   1.00 16.79 ? 136 MET A SD  1 
ATOM   852  C CE  . MET A 1 136 ? 4.759   -5.368  8.157   1.00 21.75 ? 136 MET A CE  1 
ATOM   853  N N   . ALA A 1 137 ? 6.839   -8.948  12.090  1.00 16.84 ? 137 ALA A N   1 
ATOM   854  C CA  . ALA A 1 137 ? 6.645   -10.368 12.434  1.00 17.16 ? 137 ALA A CA  1 
ATOM   855  C C   . ALA A 1 137 ? 5.474   -10.548 13.392  1.00 16.89 ? 137 ALA A C   1 
ATOM   856  O O   . ALA A 1 137 ? 4.641   -11.478 13.258  1.00 18.61 ? 137 ALA A O   1 
ATOM   857  C CB  . ALA A 1 137 ? 7.963   -10.947 13.023  1.00 17.91 ? 137 ALA A CB  1 
ATOM   858  N N   . LEU A 1 138 ? 5.373   -9.633  14.366  1.00 17.15 ? 138 LEU A N   1 
ATOM   859  C CA  . LEU A 1 138 ? 4.248   -9.660  15.288  1.00 20.01 ? 138 LEU A CA  1 
ATOM   860  C C   . LEU A 1 138 ? 2.902   -9.510  14.585  1.00 18.80 ? 138 LEU A C   1 
ATOM   861  O O   . LEU A 1 138 ? 1.942   -10.236 14.866  1.00 19.59 ? 138 LEU A O   1 
ATOM   862  C CB  A LEU A 1 138 ? 4.421   -8.600  16.378  0.65 21.39 ? 138 LEU A CB  1 
ATOM   863  C CB  B LEU A 1 138 ? 4.445   -8.546  16.330  0.35 20.14 ? 138 LEU A CB  1 
ATOM   864  C CG  A LEU A 1 138 ? 5.365   -9.006  17.503  0.65 26.28 ? 138 LEU A CG  1 
ATOM   865  C CG  B LEU A 1 138 ? 3.422   -8.278  17.434  0.35 20.05 ? 138 LEU A CG  1 
ATOM   866  C CD1 A LEU A 1 138 ? 5.777   -7.755  18.296  0.65 26.31 ? 138 LEU A CD1 1 
ATOM   867  C CD1 B LEU A 1 138 ? 3.327   -9.466  18.386  0.35 23.99 ? 138 LEU A CD1 1 
ATOM   868  C CD2 A LEU A 1 138 ? 4.705   -10.035 18.441  0.65 34.77 ? 138 LEU A CD2 1 
ATOM   869  C CD2 B LEU A 1 138 ? 3.811   -7.009  18.194  0.35 23.32 ? 138 LEU A CD2 1 
ATOM   870  N N   . LEU A 1 139 ? 2.803   -8.559  13.638  1.00 17.25 ? 139 LEU A N   1 
ATOM   871  C CA  . LEU A 1 139 ? 1.549   -8.454  12.898  1.00 19.17 ? 139 LEU A CA  1 
ATOM   872  C C   . LEU A 1 139 ? 1.238   -9.705  12.096  1.00 18.43 ? 139 LEU A C   1 
ATOM   873  O O   . LEU A 1 139 ? 0.099   -10.152 12.020  1.00 19.92 ? 139 LEU A O   1 
ATOM   874  C CB  . LEU A 1 139 ? 1.589   -7.268  11.916  1.00 20.04 ? 139 LEU A CB  1 
ATOM   875  C CG  . LEU A 1 139 ? 1.680   -5.893  12.593  1.00 22.45 ? 139 LEU A CG  1 
ATOM   876  C CD1 . LEU A 1 139 ? 1.773   -4.834  11.484  1.00 20.41 ? 139 LEU A CD1 1 
ATOM   877  C CD2 . LEU A 1 139 ? 0.460   -5.579  13.468  1.00 25.20 ? 139 LEU A CD2 1 
ATOM   878  N N   . TRP A 1 140 ? 2.263   -10.215 11.421  1.00 18.23 ? 140 TRP A N   1 
ATOM   879  C CA  . TRP A 1 140 ? 2.028   -11.368 10.577  1.00 16.82 ? 140 TRP A CA  1 
ATOM   880  C C   . TRP A 1 140 ? 1.621   -12.634 11.381  1.00 17.36 ? 140 TRP A C   1 
ATOM   881  O O   . TRP A 1 140 ? 0.837   -13.440 10.892  1.00 19.47 ? 140 TRP A O   1 
ATOM   882  C CB  . TRP A 1 140 ? 3.241   -11.624 9.682   1.00 16.30 ? 140 TRP A CB  1 
ATOM   883  C CG  . TRP A 1 140 ? 3.513   -10.503 8.724   1.00 16.13 ? 140 TRP A CG  1 
ATOM   884  C CD1 . TRP A 1 140 ? 2.701   -9.414  8.421   1.00 15.38 ? 140 TRP A CD1 1 
ATOM   885  C CD2 . TRP A 1 140 ? 4.694   -10.359 7.933   1.00 13.86 ? 140 TRP A CD2 1 
ATOM   886  N NE1 . TRP A 1 140 ? 3.302   -8.631  7.464   1.00 16.09 ? 140 TRP A NE1 1 
ATOM   887  C CE2 . TRP A 1 140 ? 4.524   -9.181  7.130   1.00 16.13 ? 140 TRP A CE2 1 
ATOM   888  C CE3 . TRP A 1 140 ? 5.858   -11.131 7.775   1.00 16.66 ? 140 TRP A CE3 1 
ATOM   889  C CZ2 . TRP A 1 140 ? 5.495   -8.738  6.234   1.00 15.24 ? 140 TRP A CZ2 1 
ATOM   890  C CZ3 . TRP A 1 140 ? 6.837   -10.714 6.870   1.00 18.15 ? 140 TRP A CZ3 1 
ATOM   891  C CH2 . TRP A 1 140 ? 6.646   -9.516  6.091   1.00 15.20 ? 140 TRP A CH2 1 
ATOM   892  N N   . ARG A 1 141 ? 2.159   -12.770 12.589  1.00 20.63 ? 141 ARG A N   1 
ATOM   893  C CA  . ARG A 1 141 ? 1.726   -13.865 13.481  1.00 21.49 ? 141 ARG A CA  1 
ATOM   894  C C   . ARG A 1 141 ? 0.240   -13.818 13.757  1.00 24.18 ? 141 ARG A C   1 
ATOM   895  O O   . ARG A 1 141 ? -0.368  -14.874 13.987  1.00 25.07 ? 141 ARG A O   1 
ATOM   896  C CB  . ARG A 1 141 ? 2.485   -13.855 14.803  1.00 21.53 ? 141 ARG A CB  1 
ATOM   897  C CG  . ARG A 1 141 ? 3.926   -14.305 14.694  1.00 27.40 ? 141 ARG A CG  1 
ATOM   898  C CD  . ARG A 1 141 ? 4.638   -14.240 16.066  1.00 29.27 ? 141 ARG A CD  1 
ATOM   899  N NE  . ARG A 1 141 ? 6.058   -13.947 15.923  1.00 42.66 ? 141 ARG A NE  1 
ATOM   900  C CZ  . ARG A 1 141 ? 6.726   -13.071 16.658  1.00 48.93 ? 141 ARG A CZ  1 
ATOM   901  N NH1 . ARG A 1 141 ? 6.104   -12.385 17.617  1.00 50.54 ? 141 ARG A NH1 1 
ATOM   902  N NH2 . ARG A 1 141 ? 8.029   -12.895 16.456  1.00 47.83 ? 141 ARG A NH2 1 
ATOM   903  N N   . SER A 1 142 ? -0.361  -12.622 13.707  1.00 23.00 ? 142 SER A N   1 
ATOM   904  C CA  . SER A 1 142 ? -1.783  -12.492 13.990  1.00 25.38 ? 142 SER A CA  1 
ATOM   905  C C   . SER A 1 142 ? -2.652  -12.365 12.744  1.00 26.25 ? 142 SER A C   1 
ATOM   906  O O   . SER A 1 142 ? -3.864  -12.165 12.849  1.00 27.97 ? 142 SER A O   1 
ATOM   907  C CB  . SER A 1 142 ? -2.018  -11.295 14.912  1.00 28.24 ? 142 SER A CB  1 
ATOM   908  O OG  . SER A 1 142 ? -1.654  -11.633 16.245  1.00 34.94 ? 142 SER A OG  1 
ATOM   909  N N   . ASP A 1 143 ? -2.040  -12.446 11.557  1.00 24.01 ? 143 ASP A N   1 
ATOM   910  C CA  . ASP A 1 143 ? -2.788  -12.237 10.323  1.00 23.00 ? 143 ASP A CA  1 
ATOM   911  C C   . ASP A 1 143 ? -2.572  -13.468 9.442   1.00 23.77 ? 143 ASP A C   1 
ATOM   912  O O   . ASP A 1 143 ? -1.619  -13.505 8.705   1.00 20.89 ? 143 ASP A O   1 
ATOM   913  C CB  . ASP A 1 143 ? -2.259  -10.961 9.612   1.00 23.15 ? 143 ASP A CB  1 
ATOM   914  C CG  . ASP A 1 143 ? -2.892  -10.718 8.238   1.00 24.62 ? 143 ASP A CG  1 
ATOM   915  O OD1 . ASP A 1 143 ? -3.917  -11.382 7.854   1.00 23.33 ? 143 ASP A OD1 1 
ATOM   916  O OD2 . ASP A 1 143 ? -2.426  -9.822  7.461   1.00 21.17 ? 143 ASP A OD2 1 
ATOM   917  N N   . PRO A 1 144 ? -3.494  -14.425 9.461   1.00 27.73 ? 144 PRO A N   1 
ATOM   918  C CA  . PRO A 1 144 ? -3.355  -15.660 8.663   1.00 28.44 ? 144 PRO A CA  1 
ATOM   919  C C   . PRO A 1 144 ? -3.224  -15.421 7.142   1.00 26.57 ? 144 PRO A C   1 
ATOM   920  O O   . PRO A 1 144 ? -2.676  -16.254 6.411   1.00 28.61 ? 144 PRO A O   1 
ATOM   921  C CB  . PRO A 1 144 ? -4.668  -16.402 8.959   1.00 30.79 ? 144 PRO A CB  1 
ATOM   922  C CG  . PRO A 1 144 ? -5.049  -15.898 10.298  1.00 31.08 ? 144 PRO A CG  1 
ATOM   923  C CD  . PRO A 1 144 ? -4.746  -14.402 10.244  1.00 30.09 ? 144 PRO A CD  1 
ATOM   924  N N   . MET A 1 145 ? -3.660  -14.258 6.692   1.00 22.95 ? 145 MET A N   1 
ATOM   925  C CA  . MET A 1 145 ? -3.628  -13.933 5.275   1.00 21.71 ? 145 MET A CA  1 
ATOM   926  C C   . MET A 1 145 ? -2.552  -12.908 4.944   1.00 18.35 ? 145 MET A C   1 
ATOM   927  O O   . MET A 1 145 ? -2.636  -12.246 3.917   1.00 17.70 ? 145 MET A O   1 
ATOM   928  C CB  . MET A 1 145 ? -4.989  -13.385 4.878   1.00 22.95 ? 145 MET A CB  1 
ATOM   929  C CG  . MET A 1 145 ? -6.092  -14.472 4.870   1.00 28.38 ? 145 MET A CG  1 
ATOM   930  S SD  . MET A 1 145 ? -5.726  -15.864 3.734   1.00 35.87 ? 145 MET A SD  1 
ATOM   931  C CE  . MET A 1 145 ? -5.913  -15.068 2.214   1.00 32.67 ? 145 MET A CE  1 
ATOM   932  N N   . TYR A 1 146 ? -1.546  -12.778 5.809   1.00 17.39 ? 146 TYR A N   1 
ATOM   933  C CA  . TYR A 1 146 ? -0.569  -11.685 5.621   1.00 16.23 ? 146 TYR A CA  1 
ATOM   934  C C   . TYR A 1 146 ? 0.115   -11.717 4.258   1.00 17.28 ? 146 TYR A C   1 
ATOM   935  O O   . TYR A 1 146 ? 0.375   -10.680 3.652   1.00 16.76 ? 146 TYR A O   1 
ATOM   936  C CB  . TYR A 1 146 ? 0.492   -11.651 6.742   1.00 15.34 ? 146 TYR A CB  1 
ATOM   937  C CG  . TYR A 1 146 ? 1.492   -12.811 6.668   1.00 17.22 ? 146 TYR A CG  1 
ATOM   938  C CD1 . TYR A 1 146 ? 2.697   -12.664 6.019   1.00 16.76 ? 146 TYR A CD1 1 
ATOM   939  C CD2 . TYR A 1 146 ? 1.171   -14.038 7.230   1.00 18.71 ? 146 TYR A CD2 1 
ATOM   940  C CE1 . TYR A 1 146 ? 3.620   -13.740 5.912   1.00 18.70 ? 146 TYR A CE1 1 
ATOM   941  C CE2 . TYR A 1 146 ? 2.081   -15.112 7.162   1.00 20.54 ? 146 TYR A CE2 1 
ATOM   942  C CZ  . TYR A 1 146 ? 3.294   -14.938 6.498   1.00 21.34 ? 146 TYR A CZ  1 
ATOM   943  O OH  . TYR A 1 146 ? 4.187   -16.002 6.422   1.00 21.03 ? 146 TYR A OH  1 
ATOM   944  N N   . HIS A 1 147 ? 0.386   -12.929 3.745   1.00 16.73 ? 147 HIS A N   1 
ATOM   945  C CA  . HIS A 1 147 ? 1.057   -13.033 2.458   1.00 17.29 ? 147 HIS A CA  1 
ATOM   946  C C   . HIS A 1 147 ? 0.265   -12.418 1.295   1.00 15.55 ? 147 HIS A C   1 
ATOM   947  O O   . HIS A 1 147 ? 0.848   -12.050 0.271   1.00 16.65 ? 147 HIS A O   1 
ATOM   948  C CB  . HIS A 1 147 ? 1.364   -14.527 2.166   1.00 17.57 ? 147 HIS A CB  1 
ATOM   949  C CG  . HIS A 1 147 ? 0.133   -15.351 2.071   1.00 18.98 ? 147 HIS A CG  1 
ATOM   950  N ND1 . HIS A 1 147 ? -0.516  -15.859 3.173   1.00 25.43 ? 147 HIS A ND1 1 
ATOM   951  C CD2 . HIS A 1 147 ? -0.647  -15.626 1.007   1.00 17.25 ? 147 HIS A CD2 1 
ATOM   952  C CE1 . HIS A 1 147 ? -1.610  -16.479 2.782   1.00 22.35 ? 147 HIS A CE1 1 
ATOM   953  N NE2 . HIS A 1 147 ? -1.722  -16.339 1.475   1.00 25.25 ? 147 HIS A NE2 1 
ATOM   954  N N   . SER A 1 148 ? -1.059  -12.343 1.438   1.00 16.05 ? 148 SER A N   1 
ATOM   955  C CA  . SER A 1 148 ? -1.911  -11.796 0.406   1.00 16.85 ? 148 SER A CA  1 
ATOM   956  C C   . SER A 1 148 ? -1.810  -10.282 0.285   1.00 15.83 ? 148 SER A C   1 
ATOM   957  O O   . SER A 1 148 ? -2.281  -9.702  -0.688  1.00 17.28 ? 148 SER A O   1 
ATOM   958  C CB  . SER A 1 148 ? -3.363  -12.246 0.589   1.00 19.92 ? 148 SER A CB  1 
ATOM   959  O OG  . SER A 1 148 ? -3.966  -11.572 1.655   1.00 23.74 ? 148 SER A OG  1 
ATOM   960  N N   . PHE A 1 149 ? -1.125  -9.668  1.253   1.00 15.85 ? 149 PHE A N   1 
ATOM   961  C CA  . PHE A 1 149 ? -0.900  -8.227  1.205   1.00 14.13 ? 149 PHE A CA  1 
ATOM   962  C C   . PHE A 1 149 ? 0.559   -7.846  0.891   1.00 14.07 ? 149 PHE A C   1 
ATOM   963  O O   . PHE A 1 149 ? 0.977   -6.670  1.027   1.00 13.58 ? 149 PHE A O   1 
ATOM   964  C CB  . PHE A 1 149 ? -1.336  -7.566  2.540   1.00 14.16 ? 149 PHE A CB  1 
ATOM   965  C CG  . PHE A 1 149 ? -2.785  -7.656  2.783   1.00 16.20 ? 149 PHE A CG  1 
ATOM   966  C CD1 . PHE A 1 149 ? -3.662  -6.756  2.176   1.00 17.59 ? 149 PHE A CD1 1 
ATOM   967  C CD2 . PHE A 1 149 ? -3.279  -8.656  3.595   1.00 20.64 ? 149 PHE A CD2 1 
ATOM   968  C CE1 . PHE A 1 149 ? -5.015  -6.821  2.396   1.00 22.17 ? 149 PHE A CE1 1 
ATOM   969  C CE2 . PHE A 1 149 ? -4.679  -8.741  3.829   1.00 21.97 ? 149 PHE A CE2 1 
ATOM   970  C CZ  . PHE A 1 149 ? -5.528  -7.832  3.214   1.00 23.67 ? 149 PHE A CZ  1 
ATOM   971  N N   . ILE A 1 150 ? 1.358   -8.843  0.476   1.00 14.11 ? 150 ILE A N   1 
ATOM   972  C CA  . ILE A 1 150 ? 2.747   -8.640  0.115   1.00 13.22 ? 150 ILE A CA  1 
ATOM   973  C C   . ILE A 1 150 ? 2.868   -8.793  -1.396  1.00 15.47 ? 150 ILE A C   1 
ATOM   974  O O   . ILE A 1 150 ? 2.429   -9.808  -1.972  1.00 16.58 ? 150 ILE A O   1 
ATOM   975  C CB  . ILE A 1 150 ? 3.655   -9.651  0.841   1.00 13.73 ? 150 ILE A CB  1 
ATOM   976  C CG1 . ILE A 1 150 ? 3.595   -9.400  2.366   1.00 15.03 ? 150 ILE A CG1 1 
ATOM   977  C CG2 . ILE A 1 150 ? 5.101   -9.588  0.248   1.00 13.93 ? 150 ILE A CG2 1 
ATOM   978  C CD1 . ILE A 1 150 ? 4.372   -10.463 3.230   1.00 14.84 ? 150 ILE A CD1 1 
ATOM   979  N N   . ASP A 1 151 ? 3.435   -7.794  -2.041  1.00 14.86 ? 151 ASP A N   1 
ATOM   980  C CA  . ASP A 1 151 ? 3.553   -7.838  -3.515  1.00 15.03 ? 151 ASP A CA  1 
ATOM   981  C C   . ASP A 1 151 ? 4.639   -8.826  -3.944  1.00 17.03 ? 151 ASP A C   1 
ATOM   982  O O   . ASP A 1 151 ? 5.608   -9.063  -3.219  1.00 17.95 ? 151 ASP A O   1 
ATOM   983  C CB  . ASP A 1 151 ? 3.917   -6.477  -4.050  1.00 15.32 ? 151 ASP A CB  1 
ATOM   984  C CG  A ASP A 1 151 ? 2.784   -5.480  -3.983  0.65 16.75 ? 151 ASP A CG  1 
ATOM   985  C CG  B ASP A 1 151 ? 2.711   -5.541  -4.026  0.35 13.89 ? 151 ASP A CG  1 
ATOM   986  O OD1 A ASP A 1 151 ? 1.600   -5.885  -3.925  0.65 19.21 ? 151 ASP A OD1 1 
ATOM   987  O OD1 B ASP A 1 151 ? 1.719   -5.832  -4.757  0.35 11.06 ? 151 ASP A OD1 1 
ATOM   988  O OD2 A ASP A 1 151 ? 3.001   -4.249  -4.046  0.65 15.94 ? 151 ASP A OD2 1 
ATOM   989  O OD2 B ASP A 1 151 ? 2.633   -4.537  -3.276  0.35 12.93 ? 151 ASP A OD2 1 
ATOM   990  N N   . PRO A 1 152 ? 4.483   -9.384  -5.138  1.00 18.82 ? 152 PRO A N   1 
ATOM   991  C CA  . PRO A 1 152 ? 5.572   -10.178 -5.700  1.00 21.64 ? 152 PRO A CA  1 
ATOM   992  C C   . PRO A 1 152 ? 6.765   -9.294  -6.015  1.00 23.21 ? 152 PRO A C   1 
ATOM   993  O O   . PRO A 1 152 ? 6.710   -8.053  -5.918  1.00 21.85 ? 152 PRO A O   1 
ATOM   994  C CB  . PRO A 1 152 ? 4.951   -10.754 -6.984  1.00 22.97 ? 152 PRO A CB  1 
ATOM   995  C CG  . PRO A 1 152 ? 3.918   -9.784  -7.362  1.00 26.66 ? 152 PRO A CG  1 
ATOM   996  C CD  . PRO A 1 152 ? 3.328   -9.270  -6.050  1.00 20.32 ? 152 PRO A CD  1 
ATOM   997  N N   . ILE A 1 153 ? 7.889   -9.929  -6.356  1.00 25.91 ? 153 ILE A N   1 
ATOM   998  C CA  . ILE A 1 153 ? 9.055   -9.181  -6.840  1.00 27.73 ? 153 ILE A CA  1 
ATOM   999  C C   . ILE A 1 153 ? 8.793   -8.545  -8.209  1.00 27.60 ? 153 ILE A C   1 
ATOM   1000 O O   . ILE A 1 153 ? 8.178   -9.177  -9.101  1.00 28.58 ? 153 ILE A O   1 
ATOM   1001 C CB  . ILE A 1 153 ? 10.317  -10.106 -6.864  1.00 30.05 ? 153 ILE A CB  1 
ATOM   1002 C CG1 . ILE A 1 153 ? 10.659  -10.527 -5.435  1.00 32.36 ? 153 ILE A CG1 1 
ATOM   1003 C CG2 . ILE A 1 153 ? 11.523  -9.400  -7.514  1.00 33.06 ? 153 ILE A CG2 1 
ATOM   1004 C CD1 . ILE A 1 153 ? 11.516  -9.516  -4.709  1.00 36.51 ? 153 ILE A CD1 1 
ATOM   1005 N N   . PHE A 1 154 ? 9.235   -7.294  -8.359  1.00 28.13 ? 154 PHE A N   1 
ATOM   1006 C CA  . PHE A 1 154 ? 9.067   -6.527  -9.604  1.00 29.97 ? 154 PHE A CA  1 
ATOM   1007 C C   . PHE A 1 154 ? 10.379  -6.549  -10.371 1.00 36.04 ? 154 PHE A C   1 
ATOM   1008 O O   . PHE A 1 154 ? 11.447  -6.584  -9.754  1.00 35.59 ? 154 PHE A O   1 
ATOM   1009 C CB  . PHE A 1 154 ? 8.736   -5.052  -9.310  1.00 28.87 ? 154 PHE A CB  1 
ATOM   1010 C CG  . PHE A 1 154 ? 7.293   -4.796  -8.957  1.00 22.89 ? 154 PHE A CG  1 
ATOM   1011 C CD1 . PHE A 1 154 ? 6.518   -3.981  -9.766  1.00 22.34 ? 154 PHE A CD1 1 
ATOM   1012 C CD2 . PHE A 1 154 ? 6.719   -5.326  -7.798  1.00 22.81 ? 154 PHE A CD2 1 
ATOM   1013 C CE1 . PHE A 1 154 ? 5.172   -3.706  -9.444  1.00 26.44 ? 154 PHE A CE1 1 
ATOM   1014 C CE2 . PHE A 1 154 ? 5.389   -5.067  -7.492  1.00 21.47 ? 154 PHE A CE2 1 
ATOM   1015 C CZ  . PHE A 1 154 ? 4.625   -4.260  -8.283  1.00 21.22 ? 154 PHE A CZ  1 
ATOM   1016 N N   . PRO A 1 155 ? 10.294  -6.485  -11.702 1.00 41.63 ? 155 PRO A N   1 
ATOM   1017 C CA  . PRO A 1 155 ? 11.482  -6.406  -12.567 1.00 46.10 ? 155 PRO A CA  1 
ATOM   1018 C C   . PRO A 1 155 ? 12.338  -5.174  -12.311 1.00 50.11 ? 155 PRO A C   1 
ATOM   1019 O O   . PRO A 1 155 ? 11.828  -4.141  -11.870 1.00 51.72 ? 155 PRO A O   1 
ATOM   1020 C CB  . PRO A 1 155 ? 10.878  -6.308  -13.971 1.00 45.79 ? 155 PRO A CB  1 
ATOM   1021 C CG  . PRO A 1 155 ? 9.544   -6.922  -13.857 1.00 47.65 ? 155 PRO A CG  1 
ATOM   1022 C CD  . PRO A 1 155 ? 9.043   -6.512  -12.487 1.00 41.63 ? 155 PRO A CD  1 
ATOM   1023 N N   . GLU A 1 156 ? 13.632  -5.286  -12.600 1.00 53.17 ? 156 GLU A N   1 
ATOM   1024 C CA  . GLU A 1 156 ? 14.550  -4.137  -12.577 1.00 54.85 ? 156 GLU A CA  1 
ATOM   1025 C C   A GLU A 1 156 ? 14.317  -3.220  -13.789 0.65 54.64 ? 156 GLU A C   1 
ATOM   1026 C C   B GLU A 1 156 ? 14.252  -3.117  -13.675 0.35 54.63 ? 156 GLU A C   1 
ATOM   1027 O O   A GLU A 1 156 ? 13.583  -3.562  -14.729 0.65 54.52 ? 156 GLU A O   1 
ATOM   1028 O O   B GLU A 1 156 ? 14.634  -1.949  -13.571 0.35 54.63 ? 156 GLU A O   1 
ATOM   1029 C CB  C GLU A 1 156 ? 15.912  -4.519  -13.186 0.65 55.52 ? 156 GLU A CB  1 
ATOM   1030 C CB  D GLU A 1 156 ? 16.007  -4.605  -12.564 0.35 54.93 ? 156 GLU A CB  1 
ATOM   1031 C CG  C GLU A 1 156 ? 16.346  -5.965  -12.953 0.65 58.44 ? 156 GLU A CG  1 
ATOM   1032 C CG  D GLU A 1 156 ? 16.914  -3.775  -11.667 0.35 55.82 ? 156 GLU A CG  1 
ATOM   1033 C CD  C GLU A 1 156 ? 15.646  -6.960  -13.870 0.65 62.33 ? 156 GLU A CD  1 
ATOM   1034 C CD  D GLU A 1 156 ? 16.720  -4.074  -10.190 0.35 56.28 ? 156 GLU A CD  1 
ATOM   1035 O OE1 C GLU A 1 156 ? 15.115  -7.972  -13.356 0.65 62.15 ? 156 GLU A OE1 1 
ATOM   1036 O OE1 D GLU A 1 156 ? 16.904  -3.151  -9.369  0.35 56.77 ? 156 GLU A OE1 1 
ATOM   1037 O OE2 C GLU A 1 156 ? 15.621  -6.732  -15.104 0.65 63.92 ? 156 GLU A OE2 1 
ATOM   1038 O OE2 D GLU A 1 156 ? 16.388  -5.229  -9.851  0.35 56.32 ? 156 GLU A OE2 1 
HETATM 1039 S S   . SO4 B 2 .   ? 1.684   8.822   -17.076 1.00 22.33 ? 300 SO4 A S   1 
HETATM 1040 O O1  . SO4 B 2 .   ? 0.932   7.946   -17.995 1.00 20.74 ? 300 SO4 A O1  1 
HETATM 1041 O O2  . SO4 B 2 .   ? 1.413   8.434   -15.683 1.00 26.39 ? 300 SO4 A O2  1 
HETATM 1042 O O3  . SO4 B 2 .   ? 3.068   8.676   -17.353 1.00 24.38 ? 300 SO4 A O3  1 
HETATM 1043 O O4  . SO4 B 2 .   ? 1.220   10.190  -17.179 1.00 24.42 ? 300 SO4 A O4  1 
HETATM 1044 S S   . SO4 C 2 .   ? 14.768  -2.787  12.293  0.70 33.58 ? 301 SO4 A S   1 
HETATM 1045 O O1  . SO4 C 2 .   ? 13.912  -3.681  11.544  0.70 27.40 ? 301 SO4 A O1  1 
HETATM 1046 O O2  . SO4 C 2 .   ? 15.153  -3.513  13.501  0.70 36.44 ? 301 SO4 A O2  1 
HETATM 1047 O O3  . SO4 C 2 .   ? 15.927  -2.441  11.472  0.70 35.22 ? 301 SO4 A O3  1 
HETATM 1048 O O4  . SO4 C 2 .   ? 14.116  -1.503  12.637  0.70 28.00 ? 301 SO4 A O4  1 
HETATM 1049 S S   . SO4 D 2 .   ? 12.247  8.873   -10.176 1.00 85.22 ? 302 SO4 A S   1 
HETATM 1050 O O1  . SO4 D 2 .   ? 10.871  9.328   -10.017 1.00 85.73 ? 302 SO4 A O1  1 
HETATM 1051 O O2  . SO4 D 2 .   ? 13.039  9.307   -9.024  1.00 86.32 ? 302 SO4 A O2  1 
HETATM 1052 O O3  . SO4 D 2 .   ? 12.266  7.413   -10.250 1.00 85.36 ? 302 SO4 A O3  1 
HETATM 1053 O O4  . SO4 D 2 .   ? 12.802  9.434   -11.405 1.00 85.57 ? 302 SO4 A O4  1 
HETATM 1054 C C1  . CPS E 3 .   ? 5.466   -13.862 1.438   1.00 16.69 ? 200 CPS A C1  1 
HETATM 1055 C C2  . CPS E 3 .   ? 6.861   -14.204 2.038   1.00 17.74 ? 200 CPS A C2  1 
HETATM 1056 C C3  . CPS E 3 .   ? 7.969   -12.144 0.907   1.00 14.93 ? 200 CPS A C3  1 
HETATM 1057 C C4  . CPS E 3 .   ? 9.187   -11.557 0.152   1.00 16.68 ? 200 CPS A C4  1 
HETATM 1058 C C5  . CPS E 3 .   ? 10.515  -11.964 0.825   1.00 16.31 ? 200 CPS A C5  1 
HETATM 1059 C C6  . CPS E 3 .   ? 10.534  -13.519 0.840   1.00 14.94 ? 200 CPS A C6  1 
HETATM 1060 C C7  . CPS E 3 .   ? 11.946  -13.810 1.369   1.00 16.92 ? 200 CPS A C7  1 
HETATM 1061 C C8  . CPS E 3 .   ? 12.810  -12.726 0.679   1.00 16.97 ? 200 CPS A C8  1 
HETATM 1062 C C9  . CPS E 3 .   ? 11.787  -11.731 0.013   1.00 17.45 ? 200 CPS A C9  1 
HETATM 1063 C C10 . CPS E 3 .   ? 10.621  -11.306 2.235   1.00 17.09 ? 200 CPS A C10 1 
HETATM 1064 C C11 . CPS E 3 .   ? 6.836   -13.620 3.476   1.00 20.17 ? 200 CPS A C11 1 
HETATM 1065 C C12 . CPS E 3 .   ? 5.038   -14.651 0.203   1.00 17.97 ? 200 CPS A C12 1 
HETATM 1066 C C13 . CPS E 3 .   ? 5.068   -16.163 0.554   1.00 19.46 ? 200 CPS A C13 1 
HETATM 1067 C C14 . CPS E 3 .   ? 6.535   -16.532 0.885   1.00 18.19 ? 200 CPS A C14 1 
HETATM 1068 C C15 . CPS E 3 .   ? 6.969   -15.778 2.160   1.00 16.49 ? 200 CPS A C15 1 
HETATM 1069 C C16 . CPS E 3 .   ? 8.390   -16.241 2.613   1.00 16.45 ? 200 CPS A C16 1 
HETATM 1070 C C17 . CPS E 3 .   ? 9.561   -15.654 1.814   1.00 17.44 ? 200 CPS A C17 1 
HETATM 1071 C C18 . CPS E 3 .   ? 9.432   -14.112 1.701   1.00 14.82 ? 200 CPS A C18 1 
HETATM 1072 C C19 . CPS E 3 .   ? 8.045   -13.695 1.162   1.00 16.43 ? 200 CPS A C19 1 
HETATM 1073 C C20 . CPS E 3 .   ? 12.351  -10.261 -0.017  1.00 19.25 ? 200 CPS A C20 1 
HETATM 1074 C C21 . CPS E 3 .   ? 11.371  -9.244  -0.650  1.00 21.80 ? 200 CPS A C21 1 
HETATM 1075 C C22 . CPS E 3 .   ? 13.733  -10.220 -0.733  1.00 22.91 ? 200 CPS A C22 1 
HETATM 1076 C C23 . CPS E 3 .   ? 13.593  -10.559 -2.215  1.00 27.88 ? 200 CPS A C23 1 
HETATM 1077 C C24 . CPS E 3 .   ? 14.947  -10.627 -2.963  1.00 38.15 ? 200 CPS A C24 1 
HETATM 1078 C C25 . CPS E 3 .   ? 17.034  -9.657  -2.257  1.00 53.26 ? 200 CPS A C25 1 
HETATM 1079 C C26 . CPS E 3 .   ? 17.203  -9.026  -0.874  1.00 51.58 ? 200 CPS A C26 1 
HETATM 1080 C C27 . CPS E 3 .   ? 18.645  -9.249  -0.376  1.00 58.96 ? 200 CPS A C27 1 
HETATM 1081 N N1  . CPS E 3 .   ? 15.687  -9.398  -2.763  1.00 33.36 ? 200 CPS A N1  1 
HETATM 1082 O O1  . CPS E 3 .   ? 14.737  -10.872 -4.370  1.00 41.49 ? 200 CPS A O1  1 
HETATM 1083 O O2  . CPS E 3 .   ? 4.658   -16.904 -0.583  1.00 21.69 ? 200 CPS A O2  1 
HETATM 1084 O O3  . CPS E 3 .   ? 9.601   -16.198 0.478   1.00 16.97 ? 200 CPS A O3  1 
HETATM 1085 O O4  . CPS E 3 .   ? 9.140   -11.944 -1.230  1.00 16.61 ? 200 CPS A O4  1 
HETATM 1086 C C1  . EDO F 4 .   ? 8.254   -7.001  -1.881  1.00 17.88 ? 401 EDO A C1  1 
HETATM 1087 O O1  . EDO F 4 .   ? 6.803   -7.028  -1.895  1.00 16.46 ? 401 EDO A O1  1 
HETATM 1088 C C2  . EDO F 4 .   ? 8.771   -7.626  -3.196  1.00 22.23 ? 401 EDO A C2  1 
HETATM 1089 O O2  . EDO F 4 .   ? 8.484   -6.753  -4.289  1.00 20.50 ? 401 EDO A O2  1 
HETATM 1090 C C1  . EDO G 4 .   ? 0.096   1.267   10.565  1.00 21.69 ? 402 EDO A C1  1 
HETATM 1091 O O1  . EDO G 4 .   ? 0.046   0.965   9.135   1.00 18.95 ? 402 EDO A O1  1 
HETATM 1092 C C2  . EDO G 4 .   ? 1.404   0.752   11.200  1.00 22.45 ? 402 EDO A C2  1 
HETATM 1093 O O2  . EDO G 4 .   ? 1.222   -0.661  11.471  1.00 29.23 ? 402 EDO A O2  1 
HETATM 1094 C C1  . EDO H 4 .   ? -6.140  -0.507  -14.167 1.00 38.42 ? 403 EDO A C1  1 
HETATM 1095 O O1  . EDO H 4 .   ? -4.810  -0.633  -13.619 1.00 33.23 ? 403 EDO A O1  1 
HETATM 1096 C C2  . EDO H 4 .   ? -6.554  -1.832  -14.797 1.00 32.88 ? 403 EDO A C2  1 
HETATM 1097 O O2  . EDO H 4 .   ? -5.485  -2.320  -15.565 1.00 26.96 ? 403 EDO A O2  1 
HETATM 1098 C C1  . EDO I 4 .   ? -0.491  -7.453  -2.445  1.00 24.83 ? 404 EDO A C1  1 
HETATM 1099 O O1  . EDO I 4 .   ? -0.193  -7.972  -3.753  1.00 38.36 ? 404 EDO A O1  1 
HETATM 1100 C C2  . EDO I 4 .   ? -1.631  -6.376  -2.578  1.00 30.00 ? 404 EDO A C2  1 
HETATM 1101 O O2  . EDO I 4 .   ? -2.551  -6.448  -1.464  1.00 36.86 ? 404 EDO A O2  1 
HETATM 1102 O O   . HOH J 5 .   ? -2.079  -8.495  12.564  1.00 28.47 ? 405 HOH A O   1 
HETATM 1103 O O   . HOH J 5 .   ? -2.912  10.498  -9.473  1.00 16.76 ? 406 HOH A O   1 
HETATM 1104 O O   . HOH J 5 .   ? -9.391  2.327   -9.667  1.00 15.74 ? 407 HOH A O   1 
HETATM 1105 O O   . HOH J 5 .   ? 6.567   10.079  0.130   1.00 16.03 ? 408 HOH A O   1 
HETATM 1106 O O   . HOH J 5 .   ? -6.992  3.419   -10.764 1.00 16.69 ? 409 HOH A O   1 
HETATM 1107 O O   . HOH J 5 .   ? 0.950   9.342   -11.881 1.00 17.45 ? 410 HOH A O   1 
HETATM 1108 O O   . HOH J 5 .   ? -5.387  11.428  -16.366 1.00 22.54 ? 411 HOH A O   1 
HETATM 1109 O O   . HOH J 5 .   ? 11.538  4.144   13.157  1.00 21.81 ? 412 HOH A O   1 
HETATM 1110 O O   . HOH J 5 .   ? -15.756 4.391   -6.299  1.00 19.78 ? 413 HOH A O   1 
HETATM 1111 O O   . HOH J 5 .   ? -12.011 5.941   5.534   1.00 18.25 ? 414 HOH A O   1 
HETATM 1112 O O   . HOH J 5 .   ? 5.987   12.133  -1.592  1.00 22.60 ? 415 HOH A O   1 
HETATM 1113 O O   . HOH J 5 .   ? 13.130  7.712   -1.313  1.00 26.51 ? 416 HOH A O   1 
HETATM 1114 O O   . HOH J 5 .   ? 0.277   -16.175 10.388  1.00 28.49 ? 417 HOH A O   1 
HETATM 1115 O O   . HOH J 5 .   ? 5.075   10.688  4.958   1.00 17.57 ? 418 HOH A O   1 
HETATM 1116 O O   . HOH J 5 .   ? -11.935 -0.200  -8.394  1.00 27.82 ? 419 HOH A O   1 
HETATM 1117 O O   . HOH J 5 .   ? -2.220  15.447  -14.216 1.00 32.77 ? 420 HOH A O   1 
HETATM 1118 O O   . HOH J 5 .   ? -4.748  -4.039  -0.795  1.00 23.32 ? 421 HOH A O   1 
HETATM 1119 O O   . HOH J 5 .   ? -14.991 11.485  -10.877 1.00 26.19 ? 422 HOH A O   1 
HETATM 1120 O O   . HOH J 5 .   ? 12.641  4.092   1.042   1.00 23.07 ? 423 HOH A O   1 
HETATM 1121 O O   . HOH J 5 .   ? 5.728   -13.526 -3.790  1.00 31.76 ? 424 HOH A O   1 
HETATM 1122 O O   . HOH J 5 .   ? -19.672 9.645   -9.461  1.00 33.95 ? 425 HOH A O   1 
HETATM 1123 O O   . HOH J 5 .   ? -10.801 -2.922  -2.321  1.00 26.60 ? 426 HOH A O   1 
HETATM 1124 O O   . HOH J 5 .   ? -1.371  14.228  -10.555 1.00 27.68 ? 427 HOH A O   1 
HETATM 1125 O O   . HOH J 5 .   ? -14.924 15.937  -1.854  1.00 26.01 ? 428 HOH A O   1 
HETATM 1126 O O   . HOH J 5 .   ? -2.051  -6.691  10.225  1.00 33.10 ? 429 HOH A O   1 
HETATM 1127 O O   . HOH J 5 .   ? 4.712   -2.343  -14.956 1.00 36.49 ? 430 HOH A O   1 
HETATM 1128 O O   . HOH J 5 .   ? -13.330 4.651   -15.454 1.00 37.58 ? 431 HOH A O   1 
HETATM 1129 O O   . HOH J 5 .   ? -17.555 4.896   -12.850 1.00 36.69 ? 432 HOH A O   1 
HETATM 1130 O O   . HOH J 5 .   ? 17.853  -20.137 8.482   1.00 35.75 ? 433 HOH A O   1 
HETATM 1131 O O   . HOH J 5 .   ? 1.136   -1.131  13.748  1.00 32.19 ? 434 HOH A O   1 
HETATM 1132 O O   . HOH J 5 .   ? 0.692   -17.413 14.387  1.00 43.68 ? 435 HOH A O   1 
HETATM 1133 O O   . HOH J 5 .   ? -17.784 3.865   -7.944  1.00 39.47 ? 436 HOH A O   1 
HETATM 1134 O O   . HOH J 5 .   ? 7.556   -12.838 -6.793  1.00 38.47 ? 437 HOH A O   1 
HETATM 1135 O O   . HOH J 5 .   ? 3.247   -18.154 12.639  1.00 47.72 ? 438 HOH A O   1 
HETATM 1136 O O   . HOH J 5 .   ? 15.425  -10.750 14.569  1.00 45.03 ? 439 HOH A O   1 
HETATM 1137 O O   . HOH J 5 .   ? -4.995  -8.497  -0.968  1.00 41.51 ? 440 HOH A O   1 
HETATM 1138 O O   . HOH J 5 .   ? 3.421   12.564  -2.211  1.00 26.33 ? 441 HOH A O   1 
HETATM 1139 O O   . HOH J 5 .   ? 4.934   -5.728  -0.511  1.00 14.62 ? 442 HOH A O   1 
HETATM 1140 O O   . HOH J 5 .   ? 10.127  -5.674  -6.125  1.00 23.28 ? 443 HOH A O   1 
HETATM 1141 O O   . HOH J 5 .   ? 1.040   -18.239 8.840   1.00 34.54 ? 444 HOH A O   1 
HETATM 1142 O O   . HOH J 5 .   ? 6.339   5.481   12.327  1.00 13.84 ? 445 HOH A O   1 
HETATM 1143 O O   . HOH J 5 .   ? 12.584  7.142   1.108   1.00 33.70 ? 446 HOH A O   1 
HETATM 1144 O O   . HOH J 5 .   ? -1.672  -0.684  7.886   1.00 17.45 ? 447 HOH A O   1 
HETATM 1145 O O   . HOH J 5 .   ? -2.043  -16.486 11.997  1.00 47.62 ? 448 HOH A O   1 
HETATM 1146 O O   . HOH J 5 .   ? 7.616   11.459  4.054   1.00 26.34 ? 449 HOH A O   1 
HETATM 1147 O O   . HOH J 5 .   ? -3.221  -2.299  -2.303  1.00 17.90 ? 450 HOH A O   1 
HETATM 1148 O O   . HOH J 5 .   ? 6.792   -11.457 -2.438  1.00 22.18 ? 451 HOH A O   1 
HETATM 1149 O O   . HOH J 5 .   ? 2.026   -16.977 -1.609  1.00 23.87 ? 452 HOH A O   1 
HETATM 1150 O O   . HOH J 5 .   ? 0.560   12.214  -10.112 1.00 23.95 ? 453 HOH A O   1 
HETATM 1151 O O   . HOH J 5 .   ? 9.588   -2.802  -12.124 1.00 36.58 ? 454 HOH A O   1 
HETATM 1152 O O   . HOH J 5 .   ? -4.825  -5.065  12.761  1.00 46.73 ? 455 HOH A O   1 
HETATM 1153 O O   . HOH J 5 .   ? -12.017 -2.670  7.721   1.00 33.90 ? 456 HOH A O   1 
HETATM 1154 O O   . HOH J 5 .   ? 14.860  4.892   8.371   1.00 25.54 ? 457 HOH A O   1 
HETATM 1155 O O   . HOH J 5 .   ? -19.349 7.332   -1.343  1.00 30.42 ? 458 HOH A O   1 
HETATM 1156 O O   . HOH J 5 .   ? 16.332  -8.333  2.048   1.00 26.81 ? 459 HOH A O   1 
HETATM 1157 O O   . HOH J 5 .   ? -2.438  -3.788  -5.610  1.00 36.46 ? 460 HOH A O   1 
HETATM 1158 O O   . HOH J 5 .   ? -3.537  17.809  -10.480 1.00 36.69 ? 461 HOH A O   1 
HETATM 1159 O O   . HOH J 5 .   ? 12.046  1.993   -8.948  1.00 40.32 ? 462 HOH A O   1 
HETATM 1160 O O   . HOH J 5 .   ? -22.408 0.188   0.492   1.00 42.19 ? 463 HOH A O   1 
HETATM 1161 O O   . HOH J 5 .   ? 0.919   -11.410 17.049  1.00 36.21 ? 464 HOH A O   1 
HETATM 1162 O O   . HOH J 5 .   ? 14.593  -4.836  9.087   1.00 41.63 ? 465 HOH A O   1 
HETATM 1163 O O   . HOH J 5 .   ? 15.391  -2.831  -2.207  1.00 37.23 ? 466 HOH A O   1 
HETATM 1164 O O   . HOH J 5 .   ? 13.297  -5.264  14.825  1.00 29.23 ? 467 HOH A O   1 
HETATM 1165 O O   . HOH J 5 .   ? 18.119  -5.805  9.503   1.00 43.13 ? 468 HOH A O   1 
HETATM 1166 O O   . HOH J 5 .   ? 18.012  -8.984  4.352   1.00 39.13 ? 469 HOH A O   1 
HETATM 1167 O O   . HOH J 5 .   ? -4.428  -16.834 -0.002  1.00 45.62 ? 470 HOH A O   1 
HETATM 1168 O O   . HOH J 5 .   ? 3.158   12.102  -17.281 1.00 55.72 ? 471 HOH A O   1 
HETATM 1169 O O   . HOH J 5 .   ? -17.213 15.094  -0.339  1.00 32.29 ? 472 HOH A O   1 
HETATM 1170 O O   . HOH J 5 .   ? 17.631  -6.104  1.045   1.00 40.36 ? 473 HOH A O   1 
HETATM 1171 O O   . HOH J 5 .   ? -7.867  -2.396  -10.986 1.00 39.94 ? 474 HOH A O   1 
HETATM 1172 O O   . HOH J 5 .   ? 16.716  6.085   4.273   1.00 36.51 ? 475 HOH A O   1 
HETATM 1173 O O   . HOH J 5 .   ? -8.212  17.904  -12.280 1.00 44.11 ? 476 HOH A O   1 
HETATM 1174 O O   . HOH J 5 .   ? 6.110   -16.490 -2.761  1.00 35.59 ? 477 HOH A O   1 
HETATM 1175 O O   . HOH J 5 .   ? -9.971  -0.097  -10.777 1.00 42.89 ? 478 HOH A O   1 
HETATM 1176 O O   . HOH J 5 .   ? 9.422   4.555   -10.792 1.00 48.56 ? 479 HOH A O   1 
HETATM 1177 O O   . HOH J 5 .   ? 14.855  9.940   3.270   1.00 38.62 ? 480 HOH A O   1 
HETATM 1178 O O   . HOH J 5 .   ? -19.977 11.742  -0.379  1.00 45.52 ? 481 HOH A O   1 
HETATM 1179 O O   . HOH J 5 .   ? 2.287   -13.224 18.545  1.00 47.34 ? 482 HOH A O   1 
HETATM 1180 O O   . HOH J 5 .   ? -14.350 14.108  -10.645 1.00 44.14 ? 483 HOH A O   1 
HETATM 1181 O O   . HOH J 5 .   ? -9.636  -6.080  9.645   1.00 48.38 ? 484 HOH A O   1 
HETATM 1182 O O   . HOH J 5 .   ? 13.507  8.563   -6.131  1.00 45.07 ? 485 HOH A O   1 
HETATM 1183 O O   . HOH J 5 .   ? 14.580  -6.796  -6.624  1.00 40.94 ? 486 HOH A O   1 
HETATM 1184 O O   . HOH J 5 .   ? -4.506  -4.609  -14.822 1.00 41.40 ? 487 HOH A O   1 
HETATM 1185 O O   . HOH J 5 .   ? -2.173  -7.403  15.240  1.00 44.46 ? 488 HOH A O   1 
HETATM 1186 O O   . HOH J 5 .   ? -6.841  -11.381 1.600   1.00 43.53 ? 489 HOH A O   1 
HETATM 1187 O O   . HOH J 5 .   ? 18.339  2.558   -2.062  1.00 48.79 ? 490 HOH A O   1 
HETATM 1188 O O   . HOH J 5 .   ? 3.475   -12.076 -3.456  1.00 49.04 ? 491 HOH A O   1 
HETATM 1189 O O   . HOH J 5 .   ? -0.052  -10.548 -3.532  1.00 47.03 ? 492 HOH A O   1 
HETATM 1190 O O   . HOH J 5 .   ? -14.090 -4.015  8.931   1.00 56.76 ? 493 HOH A O   1 
HETATM 1191 O O   . HOH J 5 .   ? -4.453  -19.067 1.419   1.00 45.91 ? 494 HOH A O   1 
HETATM 1192 O O   . HOH J 5 .   ? 17.038  -12.690 8.166   1.00 50.22 ? 495 HOH A O   1 
HETATM 1193 O O   . HOH J 5 .   ? -7.715  -11.355 4.110   1.00 56.75 ? 496 HOH A O   1 
HETATM 1194 O O   . HOH J 5 .   ? 8.902   8.242   -11.878 1.00 46.08 ? 497 HOH A O   1 
HETATM 1195 O O   . HOH J 5 .   ? -3.167  -10.739 -3.050  1.00 45.81 ? 498 HOH A O   1 
HETATM 1196 O O   . HOH J 5 .   ? 7.293   -11.619 -9.986  1.00 46.64 ? 499 HOH A O   1 
HETATM 1197 O O   . HOH J 5 .   ? 17.910  -2.229  4.072   1.00 46.57 ? 500 HOH A O   1 
HETATM 1198 O O   . HOH J 5 .   ? -19.599 5.909   2.863   1.00 45.40 ? 501 HOH A O   1 
HETATM 1199 O O   . HOH J 5 .   ? -4.423  -14.909 -1.550  1.00 48.21 ? 502 HOH A O   1 
HETATM 1200 O O   . HOH J 5 .   ? 13.861  -6.943  -9.202  1.00 47.69 ? 503 HOH A O   1 
HETATM 1201 O O   . HOH J 5 .   ? -6.558  -5.876  -1.302  1.00 38.06 ? 504 HOH A O   1 
HETATM 1202 O O   . HOH J 5 .   ? 13.008  9.468   -3.080  1.00 51.61 ? 505 HOH A O   1 
HETATM 1203 O O   . HOH J 5 .   ? 16.361  3.411   4.142   1.00 34.17 ? 506 HOH A O   1 
HETATM 1204 O O   . HOH J 5 .   ? -4.173  -5.634  -5.125  1.00 42.22 ? 507 HOH A O   1 
HETATM 1205 O O   . HOH J 5 .   ? -12.749 16.662  -5.522  1.00 53.64 ? 508 HOH A O   1 
HETATM 1206 O O   . HOH J 5 .   ? 15.377  7.652   2.445   1.00 36.17 ? 509 HOH A O   1 
HETATM 1207 O O   . HOH J 5 .   ? 15.599  -2.559  -4.772  1.00 45.27 ? 510 HOH A O   1 
HETATM 1208 O O   . HOH J 5 .   ? -6.458  -6.967  -5.732  1.00 50.22 ? 511 HOH A O   1 
HETATM 1209 O O   . HOH J 5 .   ? -15.353 -0.408  -7.239  1.00 52.34 ? 512 HOH A O   1 
HETATM 1210 O O   . HOH J 5 .   ? 0.620   15.785  -15.907 1.00 58.26 ? 513 HOH A O   1 
HETATM 1211 O O   . HOH J 5 .   ? -5.629  -5.808  -12.570 1.00 56.03 ? 514 HOH A O   1 
HETATM 1212 O O   . HOH J 5 .   ? 18.174  -0.798  11.517  1.00 57.71 ? 515 HOH A O   1 
HETATM 1213 O O   . HOH J 5 .   ? 14.567  -0.380  -5.949  1.00 54.73 ? 516 HOH A O   1 
HETATM 1214 O O   . HOH J 5 .   ? -16.750 16.067  -7.164  1.00 49.77 ? 517 HOH A O   1 
HETATM 1215 O O   . HOH J 5 .   ? -7.556  -5.582  13.599  0.50 52.71 ? 518 HOH A O   1 
HETATM 1216 O O   . HOH J 5 .   ? -14.827 1.760   -13.559 1.00 50.53 ? 519 HOH A O   1 
HETATM 1217 O O   . HOH J 5 .   ? 15.944  2.931   6.854   1.00 37.37 ? 520 HOH A O   1 
HETATM 1218 O O   . HOH J 5 .   ? -10.406 17.315  -3.248  1.00 38.56 ? 521 HOH A O   1 
HETATM 1219 O O   . HOH J 5 .   ? 16.028  5.100   -0.715  1.00 51.22 ? 522 HOH A O   1 
HETATM 1220 O O   . HOH J 5 .   ? -6.062  -10.893 11.941  1.00 57.76 ? 523 HOH A O   1 
HETATM 1221 O O   . HOH J 5 .   ? 7.206   14.869  -5.604  1.00 56.44 ? 524 HOH A O   1 
HETATM 1222 O O   . HOH J 5 .   ? 17.188  -13.282 -0.809  1.00 47.69 ? 525 HOH A O   1 
HETATM 1223 O O   . HOH J 5 .   ? -1.456  18.268  -1.803  1.00 55.24 ? 526 HOH A O   1 
HETATM 1224 O O   . HOH J 5 .   ? -1.066  17.071  -3.758  1.00 43.91 ? 527 HOH A O   1 
HETATM 1225 O O   . HOH J 5 .   ? -4.277  -0.258  8.594   1.00 19.86 ? 528 HOH A O   1 
HETATM 1226 O O   . HOH J 5 .   ? 16.174  -13.396 12.100  1.00 57.23 ? 529 HOH A O   1 
HETATM 1227 O O   . HOH J 5 .   ? -2.731  -13.720 -2.662  1.00 40.74 ? 530 HOH A O   1 
HETATM 1228 O O   . HOH J 5 .   ? -10.716 -2.116  9.511   1.00 44.37 ? 531 HOH A O   1 
HETATM 1229 O O   . HOH J 5 .   ? -19.398 1.692   -1.420  1.00 52.30 ? 532 HOH A O   1 
HETATM 1230 O O   . HOH J 5 .   ? 11.625  -2.300  -7.362  1.00 51.77 ? 533 HOH A O   1 
HETATM 1231 O O   . HOH J 5 .   ? -5.193  18.943  -6.530  1.00 51.88 ? 534 HOH A O   1 
HETATM 1232 O O   . HOH J 5 .   ? -9.183  15.402  -2.268  1.00 27.41 ? 535 HOH A O   1 
HETATM 1233 O O   . HOH J 5 .   ? -20.572 5.520   -2.775  1.00 47.54 ? 536 HOH A O   1 
HETATM 1234 O O   . HOH J 5 .   ? 14.612  -20.622 11.995  1.00 52.24 ? 537 HOH A O   1 
HETATM 1235 O O   . HOH J 5 .   ? 5.128   -3.368  17.690  1.00 51.78 ? 538 HOH A O   1 
HETATM 1236 O O   . HOH J 5 .   ? 7.108   -4.322  18.127  1.00 47.47 ? 539 HOH A O   1 
HETATM 1237 O O   . HOH J 5 .   ? 17.290  7.715   -3.880  1.00 52.41 ? 540 HOH A O   1 
HETATM 1238 O O   . HOH J 5 .   ? -0.170  -5.239  -9.818  1.00 57.53 ? 541 HOH A O   1 
HETATM 1239 O O   . HOH J 5 .   ? 12.393  0.120   8.800   1.00 29.68 ? 542 HOH A O   1 
HETATM 1240 O O   . HOH J 5 .   ? -10.638 11.280  -12.473 1.00 33.16 ? 543 HOH A O   1 
HETATM 1241 O O   . HOH J 5 .   ? 2.215   11.960  -7.167  1.00 33.53 ? 544 HOH A O   1 
HETATM 1242 O O   . HOH J 5 .   ? -1.003  -1.812  12.092  1.00 39.97 ? 545 HOH A O   1 
HETATM 1243 O O   . HOH J 5 .   ? -13.721 2.176   -2.748  1.00 18.28 ? 546 HOH A O   1 
HETATM 1244 O O   . HOH J 5 .   ? 8.834   -17.581 -3.773  1.00 26.01 ? 547 HOH A O   1 
HETATM 1245 O O   . HOH J 5 .   ? -4.824  -7.825  7.165   1.00 40.25 ? 548 HOH A O   1 
HETATM 1246 O O   . HOH J 5 .   ? -8.591  -5.584  6.224   1.00 47.51 ? 549 HOH A O   1 
HETATM 1247 O O   . HOH J 5 .   ? -7.490  18.950  0.350   1.00 36.29 ? 550 HOH A O   1 
HETATM 1248 O O   . HOH J 5 .   ? 7.180   15.095  -11.252 1.00 41.94 ? 551 HOH A O   1 
HETATM 1249 O O   . HOH J 5 .   ? -14.886 0.741   -5.024  1.00 33.37 ? 552 HOH A O   1 
HETATM 1250 O O   . HOH J 5 .   ? -12.003 2.026   -12.132 1.00 41.53 ? 553 HOH A O   1 
HETATM 1251 O O   . HOH J 5 .   ? 9.594   12.194  -3.501  1.00 48.10 ? 554 HOH A O   1 
HETATM 1252 O O   . HOH J 5 .   ? -9.916  14.016  -11.598 1.00 38.26 ? 555 HOH A O   1 
HETATM 1253 O O   . HOH J 5 .   ? -11.541 14.722  -9.989  1.00 47.85 ? 556 HOH A O   1 
HETATM 1254 O O   . HOH J 5 .   ? 0.698   13.196  -6.739  1.00 40.44 ? 557 HOH A O   1 
HETATM 1255 O O   . HOH J 5 .   ? 13.905  1.113   10.637  1.00 44.68 ? 558 HOH A O   1 
HETATM 1256 O O   . HOH J 5 .   ? 17.031  1.633   8.718   1.00 49.09 ? 559 HOH A O   1 
HETATM 1257 O O   . HOH J 5 .   ? -4.975  -7.881  9.322   1.00 46.46 ? 560 HOH A O   1 
HETATM 1258 O O   . HOH J 5 .   ? -0.160  -18.403 6.721   1.00 48.08 ? 561 HOH A O   1 
HETATM 1259 O O   . HOH J 5 .   ? -1.883  -2.842  10.109  1.00 39.44 ? 562 HOH A O   1 
HETATM 1260 O O   . HOH J 5 .   ? 4.691   9.596   -19.442 1.00 41.01 ? 563 HOH A O   1 
HETATM 1261 O O   . HOH J 5 .   ? -12.980 11.983  -14.548 1.00 43.90 ? 564 HOH A O   1 
HETATM 1262 O O   . HOH J 5 .   ? 2.189   -13.332 -1.830  1.00 43.23 ? 565 HOH A O   1 
HETATM 1263 O O   . HOH J 5 .   ? 16.804  9.389   0.003   1.00 49.69 ? 566 HOH A O   1 
HETATM 1264 O O   . HOH J 5 .   ? 1.251   -8.608  -9.541  1.00 62.23 ? 567 HOH A O   1 
HETATM 1265 O O   . HOH J 5 .   ? -7.648  -19.153 3.070   1.00 53.37 ? 568 HOH A O   1 
HETATM 1266 O O   . HOH J 5 .   ? 18.900  -16.174 -2.780  1.00 59.57 ? 569 HOH A O   1 
HETATM 1267 O O   . HOH J 5 .   ? 19.309  1.071   6.789   1.00 59.88 ? 570 HOH A O   1 
HETATM 1268 O O   . HOH J 5 .   ? -12.901 14.436  -15.653 1.00 53.78 ? 571 HOH A O   1 
HETATM 1269 O O   . HOH J 5 .   ? 5.192   16.700  -10.909 1.00 55.60 ? 572 HOH A O   1 
HETATM 1270 O O   . HOH J 5 .   ? 10.754  11.557  -1.535  1.00 49.78 ? 573 HOH A O   1 
HETATM 1271 O O   . HOH J 5 .   ? -20.028 9.017   -11.960 1.00 50.84 ? 574 HOH A O   1 
HETATM 1272 O O   . HOH J 5 .   ? 18.610  1.570   3.515   1.00 47.86 ? 575 HOH A O   1 
HETATM 1273 O O   . HOH J 5 .   ? -12.114 15.482  -7.135  1.00 47.45 ? 576 HOH A O   1 
# 
